data_2Q17
#
_entry.id   2Q17
#
_cell.length_a   142.444
_cell.length_b   142.444
_cell.length_c   217.067
_cell.angle_alpha   90.00
_cell.angle_beta   90.00
_cell.angle_gamma   120.00
#
_symmetry.space_group_name_H-M   'P 31 2 1'
#
loop_
_entity.id
_entity.type
_entity.pdbx_description
1 polymer 'formylglycine generating enzyme'
2 non-polymer 'CALCIUM ION'
3 water water
#
_entity_poly.entity_id   1
_entity_poly.type   'polypeptide(L)'
_entity_poly.pdbx_seq_one_letter_code
;MHHHHHHGKPIPNPLLGLDSTENLYFQGIDPFTDVAAPSPAAAAEPGPAARPRSTRGQVRLPGGEFAMGDAFGEGYPADG
ETPVHTVRLRPFHIDETAVTNARFAAFVKATGHVTDAERFGSSAVFHLVVAAPDADVLGSAAGAPWWINVRGAHWRRPEG
ARSDITGRPNHPVVHVSWNDATAYARWAGKRLPTEAEWEYAARGGLAGRRYAWGDELTPGGRWRCNIWQGRFPHVNTAED
GHLSTAPVKSYRPNGHGLWNTAGNVWEWCSDWFSPTYYAESPTVDPHGPGTGAARVLRGGSYLCHDSYCNRYRVAARSSN
TPDSSSGNLGFRCANDADLTSGSAAE
;
_entity_poly.pdbx_strand_id   A,B,C,D,E
#
loop_
_chem_comp.id
_chem_comp.type
_chem_comp.name
_chem_comp.formula
CA non-polymer 'CALCIUM ION' 'Ca 2'
#
# COMPACT_ATOMS: atom_id res chain seq x y z
N ALA A 50 0.46 -4.98 -37.16
CA ALA A 50 1.94 -5.16 -37.25
C ALA A 50 2.53 -4.48 -38.48
N ARG A 51 3.69 -3.86 -38.29
CA ARG A 51 4.50 -3.34 -39.40
C ARG A 51 5.16 -4.51 -40.18
N PRO A 52 5.53 -4.29 -41.46
CA PRO A 52 6.15 -5.40 -42.21
C PRO A 52 7.34 -5.99 -41.43
N ARG A 53 7.42 -7.32 -41.37
CA ARG A 53 8.41 -7.99 -40.53
C ARG A 53 9.83 -7.69 -40.98
N SER A 54 10.76 -7.61 -40.04
CA SER A 54 12.18 -7.49 -40.38
C SER A 54 13.01 -8.42 -39.49
N THR A 55 13.82 -9.26 -40.14
CA THR A 55 14.74 -10.14 -39.42
C THR A 55 16.16 -9.62 -39.62
N ARG A 56 16.27 -8.34 -39.95
CA ARG A 56 17.57 -7.71 -40.16
C ARG A 56 18.34 -7.74 -38.85
N GLY A 57 19.60 -8.15 -38.90
CA GLY A 57 20.42 -8.26 -37.71
C GLY A 57 19.95 -9.34 -36.74
N GLN A 58 19.13 -10.27 -37.25
CA GLN A 58 18.68 -11.42 -36.46
C GLN A 58 19.20 -12.74 -37.03
N VAL A 59 19.51 -13.68 -36.13
CA VAL A 59 19.84 -15.05 -36.53
C VAL A 59 18.66 -15.99 -36.30
N ARG A 60 18.46 -16.93 -37.20
CA ARG A 60 17.38 -17.90 -37.05
C ARG A 60 17.88 -19.14 -36.32
N LEU A 61 17.22 -19.46 -35.22
CA LEU A 61 17.60 -20.61 -34.39
C LEU A 61 16.53 -21.70 -34.49
N PRO A 62 16.94 -22.98 -34.45
CA PRO A 62 15.99 -24.07 -34.69
C PRO A 62 15.05 -24.39 -33.51
N GLY A 63 15.38 -23.89 -32.32
CA GLY A 63 14.59 -24.21 -31.13
C GLY A 63 14.77 -25.67 -30.74
N GLY A 64 13.65 -26.36 -30.51
CA GLY A 64 13.69 -27.73 -30.01
C GLY A 64 13.56 -27.73 -28.50
N GLU A 65 13.95 -28.85 -27.88
CA GLU A 65 13.91 -28.99 -26.42
C GLU A 65 15.23 -28.57 -25.79
N PHE A 66 15.13 -27.97 -24.60
CA PHE A 66 16.30 -27.66 -23.77
C PHE A 66 15.89 -27.63 -22.30
N ALA A 67 16.88 -27.70 -21.42
CA ALA A 67 16.65 -27.70 -19.97
C ALA A 67 16.79 -26.27 -19.42
N MET A 68 15.65 -25.66 -19.10
CA MET A 68 15.62 -24.28 -18.64
C MET A 68 15.70 -24.17 -17.12
N GLY A 69 16.62 -23.33 -16.64
CA GLY A 69 16.78 -23.10 -15.21
C GLY A 69 18.19 -23.33 -14.69
N ASP A 70 18.40 -23.00 -13.42
CA ASP A 70 19.71 -23.10 -12.78
C ASP A 70 19.98 -24.53 -12.33
N ALA A 71 20.91 -25.17 -13.02
CA ALA A 71 21.34 -26.52 -12.73
C ALA A 71 22.10 -26.63 -11.40
N PHE A 72 22.75 -25.53 -11.01
CA PHE A 72 23.74 -25.53 -9.93
C PHE A 72 23.18 -25.06 -8.59
N GLY A 73 22.04 -24.38 -8.62
CA GLY A 73 21.38 -23.93 -7.39
C GLY A 73 22.13 -22.76 -6.76
N GLU A 74 22.54 -21.82 -7.62
CA GLU A 74 23.39 -20.70 -7.22
C GLU A 74 22.64 -19.38 -7.03
N GLY A 75 21.42 -19.30 -7.57
CA GLY A 75 20.58 -18.13 -7.34
C GLY A 75 19.98 -18.16 -5.95
N TYR A 76 19.30 -17.07 -5.58
CA TYR A 76 18.65 -17.02 -4.27
C TYR A 76 17.17 -17.38 -4.47
N PRO A 77 16.51 -17.94 -3.43
CA PRO A 77 15.15 -18.49 -3.55
C PRO A 77 14.11 -17.62 -4.26
N ALA A 78 14.09 -16.32 -3.97
CA ALA A 78 13.05 -15.44 -4.51
C ALA A 78 13.16 -15.17 -6.01
N ASP A 79 14.29 -15.56 -6.62
CA ASP A 79 14.50 -15.41 -8.06
C ASP A 79 13.77 -16.47 -8.88
N GLY A 80 13.44 -17.60 -8.24
CA GLY A 80 12.73 -18.70 -8.87
C GLY A 80 13.40 -19.26 -10.11
N GLU A 81 14.70 -19.55 -10.01
CA GLU A 81 15.45 -20.10 -11.14
C GLU A 81 15.30 -21.62 -11.22
N THR A 82 14.57 -22.19 -10.27
CA THR A 82 14.30 -23.62 -10.24
C THR A 82 12.79 -23.90 -10.10
N PRO A 83 12.34 -25.11 -10.49
CA PRO A 83 13.13 -26.25 -10.98
C PRO A 83 13.63 -26.11 -12.43
N VAL A 84 14.75 -26.79 -12.72
CA VAL A 84 15.17 -27.04 -14.09
C VAL A 84 14.04 -27.85 -14.74
N HIS A 85 13.53 -27.34 -15.84
CA HIS A 85 12.37 -27.91 -16.51
C HIS A 85 12.58 -27.88 -18.02
N THR A 86 12.04 -28.89 -18.70
CA THR A 86 12.16 -29.02 -20.14
C THR A 86 11.18 -28.09 -20.84
N VAL A 87 11.73 -27.29 -21.75
CA VAL A 87 10.94 -26.39 -22.58
C VAL A 87 11.15 -26.74 -24.05
N ARG A 88 10.06 -26.73 -24.82
CA ARG A 88 10.09 -26.95 -26.26
C ARG A 88 9.75 -25.66 -26.98
N LEU A 89 10.68 -25.20 -27.83
CA LEU A 89 10.51 -23.97 -28.57
C LEU A 89 10.42 -24.28 -30.06
N ARG A 90 9.55 -23.58 -30.77
CA ARG A 90 9.58 -23.64 -32.24
C ARG A 90 10.65 -22.69 -32.75
N PRO A 91 11.14 -22.92 -34.00
CA PRO A 91 12.15 -22.04 -34.56
C PRO A 91 11.76 -20.57 -34.46
N PHE A 92 12.75 -19.70 -34.26
CA PHE A 92 12.51 -18.27 -34.08
C PHE A 92 13.77 -17.47 -34.42
N HIS A 93 13.59 -16.16 -34.51
CA HIS A 93 14.66 -15.21 -34.78
C HIS A 93 14.95 -14.37 -33.54
N ILE A 94 16.23 -14.06 -33.33
CA ILE A 94 16.65 -13.20 -32.22
C ILE A 94 17.79 -12.30 -32.69
N ASP A 95 17.79 -11.05 -32.25
CA ASP A 95 18.89 -10.11 -32.53
C ASP A 95 20.25 -10.69 -32.07
N GLU A 96 21.25 -10.63 -32.94
CA GLU A 96 22.61 -11.05 -32.56
C GLU A 96 23.24 -10.09 -31.53
N THR A 97 22.76 -8.84 -31.51
CA THR A 97 23.22 -7.85 -30.55
C THR A 97 22.05 -7.18 -29.85
N ALA A 98 22.32 -6.58 -28.70
CA ALA A 98 21.42 -5.64 -28.06
C ALA A 98 21.15 -4.45 -28.99
N VAL A 99 20.00 -3.80 -28.82
CA VAL A 99 19.68 -2.68 -29.67
C VAL A 99 20.65 -1.53 -29.37
N THR A 100 21.20 -0.93 -30.43
CA THR A 100 22.21 0.12 -30.33
C THR A 100 21.58 1.50 -30.22
N ASN A 101 22.38 2.45 -29.73
CA ASN A 101 22.01 3.87 -29.73
C ASN A 101 21.57 4.34 -31.12
N ALA A 102 22.31 3.95 -32.16
CA ALA A 102 22.03 4.40 -33.54
C ALA A 102 20.66 3.94 -34.04
N ARG A 103 20.33 2.68 -33.78
CA ARG A 103 19.04 2.15 -34.20
C ARG A 103 17.87 2.76 -33.40
N PHE A 104 18.08 2.98 -32.10
CA PHE A 104 17.06 3.60 -31.26
C PHE A 104 16.84 5.07 -31.64
N ALA A 105 17.90 5.73 -32.10
CA ALA A 105 17.80 7.09 -32.64
C ALA A 105 16.90 7.13 -33.88
N ALA A 106 17.09 6.17 -34.78
CA ALA A 106 16.25 6.05 -35.98
C ALA A 106 14.77 5.90 -35.62
N PHE A 107 14.50 5.04 -34.64
CA PHE A 107 13.15 4.84 -34.09
C PHE A 107 12.54 6.16 -33.61
N VAL A 108 13.28 6.87 -32.77
CA VAL A 108 12.79 8.12 -32.19
C VAL A 108 12.62 9.19 -33.26
N LYS A 109 13.56 9.23 -34.20
CA LYS A 109 13.46 10.16 -35.32
C LYS A 109 12.21 9.89 -36.16
N ALA A 110 11.92 8.61 -36.39
CA ALA A 110 10.74 8.23 -37.17
C ALA A 110 9.41 8.43 -36.44
N THR A 111 9.41 8.31 -35.11
CA THR A 111 8.15 8.28 -34.35
C THR A 111 7.86 9.46 -33.40
N GLY A 112 8.92 10.12 -32.93
CA GLY A 112 8.80 11.11 -31.88
C GLY A 112 8.52 10.51 -30.51
N HIS A 113 8.89 9.23 -30.33
CA HIS A 113 8.72 8.52 -29.08
C HIS A 113 9.40 9.25 -27.93
N VAL A 114 8.65 9.47 -26.85
CA VAL A 114 9.18 10.01 -25.61
C VAL A 114 9.32 8.84 -24.66
N THR A 115 10.52 8.65 -24.12
CA THR A 115 10.79 7.51 -23.24
C THR A 115 10.26 7.78 -21.84
N ASP A 116 10.06 6.71 -21.06
CA ASP A 116 9.53 6.85 -19.69
C ASP A 116 10.44 7.72 -18.80
N ALA A 117 11.75 7.54 -18.96
CA ALA A 117 12.76 8.33 -18.25
C ALA A 117 12.63 9.84 -18.51
N GLU A 118 12.26 10.21 -19.74
CA GLU A 118 12.02 11.60 -20.09
C GLU A 118 10.71 12.09 -19.49
N ARG A 119 9.68 11.26 -19.64
CA ARG A 119 8.36 11.53 -19.09
C ARG A 119 8.42 11.68 -17.56
N PHE A 120 9.13 10.78 -16.90
CA PHE A 120 9.29 10.85 -15.44
C PHE A 120 10.23 11.99 -15.06
N GLY A 121 11.15 12.32 -15.96
CA GLY A 121 12.06 13.47 -15.77
C GLY A 121 13.43 13.14 -15.22
N SER A 122 13.61 11.89 -14.80
CA SER A 122 14.90 11.43 -14.27
C SER A 122 15.07 9.94 -14.50
N SER A 123 16.30 9.46 -14.32
CA SER A 123 16.58 8.02 -14.40
C SER A 123 17.76 7.68 -13.49
N ALA A 124 17.97 6.39 -13.22
CA ALA A 124 19.04 5.98 -12.31
C ALA A 124 20.40 5.93 -13.04
N VAL A 125 21.39 6.55 -12.43
CA VAL A 125 22.77 6.61 -12.95
C VAL A 125 23.72 6.14 -11.85
N PHE A 126 24.67 5.27 -12.22
CA PHE A 126 25.66 4.78 -11.27
C PHE A 126 26.50 5.94 -10.76
N HIS A 127 26.69 5.99 -9.45
CA HIS A 127 27.29 7.15 -8.79
C HIS A 127 28.63 7.63 -9.39
N LEU A 128 29.48 6.69 -9.79
CA LEU A 128 30.82 7.03 -10.29
C LEU A 128 30.86 7.79 -11.62
N VAL A 129 29.82 7.62 -12.45
CA VAL A 129 29.81 8.23 -13.79
C VAL A 129 28.89 9.45 -13.92
N VAL A 130 28.25 9.85 -12.82
CA VAL A 130 27.32 10.99 -12.88
C VAL A 130 28.02 12.22 -13.47
N ALA A 131 27.45 12.71 -14.57
CA ALA A 131 27.96 13.88 -15.27
C ALA A 131 26.84 14.90 -15.41
N ALA A 132 26.63 15.69 -14.36
CA ALA A 132 25.48 16.58 -14.28
C ALA A 132 25.76 17.71 -13.30
N PRO A 133 25.03 18.84 -13.44
CA PRO A 133 25.12 19.84 -12.37
C PRO A 133 24.51 19.32 -11.07
N ASP A 134 25.07 19.79 -9.95
CA ASP A 134 24.68 19.37 -8.60
C ASP A 134 23.18 19.47 -8.33
N ALA A 135 22.52 20.44 -8.97
CA ALA A 135 21.07 20.65 -8.83
C ALA A 135 20.22 19.55 -9.49
N ASP A 136 20.84 18.73 -10.33
CA ASP A 136 20.13 17.65 -11.02
C ASP A 136 20.20 16.32 -10.27
N VAL A 137 21.02 16.27 -9.22
CA VAL A 137 21.06 15.10 -8.35
C VAL A 137 19.89 15.19 -7.38
N LEU A 138 18.99 14.20 -7.47
CA LEU A 138 17.74 14.23 -6.72
C LEU A 138 17.80 13.40 -5.43
N GLY A 139 18.83 12.55 -5.34
CA GLY A 139 19.02 11.66 -4.19
C GLY A 139 19.37 10.26 -4.66
N SER A 140 19.96 9.47 -3.78
CA SER A 140 20.31 8.07 -4.09
C SER A 140 19.10 7.17 -3.85
N ALA A 141 19.12 6.01 -4.50
CA ALA A 141 18.14 4.97 -4.24
C ALA A 141 18.32 4.49 -2.80
N ALA A 142 17.22 4.57 -2.03
CA ALA A 142 17.21 4.20 -0.63
C ALA A 142 17.87 2.84 -0.35
N GLY A 143 17.59 1.87 -1.21
CA GLY A 143 18.12 0.53 -1.06
C GLY A 143 19.53 0.36 -1.61
N ALA A 144 19.82 1.08 -2.70
CA ALA A 144 21.12 0.99 -3.39
C ALA A 144 21.77 2.38 -3.58
N PRO A 145 22.52 2.85 -2.57
CA PRO A 145 23.16 4.18 -2.54
C PRO A 145 24.13 4.51 -3.68
N TRP A 146 24.51 3.51 -4.48
CA TRP A 146 25.37 3.69 -5.65
C TRP A 146 24.56 4.07 -6.89
N TRP A 147 23.24 4.02 -6.75
CA TRP A 147 22.34 4.45 -7.82
C TRP A 147 21.83 5.86 -7.52
N ILE A 148 22.11 6.77 -8.44
CA ILE A 148 21.79 8.18 -8.25
C ILE A 148 20.64 8.56 -9.14
N ASN A 149 19.63 9.22 -8.58
CA ASN A 149 18.51 9.71 -9.38
C ASN A 149 18.87 11.08 -9.97
N VAL A 150 19.11 11.08 -11.28
CA VAL A 150 19.65 12.25 -11.99
C VAL A 150 18.60 12.85 -12.94
N ARG A 151 18.26 14.12 -12.71
CA ARG A 151 17.29 14.81 -13.55
C ARG A 151 17.84 14.97 -14.97
N GLY A 152 17.03 14.65 -15.97
CA GLY A 152 17.45 14.76 -17.35
C GLY A 152 18.29 13.61 -17.89
N ALA A 153 18.68 12.67 -17.03
CA ALA A 153 19.38 11.48 -17.55
C ALA A 153 18.41 10.61 -18.35
N HIS A 154 18.75 10.36 -19.61
CA HIS A 154 17.99 9.48 -20.49
C HIS A 154 18.88 8.93 -21.60
N TRP A 155 18.30 8.20 -22.55
CA TRP A 155 19.09 7.49 -23.56
C TRP A 155 20.11 8.38 -24.29
N ARG A 156 19.74 9.63 -24.56
CA ARG A 156 20.62 10.56 -25.29
C ARG A 156 21.75 11.10 -24.41
N ARG A 157 21.48 11.23 -23.12
CA ARG A 157 22.41 11.82 -22.17
C ARG A 157 22.48 10.87 -20.95
N PRO A 158 23.15 9.72 -21.12
CA PRO A 158 23.03 8.59 -20.19
C PRO A 158 23.61 8.83 -18.80
N GLU A 159 24.50 9.82 -18.67
CA GLU A 159 25.03 10.17 -17.35
C GLU A 159 24.47 11.48 -16.82
N GLY A 160 23.52 12.08 -17.55
CA GLY A 160 22.97 13.39 -17.17
C GLY A 160 23.23 14.45 -18.23
N ALA A 161 22.81 15.68 -17.96
CA ALA A 161 22.82 16.76 -18.97
C ALA A 161 24.20 17.06 -19.58
N ARG A 162 25.26 16.77 -18.85
CA ARG A 162 26.63 17.00 -19.31
C ARG A 162 27.23 15.82 -20.09
N SER A 163 26.38 14.89 -20.51
CA SER A 163 26.85 13.75 -21.28
C SER A 163 26.16 13.70 -22.63
N ASP A 164 26.77 12.99 -23.57
CA ASP A 164 26.12 12.69 -24.84
C ASP A 164 26.53 11.30 -25.31
N ILE A 165 26.01 10.86 -26.46
CA ILE A 165 26.32 9.53 -26.99
C ILE A 165 26.99 9.59 -28.37
N THR A 166 27.64 10.73 -28.66
CA THR A 166 28.26 10.93 -29.98
C THR A 166 29.42 9.96 -30.23
N GLY A 167 30.06 9.49 -29.16
CA GLY A 167 31.09 8.48 -29.28
C GLY A 167 30.57 7.05 -29.12
N ARG A 168 29.27 6.91 -28.84
CA ARG A 168 28.72 5.60 -28.55
C ARG A 168 27.56 5.14 -29.47
N PRO A 169 27.70 5.31 -30.80
CA PRO A 169 26.56 4.93 -31.63
C PRO A 169 26.31 3.42 -31.65
N ASN A 170 27.39 2.64 -31.50
CA ASN A 170 27.34 1.17 -31.51
C ASN A 170 27.36 0.55 -30.11
N HIS A 171 27.07 1.37 -29.10
CA HIS A 171 26.86 0.89 -27.74
C HIS A 171 25.38 0.57 -27.59
N PRO A 172 25.03 -0.27 -26.59
CA PRO A 172 23.63 -0.57 -26.39
C PRO A 172 22.90 0.65 -25.87
N VAL A 173 21.70 0.90 -26.37
CA VAL A 173 20.83 1.93 -25.83
C VAL A 173 20.45 1.59 -24.37
N VAL A 174 20.57 2.58 -23.49
CA VAL A 174 20.17 2.40 -22.09
C VAL A 174 19.09 3.42 -21.70
N HIS A 175 18.69 3.41 -20.43
CA HIS A 175 17.58 4.21 -19.93
C HIS A 175 16.29 3.97 -20.71
N VAL A 176 16.11 2.73 -21.16
CA VAL A 176 14.92 2.35 -21.89
C VAL A 176 14.10 1.38 -21.06
N SER A 177 12.83 1.72 -20.86
CA SER A 177 11.93 0.90 -20.06
C SER A 177 11.38 -0.23 -20.91
N TRP A 178 10.62 -1.12 -20.28
CA TRP A 178 9.94 -2.20 -20.99
C TRP A 178 8.99 -1.63 -22.04
N ASN A 179 8.28 -0.56 -21.68
CA ASN A 179 7.41 0.18 -22.58
C ASN A 179 8.18 0.70 -23.81
N ASP A 180 9.29 1.39 -23.56
CA ASP A 180 10.18 1.87 -24.63
C ASP A 180 10.65 0.73 -25.51
N ALA A 181 11.07 -0.37 -24.88
CA ALA A 181 11.57 -1.54 -25.60
C ALA A 181 10.51 -2.17 -26.52
N THR A 182 9.28 -2.32 -26.02
CA THR A 182 8.20 -2.92 -26.82
C THR A 182 7.74 -1.99 -27.93
N ALA A 183 7.84 -0.68 -27.70
CA ALA A 183 7.47 0.30 -28.71
C ALA A 183 8.47 0.30 -29.87
N TYR A 184 9.75 0.15 -29.53
CA TYR A 184 10.82 0.08 -30.54
C TYR A 184 10.62 -1.13 -31.44
N ALA A 185 10.37 -2.28 -30.83
CA ALA A 185 10.22 -3.55 -31.52
C ALA A 185 9.07 -3.48 -32.53
N ARG A 186 7.97 -2.85 -32.12
CA ARG A 186 6.80 -2.68 -32.98
C ARG A 186 7.09 -1.87 -34.24
N TRP A 187 7.75 -0.73 -34.07
CA TRP A 187 8.16 0.09 -35.21
C TRP A 187 9.16 -0.65 -36.09
N ALA A 188 10.07 -1.40 -35.45
CA ALA A 188 11.13 -2.12 -36.14
C ALA A 188 10.67 -3.41 -36.84
N GLY A 189 9.41 -3.80 -36.63
CA GLY A 189 8.87 -5.00 -37.28
C GLY A 189 9.34 -6.28 -36.59
N LYS A 190 9.40 -6.22 -35.26
CA LYS A 190 9.94 -7.28 -34.43
C LYS A 190 9.10 -7.39 -33.14
N ARG A 191 9.63 -8.13 -32.16
CA ARG A 191 9.04 -8.24 -30.83
C ARG A 191 10.17 -8.45 -29.83
N LEU A 192 9.83 -8.48 -28.55
CA LEU A 192 10.79 -8.91 -27.54
C LEU A 192 10.79 -10.44 -27.51
N PRO A 193 11.93 -11.04 -27.12
CA PRO A 193 11.94 -12.49 -26.92
C PRO A 193 11.22 -12.87 -25.63
N THR A 194 10.70 -14.08 -25.57
CA THR A 194 10.21 -14.59 -24.30
C THR A 194 11.44 -14.91 -23.46
N GLU A 195 11.24 -15.10 -22.15
CA GLU A 195 12.33 -15.50 -21.27
C GLU A 195 12.97 -16.82 -21.71
N ALA A 196 12.13 -17.77 -22.14
CA ALA A 196 12.58 -19.08 -22.58
C ALA A 196 13.41 -19.00 -23.85
N GLU A 197 12.95 -18.17 -24.80
CA GLU A 197 13.69 -17.93 -26.02
C GLU A 197 15.04 -17.31 -25.68
N TRP A 198 15.01 -16.33 -24.78
CA TRP A 198 16.22 -15.64 -24.34
C TRP A 198 17.28 -16.60 -23.77
N GLU A 199 16.88 -17.46 -22.82
CA GLU A 199 17.82 -18.40 -22.21
C GLU A 199 18.33 -19.42 -23.23
N TYR A 200 17.42 -19.97 -24.03
CA TYR A 200 17.80 -20.91 -25.08
C TYR A 200 18.89 -20.30 -25.98
N ALA A 201 18.61 -19.11 -26.51
CA ALA A 201 19.53 -18.39 -27.40
C ALA A 201 20.87 -18.11 -26.73
N ALA A 202 20.82 -17.67 -25.47
CA ALA A 202 22.02 -17.38 -24.67
C ALA A 202 22.87 -18.60 -24.35
N ARG A 203 22.24 -19.77 -24.23
CA ARG A 203 23.00 -21.00 -23.95
C ARG A 203 23.86 -21.43 -25.15
N GLY A 204 23.52 -20.94 -26.33
CA GLY A 204 24.36 -21.08 -27.52
C GLY A 204 24.59 -22.51 -27.96
N GLY A 205 23.58 -23.36 -27.77
CA GLY A 205 23.63 -24.76 -28.22
C GLY A 205 24.24 -25.70 -27.20
N LEU A 206 24.60 -25.16 -26.04
CA LEU A 206 25.18 -25.96 -24.96
C LEU A 206 24.13 -26.26 -23.90
N ALA A 207 24.21 -27.48 -23.34
CA ALA A 207 23.25 -27.96 -22.35
C ALA A 207 23.81 -27.85 -20.93
N GLY A 208 23.02 -27.25 -20.05
CA GLY A 208 23.30 -27.23 -18.61
C GLY A 208 24.54 -26.52 -18.11
N ARG A 209 25.12 -25.64 -18.94
CA ARG A 209 26.32 -24.90 -18.53
C ARG A 209 25.94 -23.75 -17.59
N ARG A 210 26.92 -23.26 -16.82
CA ARG A 210 26.72 -22.12 -15.94
C ARG A 210 26.66 -20.81 -16.73
N TYR A 211 27.50 -20.72 -17.77
CA TYR A 211 27.58 -19.51 -18.59
C TYR A 211 27.32 -19.81 -20.06
N ALA A 212 27.11 -18.75 -20.83
CA ALA A 212 26.81 -18.85 -22.27
C ALA A 212 27.84 -19.70 -23.00
N TRP A 213 29.07 -19.69 -22.51
CA TRP A 213 30.21 -20.33 -23.15
C TRP A 213 30.67 -21.62 -22.44
N GLY A 214 30.21 -21.84 -21.22
CA GLY A 214 30.67 -23.00 -20.42
C GLY A 214 30.51 -22.81 -18.93
N ASP A 215 31.31 -23.52 -18.13
CA ASP A 215 31.20 -23.48 -16.66
C ASP A 215 32.19 -22.53 -15.97
N GLU A 216 33.32 -22.26 -16.60
CA GLU A 216 34.33 -21.34 -16.09
C GLU A 216 33.96 -19.93 -16.51
N LEU A 217 33.97 -19.00 -15.56
CA LEU A 217 33.64 -17.58 -15.82
C LEU A 217 34.71 -16.92 -16.68
N THR A 218 35.96 -17.10 -16.28
CA THR A 218 37.10 -16.59 -17.03
C THR A 218 37.97 -17.76 -17.50
N PRO A 219 37.60 -18.37 -18.64
CA PRO A 219 38.33 -19.52 -19.17
C PRO A 219 39.77 -19.17 -19.51
N GLY A 220 40.71 -19.93 -18.97
CA GLY A 220 42.14 -19.65 -19.17
C GLY A 220 42.57 -18.36 -18.51
N GLY A 221 41.84 -17.95 -17.48
CA GLY A 221 42.12 -16.72 -16.75
C GLY A 221 41.78 -15.42 -17.46
N ARG A 222 41.02 -15.52 -18.56
CA ARG A 222 40.71 -14.37 -19.41
C ARG A 222 39.21 -14.07 -19.55
N TRP A 223 38.90 -12.78 -19.72
CA TRP A 223 37.52 -12.28 -19.78
C TRP A 223 36.94 -12.27 -21.19
N ARG A 224 35.69 -12.68 -21.31
CA ARG A 224 34.95 -12.59 -22.57
C ARG A 224 33.55 -11.98 -22.40
N CYS A 225 33.38 -11.21 -21.33
CA CYS A 225 32.13 -10.47 -21.09
C CYS A 225 32.41 -9.21 -20.28
N ASN A 226 31.49 -8.26 -20.34
CA ASN A 226 31.65 -6.99 -19.64
C ASN A 226 30.87 -6.93 -18.32
N ILE A 227 31.56 -7.25 -17.23
CA ILE A 227 30.99 -7.07 -15.88
C ILE A 227 31.91 -6.18 -15.04
N TRP A 228 31.88 -6.34 -13.71
CA TRP A 228 32.69 -5.53 -12.80
C TRP A 228 33.80 -6.34 -12.11
N GLN A 229 35.03 -5.83 -12.18
CA GLN A 229 36.14 -6.36 -11.38
C GLN A 229 36.65 -5.28 -10.43
N GLY A 230 37.02 -5.68 -9.22
CA GLY A 230 37.53 -4.76 -8.19
C GLY A 230 36.57 -4.56 -7.03
N ARG A 231 36.91 -3.62 -6.15
CA ARG A 231 36.08 -3.28 -4.99
C ARG A 231 34.81 -2.53 -5.38
N PHE A 232 33.71 -3.26 -5.58
CA PHE A 232 32.40 -2.64 -5.80
C PHE A 232 31.91 -1.95 -4.51
N PRO A 233 31.26 -0.77 -4.62
CA PRO A 233 30.97 0.03 -5.82
C PRO A 233 31.95 1.20 -5.99
N HIS A 234 33.17 1.03 -5.51
CA HIS A 234 34.11 2.13 -5.43
C HIS A 234 35.25 2.09 -6.45
N VAL A 235 35.71 0.89 -6.79
CA VAL A 235 36.86 0.73 -7.68
C VAL A 235 36.61 -0.33 -8.75
N ASN A 236 36.71 0.10 -10.00
CA ASN A 236 36.59 -0.79 -11.14
C ASN A 236 37.94 -0.91 -11.86
N THR A 237 38.49 -2.11 -11.86
CA THR A 237 39.82 -2.36 -12.40
C THR A 237 39.83 -2.50 -13.93
N ALA A 238 38.64 -2.60 -14.52
CA ALA A 238 38.45 -2.78 -15.96
C ALA A 238 39.36 -3.86 -16.55
N GLU A 239 39.40 -5.02 -15.89
CA GLU A 239 40.18 -6.16 -16.37
C GLU A 239 39.63 -6.67 -17.68
N ASP A 240 38.31 -6.63 -17.82
CA ASP A 240 37.62 -7.03 -19.05
C ASP A 240 37.65 -5.94 -20.14
N GLY A 241 38.34 -4.84 -19.85
CA GLY A 241 38.58 -3.79 -20.85
C GLY A 241 37.55 -2.68 -20.91
N HIS A 242 36.54 -2.73 -20.05
CA HIS A 242 35.48 -1.72 -20.07
C HIS A 242 34.98 -1.34 -18.69
N LEU A 243 34.95 -0.04 -18.42
CA LEU A 243 34.43 0.50 -17.18
C LEU A 243 32.90 0.55 -17.24
N SER A 244 32.39 1.18 -18.30
CA SER A 244 30.97 1.36 -18.51
C SER A 244 30.54 0.39 -19.62
N THR A 245 29.54 0.75 -20.42
CA THR A 245 29.10 -0.13 -21.50
C THR A 245 30.18 -0.30 -22.58
N ALA A 246 30.17 -1.47 -23.22
CA ALA A 246 31.07 -1.78 -24.33
C ALA A 246 30.23 -1.75 -25.62
N PRO A 247 30.89 -1.65 -26.81
CA PRO A 247 30.18 -1.84 -28.07
C PRO A 247 29.40 -3.17 -28.08
N VAL A 248 28.30 -3.23 -28.82
CA VAL A 248 27.41 -4.40 -28.77
C VAL A 248 28.06 -5.67 -29.33
N LYS A 249 28.94 -5.50 -30.32
CA LYS A 249 29.80 -6.58 -30.79
C LYS A 249 31.18 -6.36 -30.18
N SER A 250 31.44 -7.04 -29.08
CA SER A 250 32.74 -7.05 -28.45
C SER A 250 32.92 -8.43 -27.86
N TYR A 251 34.19 -8.79 -27.68
CA TYR A 251 34.63 -10.11 -27.21
C TYR A 251 34.49 -11.16 -28.31
N ARG A 252 33.30 -11.75 -28.44
CA ARG A 252 33.03 -12.88 -29.36
C ARG A 252 31.60 -13.38 -29.16
N PRO A 253 30.99 -13.97 -30.20
CA PRO A 253 29.61 -14.43 -30.01
C PRO A 253 29.58 -15.81 -29.35
N ASN A 254 28.43 -16.16 -28.76
CA ASN A 254 28.21 -17.52 -28.26
C ASN A 254 27.96 -18.46 -29.44
N GLY A 255 27.68 -19.73 -29.15
CA GLY A 255 27.50 -20.76 -30.19
C GLY A 255 26.32 -20.56 -31.14
N HIS A 256 25.41 -19.65 -30.80
CA HIS A 256 24.26 -19.35 -31.64
C HIS A 256 24.48 -18.03 -32.40
N GLY A 257 25.65 -17.43 -32.21
CA GLY A 257 25.96 -16.14 -32.81
C GLY A 257 25.39 -14.91 -32.10
N LEU A 258 25.05 -15.06 -30.82
CA LEU A 258 24.62 -13.91 -30.00
C LEU A 258 25.80 -13.30 -29.23
N TRP A 259 25.86 -11.97 -29.23
CA TRP A 259 26.94 -11.24 -28.57
C TRP A 259 26.43 -10.63 -27.29
N ASN A 260 27.19 -10.85 -26.22
CA ASN A 260 26.99 -10.15 -24.94
C ASN A 260 25.63 -10.36 -24.28
N THR A 261 25.15 -11.61 -24.30
CA THR A 261 23.96 -11.98 -23.51
C THR A 261 24.28 -11.93 -22.02
N ALA A 262 25.53 -12.24 -21.67
CA ALA A 262 26.01 -12.09 -20.31
C ALA A 262 26.75 -10.76 -20.17
N GLY A 263 26.31 -9.95 -19.20
CA GLY A 263 26.93 -8.67 -18.91
C GLY A 263 26.62 -7.59 -19.92
N ASN A 264 27.42 -6.51 -19.84
CA ASN A 264 27.19 -5.27 -20.58
C ASN A 264 25.94 -4.56 -20.07
N VAL A 265 24.77 -4.94 -20.57
CA VAL A 265 23.49 -4.38 -20.10
C VAL A 265 22.49 -5.48 -19.80
N TRP A 266 21.60 -5.23 -18.83
CA TRP A 266 20.43 -6.06 -18.65
C TRP A 266 19.56 -6.01 -19.90
N GLU A 267 18.80 -7.08 -20.15
CA GLU A 267 17.94 -7.12 -21.32
C GLU A 267 16.50 -7.53 -20.98
N TRP A 268 15.56 -6.63 -21.26
CA TRP A 268 14.13 -6.86 -21.07
C TRP A 268 13.61 -8.04 -21.92
N CYS A 269 12.78 -8.89 -21.31
CA CYS A 269 12.05 -9.93 -22.02
C CYS A 269 10.55 -9.64 -21.91
N SER A 270 9.74 -10.30 -22.74
CA SER A 270 8.30 -10.02 -22.78
C SER A 270 7.53 -10.49 -21.53
N ASP A 271 8.06 -11.50 -20.84
CA ASP A 271 7.35 -12.17 -19.73
C ASP A 271 7.12 -11.30 -18.50
N TRP A 272 5.94 -11.44 -17.89
CA TRP A 272 5.74 -11.06 -16.50
C TRP A 272 6.59 -11.99 -15.64
N PHE A 273 7.20 -11.45 -14.60
CA PHE A 273 7.98 -12.26 -13.68
C PHE A 273 7.11 -12.89 -12.59
N SER A 274 7.39 -14.17 -12.31
CA SER A 274 6.88 -14.87 -11.14
C SER A 274 7.96 -15.84 -10.67
N PRO A 275 8.23 -15.88 -9.35
CA PRO A 275 9.22 -16.81 -8.79
C PRO A 275 8.77 -18.27 -8.73
N THR A 276 7.53 -18.55 -9.12
CA THR A 276 7.01 -19.92 -9.11
C THR A 276 6.68 -20.45 -10.51
N TYR A 277 6.86 -19.62 -11.53
CA TYR A 277 6.44 -19.95 -12.89
C TYR A 277 7.13 -21.18 -13.47
N TYR A 278 8.38 -21.40 -13.08
CA TYR A 278 9.15 -22.57 -13.55
C TYR A 278 8.48 -23.86 -13.14
N ALA A 279 7.82 -23.85 -11.99
CA ALA A 279 7.13 -25.02 -11.46
C ALA A 279 5.76 -25.25 -12.12
N GLU A 280 5.23 -24.21 -12.75
CA GLU A 280 3.88 -24.27 -13.33
C GLU A 280 3.87 -24.03 -14.85
N SER A 281 5.07 -23.94 -15.44
CA SER A 281 5.24 -23.66 -16.86
C SER A 281 4.74 -24.80 -17.76
N PRO A 282 4.05 -24.43 -18.86
CA PRO A 282 3.79 -25.39 -19.94
C PRO A 282 5.11 -25.78 -20.61
N THR A 283 5.12 -26.86 -21.40
CA THR A 283 6.35 -27.29 -22.06
C THR A 283 6.58 -26.50 -23.34
N VAL A 284 5.52 -26.28 -24.11
CA VAL A 284 5.62 -25.60 -25.41
C VAL A 284 5.50 -24.09 -25.27
N ASP A 285 6.47 -23.37 -25.84
CA ASP A 285 6.41 -21.90 -26.00
C ASP A 285 5.81 -21.12 -24.81
N PRO A 286 6.40 -21.24 -23.61
CA PRO A 286 5.82 -20.53 -22.47
C PRO A 286 6.04 -19.02 -22.55
N HIS A 287 5.01 -18.26 -22.17
CA HIS A 287 5.04 -16.81 -22.29
C HIS A 287 5.06 -16.09 -20.95
N GLY A 288 5.23 -16.85 -19.87
CA GLY A 288 5.07 -16.32 -18.53
C GLY A 288 3.61 -16.29 -18.12
N PRO A 289 3.32 -15.93 -16.86
CA PRO A 289 1.96 -15.83 -16.36
C PRO A 289 1.19 -14.70 -17.04
N GLY A 290 -0.13 -14.75 -16.96
CA GLY A 290 -1.00 -13.78 -17.62
C GLY A 290 -1.02 -12.39 -17.02
N THR A 291 -0.83 -12.31 -15.70
CA THR A 291 -0.74 -11.04 -14.99
C THR A 291 0.57 -10.96 -14.20
N GLY A 292 0.88 -9.76 -13.71
CA GLY A 292 2.11 -9.55 -12.95
C GLY A 292 2.35 -8.08 -12.65
N ALA A 293 3.36 -7.83 -11.83
CA ALA A 293 3.74 -6.48 -11.42
C ALA A 293 5.01 -6.01 -12.15
N ALA A 294 5.96 -6.93 -12.32
CA ALA A 294 7.24 -6.63 -12.93
C ALA A 294 7.49 -7.53 -14.14
N ARG A 295 8.23 -7.01 -15.11
CA ARG A 295 8.63 -7.77 -16.30
C ARG A 295 10.05 -8.34 -16.14
N VAL A 296 10.30 -9.46 -16.81
CA VAL A 296 11.57 -10.18 -16.68
C VAL A 296 12.71 -9.42 -17.36
N LEU A 297 13.84 -9.36 -16.70
CA LEU A 297 15.07 -8.95 -17.37
C LEU A 297 16.20 -9.97 -17.18
N ARG A 298 17.11 -10.03 -18.14
CA ARG A 298 18.13 -11.08 -18.12
C ARG A 298 19.51 -10.55 -18.50
N GLY A 299 20.54 -11.28 -18.07
CA GLY A 299 21.90 -11.06 -18.56
C GLY A 299 22.92 -10.44 -17.62
N GLY A 300 22.48 -9.58 -16.71
CA GLY A 300 23.41 -8.85 -15.88
C GLY A 300 24.09 -7.77 -16.68
N SER A 301 24.92 -6.96 -16.02
CA SER A 301 25.42 -5.74 -16.61
C SER A 301 26.89 -5.50 -16.27
N TYR A 302 27.42 -4.38 -16.75
CA TYR A 302 28.79 -3.98 -16.49
C TYR A 302 29.06 -3.65 -15.02
N LEU A 303 28.00 -3.61 -14.21
CA LEU A 303 28.11 -3.34 -12.77
C LEU A 303 28.07 -4.59 -11.87
N CYS A 304 27.95 -5.76 -12.50
N CYS A 304 27.98 -5.76 -12.49
CA CYS A 304 27.83 -7.03 -11.77
CA CYS A 304 27.82 -7.02 -11.77
C CYS A 304 29.16 -7.53 -11.21
C CYS A 304 29.15 -7.56 -11.22
N HIS A 305 29.16 -7.82 -9.92
CA HIS A 305 30.35 -8.35 -9.22
C HIS A 305 29.89 -9.28 -8.10
N ASP A 306 30.66 -10.35 -7.80
CA ASP A 306 30.19 -11.43 -6.90
C ASP A 306 29.58 -10.92 -5.60
N SER A 307 30.23 -9.91 -5.02
CA SER A 307 29.91 -9.41 -3.66
C SER A 307 28.42 -9.16 -3.41
N TYR A 308 27.67 -8.95 -4.48
CA TYR A 308 26.26 -8.60 -4.41
C TYR A 308 25.50 -9.12 -5.64
N CYS A 309 26.22 -9.72 -6.61
N CYS A 309 26.25 -9.75 -6.54
CA CYS A 309 25.62 -10.03 -7.92
CA CYS A 309 25.73 -10.15 -7.82
C CYS A 309 26.30 -11.17 -8.71
C CYS A 309 26.26 -11.53 -8.24
N ASN A 310 25.50 -12.17 -9.10
CA ASN A 310 25.97 -13.35 -9.85
C ASN A 310 25.09 -13.46 -11.08
N ARG A 311 24.56 -12.32 -11.51
CA ARG A 311 23.46 -12.27 -12.48
C ARG A 311 23.87 -12.49 -13.94
N TYR A 312 25.17 -12.65 -14.18
CA TYR A 312 25.69 -12.95 -15.54
C TYR A 312 25.59 -14.45 -15.91
N ARG A 313 25.24 -15.30 -14.94
CA ARG A 313 24.97 -16.73 -15.20
C ARG A 313 23.79 -16.84 -16.18
N VAL A 314 23.84 -17.81 -17.10
CA VAL A 314 22.77 -17.91 -18.14
C VAL A 314 21.36 -18.11 -17.61
N ALA A 315 21.27 -18.74 -16.44
CA ALA A 315 20.00 -19.10 -15.81
C ALA A 315 19.51 -18.03 -14.84
N ALA A 316 20.35 -17.06 -14.52
CA ALA A 316 19.98 -16.00 -13.60
C ALA A 316 18.84 -15.17 -14.17
N ARG A 317 17.88 -14.85 -13.32
CA ARG A 317 16.81 -13.97 -13.72
C ARG A 317 16.47 -12.93 -12.65
N SER A 318 15.92 -11.80 -13.12
CA SER A 318 15.46 -10.75 -12.25
C SER A 318 14.22 -10.13 -12.93
N SER A 319 13.77 -9.00 -12.40
CA SER A 319 12.62 -8.28 -12.94
C SER A 319 12.58 -6.83 -12.48
N ASN A 320 11.81 -6.01 -13.19
CA ASN A 320 11.53 -4.65 -12.79
C ASN A 320 10.18 -4.18 -13.33
N THR A 321 9.58 -3.20 -12.65
CA THR A 321 8.32 -2.60 -13.12
C THR A 321 8.53 -2.04 -14.55
N PRO A 322 7.54 -2.26 -15.44
CA PRO A 322 7.73 -1.97 -16.86
C PRO A 322 8.17 -0.54 -17.23
N ASP A 323 7.83 0.45 -16.42
CA ASP A 323 8.18 1.84 -16.72
C ASP A 323 9.52 2.29 -16.11
N SER A 324 10.22 1.37 -15.43
CA SER A 324 11.51 1.68 -14.82
C SER A 324 12.64 1.77 -15.86
N SER A 325 13.73 2.45 -15.51
CA SER A 325 14.85 2.65 -16.44
C SER A 325 16.14 2.89 -15.65
N SER A 326 17.28 2.59 -16.26
CA SER A 326 18.58 2.80 -15.61
C SER A 326 19.68 2.76 -16.65
N GLY A 327 20.87 3.24 -16.30
CA GLY A 327 21.98 3.29 -17.23
C GLY A 327 22.64 1.97 -17.57
N ASN A 328 22.07 0.86 -17.08
CA ASN A 328 22.65 -0.46 -17.32
C ASN A 328 21.63 -1.45 -17.86
N LEU A 329 20.61 -0.92 -18.53
CA LEU A 329 19.46 -1.73 -18.92
C LEU A 329 18.99 -1.34 -20.30
N GLY A 330 19.11 -2.31 -21.21
CA GLY A 330 18.67 -2.19 -22.59
C GLY A 330 17.86 -3.41 -22.99
N PHE A 331 18.00 -3.84 -24.25
CA PHE A 331 17.20 -4.95 -24.76
C PHE A 331 17.68 -5.42 -26.14
N ARG A 332 17.26 -6.62 -26.51
CA ARG A 332 17.41 -7.10 -27.87
C ARG A 332 16.06 -7.61 -28.35
N CYS A 333 15.87 -7.62 -29.66
CA CYS A 333 14.59 -7.99 -30.22
C CYS A 333 14.60 -9.43 -30.75
N ALA A 334 13.41 -9.92 -31.10
CA ALA A 334 13.23 -11.26 -31.61
C ALA A 334 12.11 -11.26 -32.66
N ASN A 335 11.78 -12.44 -33.19
CA ASN A 335 10.68 -12.64 -34.13
C ASN A 335 10.35 -14.13 -34.23
N ASP A 336 9.09 -14.43 -34.55
CA ASP A 336 8.68 -15.76 -34.98
C ASP A 336 9.39 -16.10 -36.29
N ALA A 337 9.55 -17.39 -36.56
CA ALA A 337 10.05 -17.82 -37.85
C ALA A 337 8.88 -18.14 -38.77
N ARG B 51 -15.81 -7.16 52.76
CA ARG B 51 -15.76 -7.31 51.28
C ARG B 51 -15.94 -8.77 50.85
N PRO B 52 -16.70 -9.01 49.75
CA PRO B 52 -17.02 -10.39 49.38
C PRO B 52 -15.87 -11.07 48.67
N ARG B 53 -15.63 -12.32 49.07
CA ARG B 53 -14.54 -13.14 48.53
C ARG B 53 -14.61 -13.27 47.01
N SER B 54 -13.45 -13.16 46.36
CA SER B 54 -13.34 -13.31 44.92
C SER B 54 -12.08 -14.08 44.56
N THR B 55 -12.21 -15.06 43.66
CA THR B 55 -11.09 -15.82 43.12
C THR B 55 -10.84 -15.49 41.64
N ARG B 56 -11.36 -14.36 41.19
CA ARG B 56 -11.18 -13.91 39.80
C ARG B 56 -9.71 -13.77 39.45
N GLY B 57 -9.31 -14.40 38.35
CA GLY B 57 -7.92 -14.35 37.88
C GLY B 57 -6.96 -15.18 38.72
N GLN B 58 -7.52 -16.04 39.58
CA GLN B 58 -6.73 -16.90 40.44
C GLN B 58 -6.83 -18.34 39.99
N VAL B 59 -5.70 -19.04 40.13
CA VAL B 59 -5.62 -20.47 39.86
C VAL B 59 -5.71 -21.17 41.21
N ARG B 60 -6.40 -22.30 41.28
CA ARG B 60 -6.49 -23.06 42.52
C ARG B 60 -5.46 -24.17 42.55
N LEU B 61 -4.56 -24.12 43.54
CA LEU B 61 -3.52 -25.12 43.68
C LEU B 61 -3.85 -26.04 44.83
N PRO B 62 -3.50 -27.34 44.71
CA PRO B 62 -3.84 -28.30 45.76
C PRO B 62 -2.96 -28.25 47.00
N GLY B 63 -1.79 -27.63 46.89
CA GLY B 63 -0.83 -27.59 48.00
C GLY B 63 -0.14 -28.93 48.19
N GLY B 64 0.06 -29.32 49.44
CA GLY B 64 0.79 -30.54 49.78
C GLY B 64 2.22 -30.22 50.18
N GLU B 65 3.11 -31.19 50.07
CA GLU B 65 4.49 -31.03 50.49
C GLU B 65 5.43 -30.58 49.36
N PHE B 66 6.34 -29.68 49.70
CA PHE B 66 7.43 -29.31 48.80
C PHE B 66 8.67 -28.93 49.59
N ALA B 67 9.81 -28.95 48.90
CA ALA B 67 11.09 -28.55 49.50
C ALA B 67 11.28 -27.06 49.26
N MET B 68 11.21 -26.30 50.34
CA MET B 68 11.35 -24.85 50.28
C MET B 68 12.79 -24.43 50.60
N GLY B 69 13.35 -23.56 49.76
CA GLY B 69 14.67 -23.04 50.00
C GLY B 69 15.61 -23.23 48.82
N ASP B 70 16.85 -22.77 48.99
CA ASP B 70 17.83 -22.81 47.93
C ASP B 70 18.62 -24.12 47.92
N ALA B 71 18.24 -24.97 46.95
CA ALA B 71 18.83 -26.29 46.74
C ALA B 71 20.29 -26.23 46.29
N PHE B 72 20.76 -25.03 45.93
CA PHE B 72 22.08 -24.86 45.31
C PHE B 72 23.05 -24.07 46.17
N GLY B 73 22.53 -23.35 47.16
CA GLY B 73 23.34 -22.50 48.04
C GLY B 73 24.07 -21.40 47.28
N GLU B 74 23.33 -20.63 46.50
CA GLU B 74 23.88 -19.62 45.60
C GLU B 74 23.60 -18.20 46.10
N GLY B 75 22.70 -18.11 47.07
CA GLY B 75 22.39 -16.83 47.69
C GLY B 75 23.45 -16.48 48.71
N TYR B 76 23.17 -15.50 49.55
CA TYR B 76 24.15 -15.06 50.52
C TYR B 76 23.61 -15.16 51.95
N PRO B 77 24.50 -15.26 52.95
CA PRO B 77 24.06 -15.61 54.31
C PRO B 77 22.86 -14.81 54.81
N ALA B 78 22.85 -13.50 54.56
CA ALA B 78 21.85 -12.63 55.15
C ALA B 78 20.45 -12.79 54.52
N ASP B 79 20.38 -13.41 53.34
CA ASP B 79 19.11 -13.74 52.72
C ASP B 79 18.41 -14.88 53.45
N GLY B 80 19.19 -15.77 54.06
CA GLY B 80 18.67 -16.92 54.80
C GLY B 80 17.77 -17.80 53.95
N GLU B 81 18.26 -18.18 52.78
CA GLU B 81 17.54 -19.03 51.85
C GLU B 81 17.78 -20.53 52.14
N THR B 82 18.53 -20.79 53.20
CA THR B 82 18.79 -22.14 53.70
C THR B 82 18.44 -22.22 55.19
N PRO B 83 18.18 -23.43 55.72
CA PRO B 83 18.21 -24.73 55.07
C PRO B 83 16.99 -25.00 54.21
N VAL B 84 17.17 -25.81 53.18
CA VAL B 84 16.05 -26.37 52.43
C VAL B 84 15.24 -27.15 53.45
N HIS B 85 13.93 -26.93 53.48
CA HIS B 85 13.09 -27.57 54.48
C HIS B 85 11.75 -27.94 53.87
N THR B 86 11.19 -29.05 54.34
CA THR B 86 9.89 -29.53 53.90
C THR B 86 8.77 -28.67 54.46
N VAL B 87 7.88 -28.25 53.57
CA VAL B 87 6.72 -27.43 53.94
C VAL B 87 5.46 -28.10 53.39
N ARG B 88 4.43 -28.18 54.22
CA ARG B 88 3.12 -28.70 53.80
C ARG B 88 2.09 -27.58 53.76
N LEU B 89 1.49 -27.39 52.59
CA LEU B 89 0.50 -26.35 52.36
C LEU B 89 -0.88 -26.93 52.18
N ARG B 90 -1.86 -26.25 52.75
CA ARG B 90 -3.25 -26.51 52.43
C ARG B 90 -3.52 -25.96 51.02
N PRO B 91 -4.59 -26.42 50.36
CA PRO B 91 -4.93 -25.84 49.07
C PRO B 91 -5.21 -24.34 49.17
N PHE B 92 -4.95 -23.62 48.07
CA PHE B 92 -5.12 -22.17 48.04
C PHE B 92 -5.18 -21.67 46.60
N HIS B 93 -5.62 -20.43 46.46
CA HIS B 93 -5.72 -19.75 45.17
C HIS B 93 -4.63 -18.70 45.12
N ILE B 94 -4.17 -18.39 43.92
CA ILE B 94 -3.15 -17.38 43.72
C ILE B 94 -3.32 -16.74 42.35
N ASP B 95 -3.14 -15.42 42.30
CA ASP B 95 -3.23 -14.66 41.05
C ASP B 95 -2.28 -15.23 40.00
N GLU B 96 -2.82 -15.48 38.81
CA GLU B 96 -2.00 -15.94 37.68
C GLU B 96 -0.99 -14.86 37.24
N THR B 97 -1.34 -13.59 37.44
CA THR B 97 -0.47 -12.44 37.14
C THR B 97 -0.29 -11.52 38.35
N ALA B 98 0.78 -10.71 38.33
CA ALA B 98 0.86 -9.54 39.19
C ALA B 98 -0.34 -8.61 38.94
N VAL B 99 -0.77 -7.89 39.99
CA VAL B 99 -1.89 -6.95 39.90
C VAL B 99 -1.57 -5.84 38.89
N THR B 100 -2.49 -5.61 37.95
CA THR B 100 -2.29 -4.64 36.87
C THR B 100 -2.67 -3.21 37.26
N ASN B 101 -2.23 -2.25 36.43
CA ASN B 101 -2.65 -0.86 36.55
C ASN B 101 -4.17 -0.71 36.47
N ALA B 102 -4.80 -1.41 35.53
CA ALA B 102 -6.25 -1.33 35.33
C ALA B 102 -7.01 -1.75 36.60
N ARG B 103 -6.55 -2.83 37.23
CA ARG B 103 -7.22 -3.37 38.42
C ARG B 103 -6.99 -2.47 39.62
N PHE B 104 -5.77 -1.97 39.79
CA PHE B 104 -5.47 -1.08 40.91
C PHE B 104 -6.22 0.24 40.77
N ALA B 105 -6.33 0.72 39.52
CA ALA B 105 -7.11 1.93 39.20
C ALA B 105 -8.56 1.81 39.64
N ALA B 106 -9.15 0.62 39.47
CA ALA B 106 -10.54 0.39 39.85
C ALA B 106 -10.70 0.44 41.38
N PHE B 107 -9.72 -0.13 42.08
CA PHE B 107 -9.63 -0.09 43.55
C PHE B 107 -9.57 1.34 44.07
N VAL B 108 -8.75 2.16 43.44
CA VAL B 108 -8.58 3.54 43.85
C VAL B 108 -9.86 4.34 43.57
N LYS B 109 -10.45 4.11 42.40
CA LYS B 109 -11.67 4.81 41.99
C LYS B 109 -12.82 4.52 42.92
N ALA B 110 -12.80 3.33 43.54
CA ALA B 110 -13.89 2.88 44.40
C ALA B 110 -13.72 3.32 45.86
N THR B 111 -12.47 3.43 46.31
CA THR B 111 -12.16 3.65 47.72
C THR B 111 -11.60 5.03 47.99
N GLY B 112 -10.94 5.62 46.98
CA GLY B 112 -10.24 6.89 47.15
C GLY B 112 -8.91 6.70 47.86
N HIS B 113 -8.45 5.46 47.94
CA HIS B 113 -7.19 5.10 48.57
C HIS B 113 -6.04 6.00 48.11
N VAL B 114 -5.33 6.59 49.07
CA VAL B 114 -4.09 7.28 48.73
C VAL B 114 -2.92 6.40 49.16
N THR B 115 -1.93 6.27 48.27
CA THR B 115 -0.81 5.36 48.49
C THR B 115 0.27 6.01 49.36
N ASP B 116 1.12 5.18 49.95
CA ASP B 116 2.26 5.65 50.75
C ASP B 116 3.18 6.61 50.00
N ALA B 117 3.46 6.31 48.73
CA ALA B 117 4.26 7.19 47.87
C ALA B 117 3.66 8.59 47.75
N GLU B 118 2.33 8.66 47.69
CA GLU B 118 1.64 9.94 47.58
C GLU B 118 1.70 10.73 48.88
N ARG B 119 1.50 10.02 49.99
CA ARG B 119 1.61 10.62 51.32
C ARG B 119 3.03 11.13 51.59
N PHE B 120 4.03 10.32 51.20
CA PHE B 120 5.44 10.68 51.36
C PHE B 120 5.85 11.81 50.42
N GLY B 121 5.25 11.84 49.23
CA GLY B 121 5.44 12.93 48.29
C GLY B 121 6.39 12.60 47.15
N SER B 122 7.11 11.48 47.28
CA SER B 122 8.05 11.00 46.26
C SER B 122 8.22 9.48 46.30
N SER B 123 8.84 8.92 45.25
CA SER B 123 9.16 7.49 45.22
C SER B 123 10.42 7.24 44.39
N ALA B 124 11.01 6.05 44.55
CA ALA B 124 12.26 5.71 43.84
C ALA B 124 12.00 5.35 42.37
N VAL B 125 12.78 5.96 41.47
CA VAL B 125 12.65 5.76 40.03
C VAL B 125 14.03 5.50 39.44
N PHE B 126 14.16 4.47 38.61
CA PHE B 126 15.46 4.12 38.03
C PHE B 126 15.94 5.20 37.06
N HIS B 127 17.17 5.65 37.24
CA HIS B 127 17.70 6.83 36.54
C HIS B 127 17.39 6.87 35.04
N LEU B 128 17.53 5.74 34.37
CA LEU B 128 17.39 5.68 32.90
C LEU B 128 15.97 6.00 32.39
N VAL B 129 14.98 5.88 33.27
CA VAL B 129 13.58 6.10 32.86
C VAL B 129 12.88 7.31 33.51
N VAL B 130 13.60 8.09 34.29
CA VAL B 130 13.07 9.32 34.89
C VAL B 130 12.41 10.23 33.84
N ALA B 131 11.17 10.64 34.11
CA ALA B 131 10.42 11.57 33.26
C ALA B 131 9.79 12.65 34.14
N ALA B 132 10.58 13.67 34.47
CA ALA B 132 10.22 14.66 35.48
C ALA B 132 10.95 15.96 35.22
N PRO B 133 10.37 17.10 35.66
CA PRO B 133 11.14 18.34 35.62
C PRO B 133 12.31 18.26 36.60
N ASP B 134 13.35 19.05 36.36
CA ASP B 134 14.53 19.10 37.24
C ASP B 134 14.20 19.38 38.71
N ALA B 135 13.19 20.19 38.94
CA ALA B 135 12.76 20.57 40.29
C ALA B 135 12.21 19.39 41.11
N ASP B 136 11.74 18.34 40.43
CA ASP B 136 11.18 17.17 41.11
C ASP B 136 12.24 16.11 41.43
N VAL B 137 13.47 16.33 40.97
CA VAL B 137 14.55 15.38 41.24
C VAL B 137 15.19 15.78 42.57
N LEU B 138 14.96 14.97 43.59
CA LEU B 138 15.31 15.32 44.97
C LEU B 138 16.69 14.82 45.38
N GLY B 139 17.29 13.99 44.53
CA GLY B 139 18.55 13.32 44.86
C GLY B 139 18.50 11.85 44.52
N SER B 140 19.60 11.14 44.75
CA SER B 140 19.67 9.70 44.51
C SER B 140 19.76 8.97 45.82
N ALA B 141 19.30 7.72 45.83
CA ALA B 141 19.47 6.83 46.97
C ALA B 141 20.96 6.70 47.28
N ALA B 142 21.36 7.15 48.48
CA ALA B 142 22.73 6.96 48.93
C ALA B 142 22.98 5.46 49.01
N GLY B 143 24.14 5.01 48.52
CA GLY B 143 24.46 3.59 48.50
C GLY B 143 23.98 2.84 47.25
N ALA B 144 22.97 3.38 46.57
CA ALA B 144 22.48 2.81 45.29
C ALA B 144 22.09 3.91 44.32
N PRO B 145 23.09 4.60 43.73
CA PRO B 145 22.82 5.88 43.05
C PRO B 145 22.07 5.81 41.72
N TRP B 146 21.76 4.61 41.23
CA TRP B 146 20.94 4.48 40.01
C TRP B 146 19.45 4.69 40.31
N TRP B 147 19.12 4.73 41.60
CA TRP B 147 17.77 4.99 42.07
C TRP B 147 17.57 6.47 42.39
N ILE B 148 16.60 7.08 41.72
CA ILE B 148 16.37 8.53 41.86
C ILE B 148 15.11 8.80 42.66
N ASN B 149 15.26 9.64 43.69
CA ASN B 149 14.16 10.11 44.49
C ASN B 149 13.39 11.15 43.71
N VAL B 150 12.22 10.78 43.18
CA VAL B 150 11.46 11.68 42.29
C VAL B 150 10.16 12.16 42.92
N ARG B 151 10.05 13.47 43.09
CA ARG B 151 8.83 14.07 43.61
C ARG B 151 7.66 13.81 42.66
N GLY B 152 6.55 13.34 43.22
CA GLY B 152 5.34 13.10 42.44
C GLY B 152 5.28 11.74 41.78
N ALA B 153 6.38 11.00 41.78
CA ALA B 153 6.37 9.64 41.22
C ALA B 153 5.50 8.76 42.11
N HIS B 154 4.55 8.08 41.48
CA HIS B 154 3.61 7.18 42.15
C HIS B 154 2.92 6.34 41.08
N TRP B 155 2.00 5.46 41.50
CA TRP B 155 1.45 4.42 40.63
C TRP B 155 0.87 4.97 39.32
N ARG B 156 0.23 6.14 39.40
CA ARG B 156 -0.36 6.80 38.22
C ARG B 156 0.70 7.40 37.28
N ARG B 157 1.82 7.86 37.86
CA ARG B 157 2.89 8.50 37.10
C ARG B 157 4.24 7.91 37.56
N PRO B 158 4.54 6.67 37.08
CA PRO B 158 5.60 5.80 37.57
C PRO B 158 7.03 6.31 37.33
N GLU B 159 7.19 7.26 36.42
CA GLU B 159 8.51 7.83 36.15
C GLU B 159 8.63 9.30 36.55
N GLY B 160 7.56 9.83 37.14
CA GLY B 160 7.50 11.25 37.45
C GLY B 160 6.31 11.92 36.77
N ALA B 161 6.23 13.24 36.91
CA ALA B 161 5.09 14.03 36.44
C ALA B 161 4.89 14.03 34.91
N ARG B 162 5.95 13.73 34.15
CA ARG B 162 5.87 13.70 32.68
C ARG B 162 5.55 12.30 32.16
N SER B 163 5.09 11.44 33.07
CA SER B 163 4.72 10.07 32.71
C SER B 163 3.26 9.79 33.04
N ASP B 164 2.71 8.78 32.37
CA ASP B 164 1.36 8.29 32.67
C ASP B 164 1.28 6.80 32.34
N ILE B 165 0.16 6.19 32.70
CA ILE B 165 -0.02 4.76 32.48
C ILE B 165 -1.13 4.46 31.46
N THR B 166 -1.53 5.47 30.70
CA THR B 166 -2.65 5.30 29.76
C THR B 166 -2.36 4.25 28.69
N GLY B 167 -1.08 4.04 28.40
CA GLY B 167 -0.68 3.00 27.44
C GLY B 167 -0.28 1.70 28.10
N ARG B 168 -0.49 1.58 29.41
CA ARG B 168 -0.13 0.35 30.11
C ARG B 168 -1.11 -0.14 31.19
N PRO B 169 -2.38 -0.38 30.80
CA PRO B 169 -3.38 -0.92 31.72
C PRO B 169 -3.04 -2.33 32.13
N ASN B 170 -2.29 -3.02 31.26
CA ASN B 170 -1.90 -4.42 31.41
C ASN B 170 -0.52 -4.66 32.02
N HIS B 171 0.18 -3.57 32.35
CA HIS B 171 1.44 -3.68 33.08
C HIS B 171 1.15 -3.81 34.57
N PRO B 172 2.11 -4.38 35.34
CA PRO B 172 1.89 -4.47 36.78
C PRO B 172 1.93 -3.07 37.42
N VAL B 173 1.08 -2.86 38.41
CA VAL B 173 1.11 -1.62 39.17
C VAL B 173 2.41 -1.58 40.00
N VAL B 174 3.07 -0.43 40.03
CA VAL B 174 4.27 -0.22 40.83
C VAL B 174 4.09 0.99 41.75
N HIS B 175 5.14 1.35 42.48
CA HIS B 175 5.08 2.36 43.55
C HIS B 175 4.00 2.04 44.57
N VAL B 176 3.77 0.74 44.77
CA VAL B 176 2.85 0.26 45.80
C VAL B 176 3.65 -0.37 46.94
N SER B 177 3.32 0.03 48.15
CA SER B 177 3.95 -0.48 49.34
C SER B 177 3.24 -1.75 49.81
N TRP B 178 3.75 -2.35 50.89
CA TRP B 178 3.09 -3.52 51.50
C TRP B 178 1.71 -3.14 51.98
N ASN B 179 1.60 -1.94 52.58
CA ASN B 179 0.33 -1.38 53.06
C ASN B 179 -0.68 -1.17 51.93
N ASP B 180 -0.21 -0.64 50.81
CA ASP B 180 -1.02 -0.46 49.60
C ASP B 180 -1.49 -1.81 49.06
N ALA B 181 -0.56 -2.78 49.04
CA ALA B 181 -0.82 -4.11 48.53
C ALA B 181 -1.90 -4.84 49.34
N THR B 182 -1.76 -4.81 50.67
CA THR B 182 -2.70 -5.51 51.54
C THR B 182 -4.08 -4.85 51.49
N ALA B 183 -4.08 -3.53 51.32
CA ALA B 183 -5.34 -2.78 51.21
C ALA B 183 -6.09 -3.17 49.94
N TYR B 184 -5.39 -3.18 48.81
CA TYR B 184 -6.00 -3.61 47.54
C TYR B 184 -6.60 -5.00 47.68
N ALA B 185 -5.81 -5.91 48.27
CA ALA B 185 -6.17 -7.32 48.40
C ALA B 185 -7.45 -7.47 49.23
N ARG B 186 -7.48 -6.80 50.38
CA ARG B 186 -8.66 -6.80 51.24
C ARG B 186 -9.89 -6.36 50.44
N TRP B 187 -9.76 -5.24 49.71
CA TRP B 187 -10.85 -4.71 48.87
C TRP B 187 -11.26 -5.67 47.75
N ALA B 188 -10.26 -6.33 47.15
CA ALA B 188 -10.51 -7.21 46.02
C ALA B 188 -11.13 -8.54 46.45
N GLY B 189 -11.27 -8.73 47.77
CA GLY B 189 -11.83 -9.96 48.33
C GLY B 189 -10.78 -11.04 48.38
N LYS B 190 -9.55 -10.63 48.66
CA LYS B 190 -8.38 -11.48 48.57
C LYS B 190 -7.42 -11.18 49.72
N ARG B 191 -6.22 -11.74 49.63
CA ARG B 191 -5.14 -11.49 50.58
C ARG B 191 -3.81 -11.61 49.87
N LEU B 192 -2.72 -11.26 50.55
CA LEU B 192 -1.39 -11.53 50.00
C LEU B 192 -1.03 -12.98 50.23
N PRO B 193 -0.18 -13.56 49.35
CA PRO B 193 0.28 -14.92 49.62
C PRO B 193 1.30 -14.92 50.74
N THR B 194 1.42 -16.02 51.46
CA THR B 194 2.57 -16.22 52.35
C THR B 194 3.79 -16.46 51.48
N GLU B 195 4.98 -16.33 52.06
CA GLU B 195 6.22 -16.60 51.32
C GLU B 195 6.25 -18.05 50.81
N ALA B 196 5.83 -18.98 51.67
CA ALA B 196 5.80 -20.40 51.33
C ALA B 196 4.86 -20.68 50.15
N GLU B 197 3.69 -20.04 50.16
CA GLU B 197 2.73 -20.19 49.07
C GLU B 197 3.31 -19.65 47.77
N TRP B 198 3.92 -18.47 47.85
CA TRP B 198 4.57 -17.85 46.70
C TRP B 198 5.60 -18.77 46.05
N GLU B 199 6.55 -19.30 46.84
CA GLU B 199 7.56 -20.20 46.27
C GLU B 199 6.95 -21.48 45.69
N TYR B 200 6.05 -22.12 46.43
CA TYR B 200 5.35 -23.31 45.94
C TYR B 200 4.74 -23.04 44.57
N ALA B 201 4.04 -21.92 44.47
CA ALA B 201 3.34 -21.53 43.24
C ALA B 201 4.32 -21.23 42.10
N ALA B 202 5.42 -20.55 42.44
CA ALA B 202 6.44 -20.14 41.49
C ALA B 202 7.21 -21.32 40.91
N ARG B 203 7.44 -22.34 41.73
CA ARG B 203 8.14 -23.55 41.29
C ARG B 203 7.37 -24.36 40.23
N GLY B 204 6.04 -24.22 40.20
CA GLY B 204 5.22 -24.79 39.13
C GLY B 204 5.18 -26.30 39.06
N GLY B 205 5.28 -26.95 40.21
CA GLY B 205 5.20 -28.42 40.28
C GLY B 205 6.52 -29.12 40.01
N LEU B 206 7.58 -28.35 39.82
CA LEU B 206 8.90 -28.93 39.67
C LEU B 206 9.60 -28.88 41.02
N ALA B 207 10.45 -29.87 41.27
CA ALA B 207 11.16 -30.02 42.54
C ALA B 207 12.60 -29.52 42.44
N GLY B 208 12.96 -28.62 43.35
CA GLY B 208 14.35 -28.20 43.57
C GLY B 208 15.08 -27.58 42.38
N ARG B 209 14.35 -26.94 41.47
CA ARG B 209 15.00 -26.25 40.36
C ARG B 209 15.49 -24.85 40.77
N ARG B 210 16.42 -24.32 39.96
CA ARG B 210 16.96 -22.98 40.15
C ARG B 210 15.93 -21.88 39.81
N TYR B 211 15.16 -22.09 38.74
CA TYR B 211 14.15 -21.13 38.30
C TYR B 211 12.80 -21.81 38.16
N ALA B 212 11.78 -21.00 37.90
CA ALA B 212 10.40 -21.47 37.74
C ALA B 212 10.26 -22.57 36.69
N TRP B 213 11.12 -22.53 35.68
CA TRP B 213 11.00 -23.39 34.50
C TRP B 213 12.05 -24.51 34.45
N GLY B 214 13.03 -24.46 35.35
CA GLY B 214 14.14 -25.42 35.36
C GLY B 214 15.44 -24.77 35.82
N ASP B 215 16.57 -25.37 35.43
CA ASP B 215 17.88 -24.98 35.94
C ASP B 215 18.65 -24.02 35.03
N GLU B 216 18.20 -23.92 33.77
CA GLU B 216 18.88 -23.13 32.76
C GLU B 216 18.19 -21.76 32.63
N LEU B 217 18.97 -20.69 32.64
CA LEU B 217 18.39 -19.35 32.57
C LEU B 217 17.67 -19.07 31.25
N THR B 218 18.34 -19.34 30.13
CA THR B 218 17.74 -19.15 28.81
C THR B 218 17.79 -20.45 28.00
N PRO B 219 16.80 -21.34 28.20
CA PRO B 219 16.76 -22.62 27.49
C PRO B 219 16.39 -22.39 26.03
N GLY B 220 17.19 -22.93 25.13
CA GLY B 220 16.99 -22.74 23.69
C GLY B 220 17.47 -21.39 23.18
N GLY B 221 18.16 -20.64 24.04
CA GLY B 221 18.62 -19.30 23.69
C GLY B 221 17.57 -18.22 23.89
N ARG B 222 16.40 -18.62 24.42
CA ARG B 222 15.25 -17.73 24.56
C ARG B 222 15.12 -17.19 25.98
N TRP B 223 14.72 -15.92 26.06
CA TRP B 223 14.42 -15.30 27.34
C TRP B 223 13.06 -15.74 27.85
N ARG B 224 13.00 -16.00 29.15
CA ARG B 224 11.81 -16.53 29.80
C ARG B 224 11.30 -15.58 30.88
N CYS B 225 11.99 -14.46 31.04
CA CYS B 225 11.65 -13.48 32.07
C CYS B 225 12.23 -12.12 31.74
N ASN B 226 11.72 -11.10 32.43
CA ASN B 226 12.17 -9.73 32.27
C ASN B 226 13.14 -9.32 33.37
N ILE B 227 14.43 -9.41 33.07
CA ILE B 227 15.52 -8.95 33.94
C ILE B 227 16.45 -7.98 33.17
N TRP B 228 17.73 -7.87 33.54
CA TRP B 228 18.63 -6.93 32.85
C TRP B 228 19.62 -7.67 31.95
N GLN B 229 19.89 -7.12 30.78
CA GLN B 229 21.03 -7.56 29.96
C GLN B 229 21.85 -6.33 29.60
N GLY B 230 23.18 -6.50 29.53
CA GLY B 230 24.07 -5.39 29.21
C GLY B 230 24.69 -4.83 30.47
N ARG B 231 25.35 -3.69 30.34
CA ARG B 231 26.19 -3.15 31.40
C ARG B 231 25.42 -2.31 32.43
N PHE B 232 24.99 -2.96 33.50
CA PHE B 232 24.25 -2.30 34.58
C PHE B 232 25.16 -1.32 35.34
N PRO B 233 24.64 -0.14 35.72
CA PRO B 233 23.29 0.40 35.51
C PRO B 233 23.18 1.34 34.31
N HIS B 234 24.13 1.23 33.38
CA HIS B 234 24.30 2.23 32.33
C HIS B 234 23.68 1.87 30.98
N VAL B 235 23.81 0.61 30.57
CA VAL B 235 23.27 0.13 29.30
C VAL B 235 22.43 -1.13 29.52
N ASN B 236 21.18 -1.08 29.06
CA ASN B 236 20.26 -2.23 29.04
C ASN B 236 19.88 -2.52 27.59
N THR B 237 20.38 -3.63 27.05
CA THR B 237 20.18 -3.92 25.63
C THR B 237 18.71 -4.24 25.29
N ALA B 238 17.91 -4.55 26.31
CA ALA B 238 16.53 -5.00 26.17
C ALA B 238 16.40 -6.25 25.30
N GLU B 239 17.35 -7.18 25.46
CA GLU B 239 17.37 -8.42 24.71
C GLU B 239 16.16 -9.29 25.00
N ASP B 240 15.72 -9.28 26.26
CA ASP B 240 14.52 -10.02 26.64
C ASP B 240 13.22 -9.32 26.22
N GLY B 241 13.35 -8.14 25.60
CA GLY B 241 12.20 -7.44 25.00
C GLY B 241 11.67 -6.22 25.73
N HIS B 242 12.21 -5.94 26.91
CA HIS B 242 11.68 -4.87 27.76
C HIS B 242 12.77 -4.22 28.59
N LEU B 243 12.74 -2.88 28.65
CA LEU B 243 13.64 -2.11 29.52
C LEU B 243 13.10 -2.02 30.96
N SER B 244 11.89 -1.49 31.11
CA SER B 244 11.26 -1.48 32.43
C SER B 244 10.19 -2.57 32.46
N THR B 245 9.02 -2.27 33.00
CA THR B 245 7.97 -3.28 33.14
C THR B 245 7.46 -3.80 31.79
N ALA B 246 7.04 -5.06 31.80
CA ALA B 246 6.43 -5.72 30.67
C ALA B 246 4.96 -6.00 31.03
N PRO B 247 4.08 -6.18 30.03
CA PRO B 247 2.72 -6.65 30.32
C PRO B 247 2.75 -7.90 31.20
N VAL B 248 1.75 -8.04 32.07
CA VAL B 248 1.73 -9.10 33.09
C VAL B 248 1.70 -10.54 32.54
N LYS B 249 1.29 -10.68 31.28
CA LYS B 249 1.25 -11.99 30.62
C LYS B 249 2.32 -12.14 29.55
N SER B 250 3.45 -11.46 29.73
CA SER B 250 4.61 -11.64 28.85
C SER B 250 5.25 -13.00 29.08
N TYR B 251 5.93 -13.51 28.05
CA TYR B 251 6.63 -14.80 28.10
C TYR B 251 5.66 -15.97 28.32
N ARG B 252 6.09 -17.02 29.01
CA ARG B 252 5.26 -18.21 29.19
C ARG B 252 4.83 -18.38 30.65
N PRO B 253 3.63 -18.95 30.90
CA PRO B 253 3.28 -19.24 32.28
C PRO B 253 4.07 -20.45 32.76
N ASN B 254 4.24 -20.59 34.08
CA ASN B 254 4.89 -21.79 34.63
C ASN B 254 3.93 -22.98 34.71
N GLY B 255 4.37 -24.04 35.38
CA GLY B 255 3.61 -25.28 35.48
C GLY B 255 2.36 -25.17 36.34
N HIS B 256 2.24 -24.09 37.09
CA HIS B 256 1.00 -23.82 37.84
C HIS B 256 0.12 -22.75 37.20
N GLY B 257 0.52 -22.31 36.01
CA GLY B 257 -0.21 -21.28 35.27
C GLY B 257 0.01 -19.86 35.79
N LEU B 258 1.15 -19.62 36.44
CA LEU B 258 1.54 -18.27 36.88
C LEU B 258 2.47 -17.59 35.89
N TRP B 259 2.19 -16.33 35.60
CA TRP B 259 3.03 -15.53 34.71
C TRP B 259 3.98 -14.62 35.48
N ASN B 260 5.26 -14.61 35.08
CA ASN B 260 6.28 -13.65 35.53
C ASN B 260 6.55 -13.59 37.03
N THR B 261 6.64 -14.77 37.66
CA THR B 261 7.07 -14.85 39.05
C THR B 261 8.57 -14.53 39.12
N ALA B 262 9.30 -14.88 38.07
CA ALA B 262 10.70 -14.47 37.93
C ALA B 262 10.78 -13.16 37.16
N GLY B 263 11.36 -12.15 37.79
CA GLY B 263 11.61 -10.89 37.11
C GLY B 263 10.38 -10.02 36.94
N ASN B 264 10.51 -9.05 36.05
CA ASN B 264 9.52 -7.99 35.84
C ASN B 264 9.47 -7.06 37.06
N VAL B 265 8.67 -7.40 38.06
CA VAL B 265 8.63 -6.63 39.31
C VAL B 265 8.78 -7.54 40.52
N TRP B 266 9.40 -7.02 41.58
CA TRP B 266 9.32 -7.63 42.90
C TRP B 266 7.88 -7.73 43.33
N GLU B 267 7.58 -8.72 44.17
CA GLU B 267 6.22 -8.91 44.68
C GLU B 267 6.21 -9.06 46.22
N TRP B 268 5.38 -8.25 46.85
CA TRP B 268 5.14 -8.29 48.29
C TRP B 268 4.48 -9.61 48.70
N CYS B 269 4.93 -10.16 49.82
CA CYS B 269 4.27 -11.30 50.47
C CYS B 269 3.84 -10.85 51.87
N SER B 270 2.99 -11.64 52.52
CA SER B 270 2.49 -11.29 53.85
C SER B 270 3.52 -11.40 54.99
N ASP B 271 4.55 -12.23 54.80
CA ASP B 271 5.51 -12.55 55.85
C ASP B 271 6.42 -11.40 56.29
N TRP B 272 6.61 -11.27 57.61
CA TRP B 272 7.77 -10.58 58.15
C TRP B 272 9.01 -11.38 57.73
N PHE B 273 10.06 -10.69 57.30
CA PHE B 273 11.30 -11.34 56.91
C PHE B 273 12.17 -11.66 58.11
N SER B 274 12.75 -12.86 58.10
CA SER B 274 13.81 -13.23 59.01
C SER B 274 14.84 -14.09 58.28
N PRO B 275 16.14 -13.81 58.50
CA PRO B 275 17.15 -14.65 57.86
C PRO B 275 17.34 -16.00 58.54
N THR B 276 16.69 -16.21 59.69
CA THR B 276 16.79 -17.50 60.39
C THR B 276 15.46 -18.27 60.47
N TYR B 277 14.42 -17.78 59.80
CA TYR B 277 13.09 -18.40 59.89
C TYR B 277 13.02 -19.82 59.30
N TYR B 278 13.72 -20.06 58.20
CA TYR B 278 13.76 -21.37 57.56
C TYR B 278 14.18 -22.44 58.57
N ALA B 279 15.20 -22.14 59.37
CA ALA B 279 15.67 -23.04 60.43
C ALA B 279 14.65 -23.23 61.56
N GLU B 280 13.78 -22.25 61.74
CA GLU B 280 12.82 -22.25 62.85
C GLU B 280 11.40 -22.64 62.42
N SER B 281 11.20 -22.82 61.12
CA SER B 281 9.87 -22.96 60.53
C SER B 281 9.07 -24.19 60.99
N PRO B 282 7.75 -24.00 61.24
CA PRO B 282 6.84 -25.15 61.33
C PRO B 282 6.64 -25.74 59.93
N THR B 283 6.27 -27.01 59.84
CA THR B 283 6.08 -27.63 58.53
C THR B 283 4.76 -27.23 57.86
N VAL B 284 3.71 -27.09 58.67
CA VAL B 284 2.38 -26.78 58.13
C VAL B 284 2.11 -25.28 58.06
N ASP B 285 1.77 -24.80 56.87
CA ASP B 285 1.33 -23.41 56.63
C ASP B 285 2.19 -22.34 57.35
N PRO B 286 3.49 -22.25 57.04
CA PRO B 286 4.31 -21.26 57.74
C PRO B 286 3.91 -19.85 57.35
N HIS B 287 3.77 -18.98 58.35
CA HIS B 287 3.36 -17.59 58.13
C HIS B 287 4.51 -16.58 58.27
N GLY B 288 5.69 -17.06 58.66
CA GLY B 288 6.78 -16.16 59.00
C GLY B 288 6.76 -15.88 60.50
N PRO B 289 7.77 -15.14 61.00
CA PRO B 289 7.82 -14.77 62.42
C PRO B 289 6.75 -13.73 62.79
N GLY B 290 6.43 -13.65 64.08
CA GLY B 290 5.38 -12.76 64.58
C GLY B 290 5.70 -11.27 64.46
N THR B 291 6.98 -10.94 64.56
CA THR B 291 7.46 -9.57 64.46
C THR B 291 8.59 -9.43 63.42
N GLY B 292 8.88 -8.20 63.04
CA GLY B 292 9.96 -7.92 62.08
C GLY B 292 10.09 -6.45 61.73
N ALA B 293 11.10 -6.13 60.93
CA ALA B 293 11.37 -4.76 60.49
C ALA B 293 10.97 -4.55 59.03
N ALA B 294 11.17 -5.59 58.23
CA ALA B 294 10.84 -5.57 56.80
C ALA B 294 9.95 -6.76 56.44
N ARG B 295 9.05 -6.55 55.48
CA ARG B 295 8.18 -7.62 54.96
C ARG B 295 8.86 -8.26 53.76
N VAL B 296 8.56 -9.55 53.52
CA VAL B 296 9.18 -10.34 52.47
C VAL B 296 8.85 -9.84 51.07
N LEU B 297 9.85 -9.96 50.19
CA LEU B 297 9.79 -9.63 48.77
C LEU B 297 10.25 -10.84 48.00
N ARG B 298 9.52 -11.18 46.94
CA ARG B 298 9.96 -12.30 46.08
C ARG B 298 9.99 -11.94 44.59
N GLY B 299 10.88 -12.59 43.84
CA GLY B 299 10.76 -12.59 42.38
C GLY B 299 11.89 -12.02 41.57
N GLY B 300 12.52 -10.96 42.09
CA GLY B 300 13.43 -10.17 41.27
C GLY B 300 12.66 -9.23 40.33
N SER B 301 13.40 -8.39 39.61
CA SER B 301 12.76 -7.42 38.74
C SER B 301 13.50 -7.21 37.44
N TYR B 302 12.99 -6.31 36.63
CA TYR B 302 13.63 -5.92 35.37
C TYR B 302 15.01 -5.27 35.53
N LEU B 303 15.45 -5.01 36.77
CA LEU B 303 16.80 -4.47 37.03
C LEU B 303 17.84 -5.50 37.42
N CYS B 304 17.40 -6.75 37.66
N CYS B 304 17.40 -6.74 37.66
CA CYS B 304 18.31 -7.82 38.11
CA CYS B 304 18.33 -7.79 38.07
C CYS B 304 19.28 -8.25 37.01
C CYS B 304 19.30 -8.21 36.97
N HIS B 305 20.59 -8.08 37.28
CA HIS B 305 21.64 -8.53 36.38
C HIS B 305 22.66 -9.26 37.24
N ASP B 306 23.12 -10.42 36.77
CA ASP B 306 24.00 -11.31 37.55
C ASP B 306 25.38 -10.76 37.89
N SER B 307 25.65 -9.51 37.52
CA SER B 307 26.88 -8.85 37.92
C SER B 307 26.77 -8.36 39.37
N TYR B 308 25.53 -8.16 39.83
CA TYR B 308 25.27 -7.64 41.17
C TYR B 308 24.03 -8.26 41.82
N CYS B 309 23.29 -9.07 41.04
N CYS B 309 23.28 -9.02 41.02
CA CYS B 309 21.94 -9.51 41.42
CA CYS B 309 22.02 -9.59 41.43
C CYS B 309 21.49 -10.86 40.82
C CYS B 309 21.90 -11.06 40.99
N ASN B 310 21.02 -11.78 41.67
CA ASN B 310 20.60 -13.12 41.24
C ASN B 310 19.25 -13.44 41.86
N ARG B 311 18.46 -12.39 42.08
CA ARG B 311 17.21 -12.47 42.83
C ARG B 311 16.05 -13.07 42.02
N TYR B 312 16.28 -13.37 40.74
CA TYR B 312 15.26 -13.98 39.88
C TYR B 312 15.18 -15.50 40.04
N ARG B 313 16.12 -16.07 40.79
CA ARG B 313 16.14 -17.49 41.14
C ARG B 313 14.92 -17.78 42.01
N VAL B 314 14.27 -18.92 41.76
CA VAL B 314 13.00 -19.21 42.42
C VAL B 314 13.11 -19.22 43.95
N ALA B 315 14.30 -19.51 44.47
CA ALA B 315 14.50 -19.61 45.90
C ALA B 315 14.90 -18.29 46.53
N ALA B 316 15.22 -17.31 45.69
CA ALA B 316 15.80 -16.05 46.16
C ALA B 316 14.77 -15.30 46.95
N ARG B 317 15.22 -14.66 48.02
CA ARG B 317 14.31 -13.86 48.82
C ARG B 317 14.96 -12.55 49.22
N SER B 318 14.12 -11.57 49.53
CA SER B 318 14.57 -10.27 49.94
C SER B 318 13.47 -9.70 50.83
N SER B 319 13.63 -8.45 51.26
CA SER B 319 12.63 -7.78 52.08
C SER B 319 12.66 -6.26 51.89
N ASN B 320 11.73 -5.57 52.54
CA ASN B 320 11.66 -4.10 52.46
C ASN B 320 10.69 -3.58 53.50
N THR B 321 11.00 -2.42 54.07
CA THR B 321 10.12 -1.71 55.00
C THR B 321 8.73 -1.59 54.39
N PRO B 322 7.67 -1.91 55.17
CA PRO B 322 6.32 -2.04 54.58
C PRO B 322 5.73 -0.77 53.99
N ASP B 323 6.29 0.39 54.31
CA ASP B 323 5.81 1.65 53.73
C ASP B 323 6.65 2.15 52.54
N SER B 324 7.59 1.32 52.10
CA SER B 324 8.46 1.65 50.97
C SER B 324 7.81 1.33 49.63
N SER B 325 8.20 2.07 48.61
CA SER B 325 7.68 1.90 47.25
C SER B 325 8.77 2.18 46.25
N SER B 326 8.65 1.59 45.05
CA SER B 326 9.58 1.88 43.96
C SER B 326 9.01 1.46 42.61
N GLY B 327 9.71 1.88 41.57
CA GLY B 327 9.29 1.61 40.20
C GLY B 327 9.39 0.17 39.74
N ASN B 328 10.00 -0.70 40.55
CA ASN B 328 10.17 -2.11 40.18
C ASN B 328 9.55 -3.08 41.20
N LEU B 329 8.58 -2.60 41.96
CA LEU B 329 7.99 -3.36 43.04
C LEU B 329 6.46 -3.32 42.97
N GLY B 330 5.86 -4.49 42.80
CA GLY B 330 4.43 -4.67 42.74
C GLY B 330 3.99 -5.79 43.67
N PHE B 331 2.95 -6.51 43.26
CA PHE B 331 2.39 -7.64 44.05
C PHE B 331 1.40 -8.47 43.26
N ARG B 332 1.18 -9.71 43.71
CA ARG B 332 0.04 -10.51 43.25
C ARG B 332 -0.71 -11.02 44.48
N CYS B 333 -2.00 -11.26 44.33
CA CYS B 333 -2.81 -11.71 45.46
C CYS B 333 -2.99 -13.23 45.50
N ALA B 334 -3.66 -13.68 46.56
CA ALA B 334 -3.91 -15.07 46.83
C ALA B 334 -5.20 -15.18 47.64
N ASN B 335 -5.54 -16.40 48.07
CA ASN B 335 -6.77 -16.66 48.85
C ASN B 335 -6.77 -18.06 49.45
N ASP B 336 -7.36 -18.19 50.63
CA ASP B 336 -7.67 -19.49 51.22
C ASP B 336 -8.63 -20.24 50.32
N ALA B 337 -8.66 -21.57 50.47
CA ALA B 337 -9.69 -22.37 49.82
C ALA B 337 -10.71 -22.87 50.86
N ASP B 338 -11.51 -23.85 50.46
CA ASP B 338 -12.21 -24.79 51.36
C ASP B 338 -12.14 -26.20 50.74
N PRO C 52 -5.79 18.64 18.70
CA PRO C 52 -5.21 19.49 19.74
C PRO C 52 -3.78 19.06 20.12
N ARG C 53 -2.93 20.06 20.37
CA ARG C 53 -1.49 19.85 20.62
C ARG C 53 -1.19 18.88 21.77
N SER C 54 -0.14 18.08 21.60
CA SER C 54 0.31 17.15 22.65
C SER C 54 1.83 16.98 22.68
N THR C 55 2.42 17.08 23.87
CA THR C 55 3.86 16.87 24.04
C THR C 55 4.11 15.56 24.81
N ARG C 56 3.11 14.68 24.80
CA ARG C 56 3.24 13.38 25.44
C ARG C 56 4.42 12.58 24.83
N GLY C 57 5.29 12.10 25.71
CA GLY C 57 6.47 11.34 25.31
C GLY C 57 7.56 12.15 24.64
N GLN C 58 7.47 13.47 24.71
CA GLN C 58 8.45 14.36 24.07
C GLN C 58 9.30 15.08 25.12
N VAL C 59 10.54 15.38 24.76
CA VAL C 59 11.41 16.23 25.58
C VAL C 59 11.54 17.62 24.96
N ARG C 60 11.58 18.64 25.82
CA ARG C 60 11.76 20.02 25.36
C ARG C 60 13.24 20.38 25.33
N LEU C 61 13.72 20.72 24.13
CA LEU C 61 15.12 21.04 23.94
C LEU C 61 15.31 22.56 23.77
N PRO C 62 16.43 23.09 24.30
CA PRO C 62 16.63 24.55 24.30
C PRO C 62 16.93 25.12 22.92
N GLY C 63 17.47 24.31 22.01
CA GLY C 63 17.86 24.79 20.69
C GLY C 63 19.08 25.69 20.75
N GLY C 64 19.05 26.77 19.99
CA GLY C 64 20.22 27.63 19.82
C GLY C 64 21.01 27.21 18.59
N GLU C 65 22.30 27.56 18.60
CA GLU C 65 23.20 27.31 17.48
C GLU C 65 23.92 25.98 17.58
N PHE C 66 24.15 25.36 16.43
CA PHE C 66 24.98 24.15 16.32
C PHE C 66 25.54 24.02 14.90
N ALA C 67 26.66 23.31 14.78
CA ALA C 67 27.28 23.04 13.48
C ALA C 67 26.67 21.79 12.85
N MET C 68 25.77 22.00 11.89
CA MET C 68 25.07 20.91 11.22
C MET C 68 25.88 20.38 10.04
N GLY C 69 26.00 19.06 9.95
CA GLY C 69 26.70 18.44 8.82
C GLY C 69 27.91 17.61 9.22
N ASP C 70 28.54 16.99 8.22
CA ASP C 70 29.63 16.05 8.44
C ASP C 70 30.98 16.77 8.56
N ALA C 71 31.54 16.73 9.77
CA ALA C 71 32.85 17.34 10.04
C ALA C 71 33.98 16.50 9.45
N PHE C 72 33.75 15.19 9.35
CA PHE C 72 34.78 14.21 9.02
C PHE C 72 34.88 13.89 7.53
N GLY C 73 33.87 14.27 6.75
CA GLY C 73 33.85 14.00 5.31
C GLY C 73 33.81 12.52 4.95
N GLU C 74 33.10 11.74 5.75
CA GLU C 74 33.04 10.28 5.59
C GLU C 74 31.94 9.80 4.64
N GLY C 75 30.98 10.69 4.36
CA GLY C 75 29.87 10.36 3.47
C GLY C 75 30.25 10.55 2.02
N TYR C 76 29.24 10.56 1.16
CA TYR C 76 29.48 10.58 -0.29
C TYR C 76 28.87 11.82 -0.94
N PRO C 77 29.51 12.32 -2.01
CA PRO C 77 29.12 13.61 -2.59
C PRO C 77 27.62 13.75 -2.87
N ALA C 78 26.97 12.65 -3.28
CA ALA C 78 25.54 12.69 -3.61
C ALA C 78 24.64 12.85 -2.39
N ASP C 79 25.20 12.57 -1.21
CA ASP C 79 24.47 12.73 0.04
C ASP C 79 24.29 14.20 0.44
N GLY C 80 25.24 15.05 0.01
CA GLY C 80 25.24 16.47 0.37
C GLY C 80 25.27 16.74 1.87
N GLU C 81 26.20 16.06 2.55
CA GLU C 81 26.37 16.19 3.99
C GLU C 81 27.29 17.37 4.38
N THR C 82 27.82 18.03 3.35
CA THR C 82 28.66 19.22 3.53
C THR C 82 28.13 20.34 2.64
N PRO C 83 28.49 21.60 2.94
CA PRO C 83 29.40 22.07 4.00
C PRO C 83 28.81 21.97 5.40
N VAL C 84 29.68 21.88 6.40
CA VAL C 84 29.26 22.10 7.78
C VAL C 84 28.81 23.56 7.83
N HIS C 85 27.67 23.79 8.48
CA HIS C 85 27.05 25.12 8.52
C HIS C 85 26.35 25.33 9.84
N THR C 86 26.41 26.57 10.31
CA THR C 86 25.74 26.94 11.56
C THR C 86 24.25 27.07 11.31
N VAL C 87 23.49 26.47 12.21
CA VAL C 87 22.03 26.54 12.20
C VAL C 87 21.60 27.03 13.58
N ARG C 88 20.68 27.99 13.59
CA ARG C 88 20.03 28.42 14.81
C ARG C 88 18.61 27.87 14.87
N LEU C 89 18.31 27.18 15.97
CA LEU C 89 17.01 26.59 16.20
C LEU C 89 16.32 27.24 17.38
N ARG C 90 15.03 27.48 17.26
CA ARG C 90 14.24 27.87 18.43
C ARG C 90 13.99 26.63 19.29
N PRO C 91 13.74 26.84 20.60
CA PRO C 91 13.34 25.68 21.41
C PRO C 91 12.16 24.93 20.78
N PHE C 92 12.18 23.61 20.93
CA PHE C 92 11.17 22.75 20.33
C PHE C 92 11.05 21.47 21.13
N HIS C 93 10.02 20.68 20.83
CA HIS C 93 9.85 19.37 21.45
C HIS C 93 10.10 18.27 20.42
N ILE C 94 10.66 17.15 20.88
CA ILE C 94 10.87 15.98 20.05
C ILE C 94 10.66 14.71 20.86
N ASP C 95 10.11 13.67 20.20
CA ASP C 95 9.88 12.36 20.82
C ASP C 95 11.17 11.77 21.37
N GLU C 96 11.10 11.26 22.59
CA GLU C 96 12.23 10.56 23.18
C GLU C 96 12.47 9.21 22.48
N THR C 97 11.43 8.65 21.87
CA THR C 97 11.53 7.40 21.08
C THR C 97 10.85 7.52 19.72
N ALA C 98 11.15 6.57 18.84
CA ALA C 98 10.38 6.36 17.62
C ALA C 98 8.94 5.99 17.98
N VAL C 99 8.01 6.26 17.09
CA VAL C 99 6.62 5.86 17.29
C VAL C 99 6.52 4.33 17.40
N THR C 100 5.84 3.86 18.44
CA THR C 100 5.68 2.44 18.71
C THR C 100 4.52 1.84 17.94
N ASN C 101 4.46 0.52 17.86
CA ASN C 101 3.32 -0.18 17.27
C ASN C 101 2.01 0.13 18.00
N ALA C 102 2.05 0.09 19.32
CA ALA C 102 0.87 0.35 20.14
C ALA C 102 0.27 1.72 19.83
N ARG C 103 1.13 2.73 19.68
CA ARG C 103 0.69 4.09 19.44
C ARG C 103 0.13 4.26 18.02
N PHE C 104 0.78 3.63 17.04
CA PHE C 104 0.27 3.66 15.67
C PHE C 104 -1.07 2.94 15.60
N ALA C 105 -1.17 1.81 16.30
CA ALA C 105 -2.41 1.03 16.37
C ALA C 105 -3.58 1.85 16.90
N ALA C 106 -3.31 2.68 17.92
CA ALA C 106 -4.31 3.61 18.47
C ALA C 106 -4.77 4.63 17.42
N PHE C 107 -3.82 5.13 16.63
CA PHE C 107 -4.09 6.05 15.52
C PHE C 107 -5.01 5.42 14.48
N VAL C 108 -4.66 4.20 14.05
CA VAL C 108 -5.41 3.47 13.02
C VAL C 108 -6.80 3.14 13.52
N LYS C 109 -6.89 2.70 14.76
CA LYS C 109 -8.18 2.39 15.39
C LYS C 109 -9.10 3.60 15.40
N ALA C 110 -8.56 4.76 15.73
CA ALA C 110 -9.35 5.99 15.85
C ALA C 110 -9.75 6.58 14.49
N THR C 111 -8.87 6.46 13.50
CA THR C 111 -9.03 7.15 12.22
C THR C 111 -9.45 6.23 11.08
N GLY C 112 -9.13 4.95 11.20
CA GLY C 112 -9.36 3.99 10.11
C GLY C 112 -8.36 4.23 8.99
N HIS C 113 -7.22 4.83 9.35
CA HIS C 113 -6.18 5.15 8.38
C HIS C 113 -5.71 3.93 7.64
N VAL C 114 -5.67 4.03 6.32
CA VAL C 114 -5.10 2.97 5.51
C VAL C 114 -3.73 3.42 5.05
N THR C 115 -2.70 2.65 5.42
CA THR C 115 -1.33 3.00 5.06
C THR C 115 -1.10 2.83 3.56
N ASP C 116 -0.09 3.54 3.04
CA ASP C 116 0.32 3.40 1.64
C ASP C 116 0.64 1.94 1.27
N ALA C 117 1.28 1.20 2.19
CA ALA C 117 1.65 -0.20 1.95
C ALA C 117 0.44 -1.10 1.68
N GLU C 118 -0.65 -0.84 2.40
CA GLU C 118 -1.91 -1.55 2.20
C GLU C 118 -2.59 -1.15 0.90
N ARG C 119 -2.50 0.13 0.56
CA ARG C 119 -3.10 0.65 -0.66
C ARG C 119 -2.36 0.10 -1.87
N PHE C 120 -1.03 0.07 -1.78
CA PHE C 120 -0.19 -0.51 -2.82
C PHE C 120 -0.36 -2.02 -2.87
N GLY C 121 -0.46 -2.64 -1.70
CA GLY C 121 -0.74 -4.07 -1.60
C GLY C 121 0.48 -4.93 -1.29
N SER C 122 1.64 -4.28 -1.20
CA SER C 122 2.90 -4.94 -0.87
C SER C 122 3.87 -3.93 -0.27
N SER C 123 4.87 -4.43 0.46
CA SER C 123 5.93 -3.60 1.00
C SER C 123 7.24 -4.39 1.02
N ALA C 124 8.35 -3.71 1.27
CA ALA C 124 9.68 -4.33 1.23
C ALA C 124 10.07 -5.00 2.55
N VAL C 125 10.45 -6.27 2.46
CA VAL C 125 10.84 -7.07 3.63
C VAL C 125 12.22 -7.68 3.36
N PHE C 126 13.12 -7.54 4.33
CA PHE C 126 14.45 -8.12 4.22
C PHE C 126 14.32 -9.63 4.10
N HIS C 127 15.04 -10.20 3.14
CA HIS C 127 14.88 -11.59 2.70
C HIS C 127 14.94 -12.63 3.81
N LEU C 128 15.78 -12.39 4.82
CA LEU C 128 15.98 -13.38 5.88
C LEU C 128 14.78 -13.50 6.81
N VAL C 129 13.98 -12.45 6.95
CA VAL C 129 12.86 -12.46 7.89
C VAL C 129 11.49 -12.71 7.25
N VAL C 130 11.47 -12.98 5.95
CA VAL C 130 10.23 -13.14 5.20
C VAL C 130 9.39 -14.31 5.74
N ALA C 131 8.23 -13.97 6.32
CA ALA C 131 7.28 -14.96 6.81
C ALA C 131 5.97 -14.86 6.01
N ALA C 132 5.93 -15.57 4.89
CA ALA C 132 4.81 -15.50 3.96
C ALA C 132 4.80 -16.72 3.04
N PRO C 133 3.62 -17.11 2.53
CA PRO C 133 3.58 -18.16 1.51
C PRO C 133 4.25 -17.72 0.22
N ASP C 134 4.66 -18.68 -0.60
CA ASP C 134 5.36 -18.43 -1.87
C ASP C 134 4.61 -17.46 -2.79
N ALA C 135 3.28 -17.53 -2.76
CA ALA C 135 2.40 -16.76 -3.65
C ALA C 135 2.47 -15.25 -3.43
N ASP C 136 2.73 -14.83 -2.19
CA ASP C 136 2.82 -13.42 -1.82
C ASP C 136 4.19 -12.79 -2.14
N VAL C 137 5.22 -13.64 -2.23
CA VAL C 137 6.55 -13.19 -2.66
C VAL C 137 6.46 -12.76 -4.13
N LEU C 138 6.38 -11.45 -4.34
CA LEU C 138 6.21 -10.89 -5.69
C LEU C 138 7.55 -10.85 -6.44
N GLY C 139 8.64 -10.91 -5.67
CA GLY C 139 9.99 -10.88 -6.24
C GLY C 139 10.84 -9.95 -5.40
N SER C 140 12.06 -9.69 -5.86
CA SER C 140 12.97 -8.82 -5.12
C SER C 140 13.21 -7.50 -5.84
N ALA C 141 13.77 -6.55 -5.09
CA ALA C 141 14.10 -5.24 -5.60
C ALA C 141 15.25 -5.35 -6.58
N ALA C 142 15.03 -4.83 -7.80
CA ALA C 142 16.09 -4.75 -8.78
C ALA C 142 17.22 -3.91 -8.19
N GLY C 143 18.45 -4.38 -8.38
CA GLY C 143 19.62 -3.72 -7.81
C GLY C 143 19.80 -3.85 -6.31
N ALA C 144 18.84 -4.52 -5.65
CA ALA C 144 18.93 -4.77 -4.20
C ALA C 144 18.17 -6.06 -3.85
N PRO C 145 18.71 -7.22 -4.29
CA PRO C 145 18.04 -8.52 -4.23
C PRO C 145 17.69 -9.02 -2.82
N TRP C 146 18.26 -8.40 -1.80
CA TRP C 146 17.98 -8.77 -0.42
C TRP C 146 16.69 -8.10 0.09
N TRP C 147 16.14 -7.19 -0.69
CA TRP C 147 14.81 -6.63 -0.41
C TRP C 147 13.74 -7.35 -1.23
N ILE C 148 12.81 -7.96 -0.53
CA ILE C 148 11.76 -8.76 -1.18
C ILE C 148 10.45 -7.98 -1.17
N ASN C 149 9.78 -7.95 -2.31
CA ASN C 149 8.43 -7.38 -2.38
C ASN C 149 7.38 -8.41 -1.97
N VAL C 150 6.81 -8.22 -0.78
CA VAL C 150 5.90 -9.18 -0.19
C VAL C 150 4.48 -8.62 -0.17
N ARG C 151 3.57 -9.31 -0.86
CA ARG C 151 2.14 -9.00 -0.84
C ARG C 151 1.60 -9.12 0.59
N GLY C 152 0.94 -8.06 1.07
CA GLY C 152 0.27 -8.08 2.36
C GLY C 152 1.15 -7.72 3.55
N ALA C 153 2.43 -7.46 3.27
CA ALA C 153 3.36 -7.01 4.29
C ALA C 153 3.08 -5.55 4.60
N HIS C 154 2.65 -5.29 5.83
CA HIS C 154 2.35 -3.94 6.28
C HIS C 154 2.62 -3.85 7.78
N TRP C 155 2.33 -2.69 8.37
CA TRP C 155 2.71 -2.41 9.76
C TRP C 155 2.25 -3.48 10.77
N ARG C 156 1.05 -4.01 10.57
CA ARG C 156 0.46 -5.02 11.47
C ARG C 156 1.07 -6.40 11.27
N ARG C 157 1.64 -6.63 10.09
CA ARG C 157 2.22 -7.92 9.71
C ARG C 157 3.53 -7.66 8.96
N PRO C 158 4.58 -7.26 9.70
CA PRO C 158 5.82 -6.69 9.14
C PRO C 158 6.65 -7.62 8.26
N GLU C 159 6.51 -8.93 8.47
CA GLU C 159 7.28 -9.89 7.71
C GLU C 159 6.44 -10.59 6.65
N GLY C 160 5.16 -10.23 6.56
CA GLY C 160 4.24 -10.88 5.65
C GLY C 160 3.06 -11.51 6.37
N ALA C 161 2.16 -12.14 5.62
CA ALA C 161 0.90 -12.68 6.14
C ALA C 161 1.05 -13.57 7.38
N ARG C 162 2.13 -14.36 7.43
CA ARG C 162 2.38 -15.28 8.53
C ARG C 162 3.03 -14.63 9.76
N SER C 163 3.04 -13.30 9.81
CA SER C 163 3.60 -12.60 10.95
C SER C 163 2.54 -11.74 11.62
N ASP C 164 2.81 -11.38 12.88
CA ASP C 164 2.00 -10.38 13.57
C ASP C 164 2.88 -9.66 14.58
N ILE C 165 2.35 -8.59 15.17
CA ILE C 165 3.09 -7.77 16.11
C ILE C 165 2.61 -7.92 17.57
N THR C 166 1.93 -9.02 17.87
CA THR C 166 1.37 -9.19 19.21
C THR C 166 2.42 -9.10 20.33
N GLY C 167 3.62 -9.62 20.07
CA GLY C 167 4.72 -9.53 21.03
C GLY C 167 5.59 -8.28 20.89
N ARG C 168 5.21 -7.37 19.99
CA ARG C 168 6.04 -6.20 19.67
C ARG C 168 5.37 -4.81 19.84
N PRO C 169 4.61 -4.59 20.94
CA PRO C 169 3.95 -3.28 21.05
C PRO C 169 4.93 -2.14 21.29
N ASN C 170 6.07 -2.45 21.93
CA ASN C 170 7.10 -1.45 22.25
C ASN C 170 8.23 -1.36 21.21
N HIS C 171 8.03 -2.00 20.06
CA HIS C 171 8.95 -1.86 18.93
C HIS C 171 8.48 -0.72 18.03
N PRO C 172 9.41 -0.15 17.24
CA PRO C 172 9.03 0.93 16.33
C PRO C 172 8.10 0.40 15.24
N VAL C 173 7.06 1.15 14.95
CA VAL C 173 6.17 0.82 13.84
C VAL C 173 6.93 0.95 12.53
N VAL C 174 6.69 0.01 11.61
CA VAL C 174 7.39 0.01 10.33
C VAL C 174 6.38 -0.14 9.20
N HIS C 175 6.89 -0.20 7.97
CA HIS C 175 6.05 -0.17 6.76
C HIS C 175 5.17 1.07 6.72
N VAL C 176 5.68 2.16 7.30
CA VAL C 176 4.98 3.44 7.27
C VAL C 176 5.73 4.40 6.37
N SER C 177 4.98 5.02 5.47
CA SER C 177 5.54 5.96 4.51
C SER C 177 5.54 7.35 5.15
N TRP C 178 6.10 8.31 4.43
CA TRP C 178 6.10 9.71 4.85
C TRP C 178 4.68 10.18 5.10
N ASN C 179 3.75 9.76 4.24
CA ASN C 179 2.35 10.17 4.32
C ASN C 179 1.66 9.60 5.56
N ASP C 180 2.02 8.38 5.94
CA ASP C 180 1.47 7.74 7.13
C ASP C 180 2.05 8.41 8.35
N ALA C 181 3.36 8.68 8.29
CA ALA C 181 4.08 9.36 9.37
C ALA C 181 3.51 10.75 9.63
N THR C 182 3.24 11.49 8.54
CA THR C 182 2.72 12.85 8.61
C THR C 182 1.27 12.85 9.09
N ALA C 183 0.47 11.90 8.62
CA ALA C 183 -0.91 11.74 9.12
C ALA C 183 -0.91 11.38 10.61
N TYR C 184 -0.07 10.42 11.02
CA TYR C 184 0.04 10.06 12.44
C TYR C 184 0.35 11.28 13.29
N ALA C 185 1.35 12.04 12.84
CA ALA C 185 1.83 13.22 13.56
C ALA C 185 0.71 14.22 13.83
N ARG C 186 -0.08 14.56 12.81
CA ARG C 186 -1.13 15.57 13.00
C ARG C 186 -2.37 15.11 13.80
N TRP C 187 -2.71 13.82 13.72
CA TRP C 187 -3.74 13.23 14.60
C TRP C 187 -3.29 13.29 16.06
N ALA C 188 -2.00 13.04 16.29
CA ALA C 188 -1.42 12.98 17.61
C ALA C 188 -1.22 14.36 18.27
N GLY C 189 -1.49 15.44 17.53
CA GLY C 189 -1.27 16.79 18.06
C GLY C 189 0.22 17.10 18.10
N LYS C 190 0.91 16.62 17.06
CA LYS C 190 2.35 16.77 16.88
C LYS C 190 2.62 17.03 15.39
N ARG C 191 3.90 17.01 15.02
CA ARG C 191 4.33 17.09 13.62
C ARG C 191 5.62 16.27 13.48
N LEU C 192 6.12 16.12 12.25
CA LEU C 192 7.45 15.58 12.03
C LEU C 192 8.53 16.63 12.33
N PRO C 193 9.71 16.19 12.79
CA PRO C 193 10.79 17.16 12.96
C PRO C 193 11.36 17.58 11.60
N THR C 194 12.04 18.73 11.56
CA THR C 194 12.85 19.06 10.41
C THR C 194 14.17 18.29 10.50
N GLU C 195 14.90 18.23 9.39
CA GLU C 195 16.19 17.55 9.38
C GLU C 195 17.16 18.19 10.37
N ALA C 196 17.13 19.52 10.47
CA ALA C 196 18.01 20.27 11.36
C ALA C 196 17.71 19.94 12.83
N GLU C 197 16.42 19.95 13.18
CA GLU C 197 15.96 19.54 14.49
C GLU C 197 16.35 18.11 14.82
N TRP C 198 16.18 17.23 13.84
CA TRP C 198 16.55 15.83 14.01
C TRP C 198 18.05 15.72 14.34
N GLU C 199 18.92 16.31 13.53
CA GLU C 199 20.36 16.23 13.78
C GLU C 199 20.77 16.85 15.12
N TYR C 200 20.26 18.06 15.38
CA TYR C 200 20.51 18.75 16.63
C TYR C 200 20.17 17.85 17.82
N ALA C 201 18.93 17.31 17.82
CA ALA C 201 18.47 16.45 18.89
C ALA C 201 19.29 15.15 18.96
N ALA C 202 19.61 14.59 17.79
CA ALA C 202 20.41 13.36 17.75
C ALA C 202 21.82 13.57 18.28
N ARG C 203 22.35 14.78 18.11
CA ARG C 203 23.70 15.10 18.59
C ARG C 203 23.82 15.08 20.12
N GLY C 204 22.69 15.30 20.81
CA GLY C 204 22.59 15.14 22.26
C GLY C 204 23.40 16.10 23.12
N GLY C 205 23.52 17.34 22.68
CA GLY C 205 24.25 18.36 23.44
C GLY C 205 25.74 18.39 23.13
N LEU C 206 26.20 17.45 22.31
CA LEU C 206 27.60 17.36 21.92
C LEU C 206 27.84 18.04 20.57
N ALA C 207 29.01 18.63 20.40
CA ALA C 207 29.35 19.37 19.21
C ALA C 207 30.36 18.61 18.36
N GLY C 208 30.05 18.48 17.07
CA GLY C 208 30.97 17.95 16.06
C GLY C 208 31.40 16.51 16.20
N ARG C 209 30.61 15.71 16.91
CA ARG C 209 30.93 14.30 17.09
C ARG C 209 30.46 13.43 15.94
N ARG C 210 31.09 12.25 15.80
CA ARG C 210 30.75 11.29 14.74
C ARG C 210 29.39 10.64 14.96
N TYR C 211 29.09 10.29 16.21
CA TYR C 211 27.84 9.63 16.59
C TYR C 211 27.12 10.39 17.70
N ALA C 212 25.91 9.95 18.03
CA ALA C 212 25.10 10.58 19.08
C ALA C 212 25.82 10.67 20.44
N TRP C 213 26.76 9.74 20.69
CA TRP C 213 27.38 9.58 22.01
C TRP C 213 28.87 9.96 22.08
N GLY C 214 29.48 10.24 20.93
CA GLY C 214 30.91 10.47 20.84
C GLY C 214 31.45 10.06 19.49
N ASP C 215 32.76 9.82 19.41
CA ASP C 215 33.43 9.55 18.12
C ASP C 215 33.66 8.07 17.83
N GLU C 216 33.56 7.25 18.86
CA GLU C 216 33.78 5.81 18.72
C GLU C 216 32.46 5.08 18.57
N LEU C 217 32.38 4.18 17.60
CA LEU C 217 31.16 3.41 17.33
C LEU C 217 30.77 2.54 18.53
N THR C 218 31.76 1.81 19.06
CA THR C 218 31.55 0.94 20.21
C THR C 218 32.48 1.32 21.36
N PRO C 219 32.08 2.33 22.17
CA PRO C 219 32.86 2.78 23.32
C PRO C 219 33.10 1.65 24.33
N GLY C 220 34.35 1.45 24.71
CA GLY C 220 34.70 0.33 25.60
C GLY C 220 34.58 -1.02 24.91
N GLY C 221 34.34 -1.01 23.60
CA GLY C 221 34.17 -2.23 22.82
C GLY C 221 32.82 -2.87 23.03
N ARG C 222 31.80 -2.04 23.28
CA ARG C 222 30.44 -2.52 23.48
C ARG C 222 29.45 -1.79 22.61
N TRP C 223 28.35 -2.46 22.28
CA TRP C 223 27.29 -1.87 21.46
C TRP C 223 26.32 -0.99 22.25
N ARG C 224 25.83 0.03 21.56
CA ARG C 224 25.04 1.09 22.14
C ARG C 224 23.89 1.44 21.18
N CYS C 225 23.84 0.70 20.07
CA CYS C 225 22.79 0.89 19.06
C CYS C 225 22.59 -0.43 18.32
N ASN C 226 21.45 -0.51 17.63
CA ASN C 226 21.08 -1.69 16.87
C ASN C 226 21.33 -1.50 15.38
N ILE C 227 22.45 -2.03 14.91
CA ILE C 227 22.76 -2.07 13.49
C ILE C 227 23.05 -3.51 13.06
N TRP C 228 23.83 -3.71 12.00
CA TRP C 228 24.17 -5.06 11.53
C TRP C 228 25.65 -5.39 11.84
N GLN C 229 25.88 -6.59 12.36
CA GLN C 229 27.24 -7.15 12.45
C GLN C 229 27.26 -8.50 11.76
N GLY C 230 28.36 -8.81 11.08
CA GLY C 230 28.51 -10.06 10.34
C GLY C 230 28.58 -9.80 8.85
N ARG C 231 28.49 -10.88 8.06
CA ARG C 231 28.56 -10.76 6.60
C ARG C 231 27.17 -10.47 6.00
N PHE C 232 26.90 -9.18 5.79
CA PHE C 232 25.68 -8.72 5.12
C PHE C 232 25.73 -9.13 3.64
N PRO C 233 24.57 -9.51 3.05
CA PRO C 233 23.23 -9.60 3.62
C PRO C 233 22.90 -11.00 4.14
N HIS C 234 23.92 -11.80 4.40
CA HIS C 234 23.71 -13.22 4.64
C HIS C 234 23.75 -13.66 6.09
N VAL C 235 24.66 -13.09 6.86
CA VAL C 235 24.82 -13.52 8.25
C VAL C 235 24.81 -12.32 9.18
N ASN C 236 23.96 -12.39 10.19
CA ASN C 236 23.90 -11.39 11.24
C ASN C 236 24.25 -12.07 12.55
N THR C 237 25.35 -11.64 13.16
CA THR C 237 25.83 -12.28 14.39
C THR C 237 25.08 -11.81 15.63
N ALA C 238 24.19 -10.84 15.46
CA ALA C 238 23.40 -10.25 16.56
C ALA C 238 24.29 -9.87 17.75
N GLU C 239 25.41 -9.25 17.44
CA GLU C 239 26.40 -8.82 18.41
C GLU C 239 25.84 -7.71 19.31
N ASP C 240 25.02 -6.84 18.73
CA ASP C 240 24.39 -5.77 19.49
C ASP C 240 23.12 -6.21 20.25
N GLY C 241 22.88 -7.53 20.26
CA GLY C 241 21.73 -8.11 20.96
C GLY C 241 20.43 -8.28 20.18
N HIS C 242 20.38 -7.78 18.95
CA HIS C 242 19.15 -7.82 18.16
C HIS C 242 19.38 -8.14 16.68
N LEU C 243 18.62 -9.08 16.16
CA LEU C 243 18.62 -9.41 14.73
C LEU C 243 17.80 -8.39 13.93
N SER C 244 16.56 -8.19 14.34
CA SER C 244 15.64 -7.29 13.63
C SER C 244 15.46 -5.99 14.43
N THR C 245 14.24 -5.43 14.46
CA THR C 245 13.99 -4.25 15.29
C THR C 245 14.17 -4.58 16.77
N ALA C 246 14.64 -3.59 17.52
CA ALA C 246 14.75 -3.68 18.97
C ALA C 246 13.61 -2.84 19.56
N PRO C 247 13.27 -3.08 20.84
CA PRO C 247 12.33 -2.19 21.51
C PRO C 247 12.83 -0.74 21.47
N VAL C 248 11.90 0.21 21.45
CA VAL C 248 12.24 1.64 21.27
C VAL C 248 13.15 2.21 22.35
N LYS C 249 13.12 1.61 23.53
CA LYS C 249 14.01 2.03 24.61
C LYS C 249 15.13 1.03 24.91
N SER C 250 15.85 0.64 23.87
CA SER C 250 17.03 -0.21 24.02
C SER C 250 18.29 0.62 24.29
N TYR C 251 19.20 0.02 25.06
CA TYR C 251 20.54 0.55 25.36
C TYR C 251 20.50 1.67 26.40
N ARG C 252 20.55 2.93 25.93
CA ARG C 252 20.52 4.11 26.78
C ARG C 252 20.27 5.33 25.89
N PRO C 253 19.69 6.41 26.43
CA PRO C 253 19.42 7.54 25.55
C PRO C 253 20.67 8.41 25.36
N ASN C 254 20.60 9.35 24.41
CA ASN C 254 21.67 10.35 24.23
C ASN C 254 21.55 11.48 25.26
N GLY C 255 22.43 12.48 25.15
CA GLY C 255 22.48 13.58 26.12
C GLY C 255 21.25 14.46 26.17
N HIS C 256 20.38 14.34 25.15
CA HIS C 256 19.10 15.04 25.16
C HIS C 256 17.92 14.17 25.61
N GLY C 257 18.21 12.89 25.88
CA GLY C 257 17.20 11.95 26.32
C GLY C 257 16.46 11.27 25.18
N LEU C 258 17.03 11.32 23.97
CA LEU C 258 16.48 10.59 22.83
C LEU C 258 17.07 9.18 22.74
N TRP C 259 16.19 8.20 22.60
CA TRP C 259 16.59 6.80 22.45
C TRP C 259 16.64 6.40 20.98
N ASN C 260 17.75 5.76 20.58
CA ASN C 260 17.90 5.10 19.28
C ASN C 260 17.77 5.96 18.01
N THR C 261 18.40 7.14 18.02
CA THR C 261 18.47 7.97 16.84
C THR C 261 19.39 7.30 15.83
N ALA C 262 20.38 6.58 16.34
CA ALA C 262 21.28 5.80 15.51
C ALA C 262 20.84 4.34 15.51
N GLY C 263 20.64 3.79 14.31
CA GLY C 263 20.24 2.40 14.18
C GLY C 263 18.77 2.18 14.48
N ASN C 264 18.44 0.89 14.58
CA ASN C 264 17.08 0.39 14.75
C ASN C 264 16.25 0.60 13.49
N VAL C 265 15.60 1.75 13.36
CA VAL C 265 14.87 2.08 12.14
C VAL C 265 15.22 3.45 11.57
N TRP C 266 15.21 3.57 10.24
CA TRP C 266 15.20 4.88 9.58
C TRP C 266 14.04 5.71 10.11
N GLU C 267 14.20 7.04 10.08
CA GLU C 267 13.20 7.98 10.58
C GLU C 267 12.89 9.08 9.57
N TRP C 268 11.60 9.21 9.20
CA TRP C 268 11.15 10.26 8.30
C TRP C 268 11.28 11.66 8.95
N CYS C 269 11.82 12.59 8.17
CA CYS C 269 11.80 14.02 8.50
C CYS C 269 10.87 14.76 7.54
N SER C 270 10.55 16.02 7.85
CA SER C 270 9.61 16.76 7.01
C SER C 270 10.25 17.32 5.74
N ASP C 271 11.56 17.59 5.81
CA ASP C 271 12.28 18.21 4.69
C ASP C 271 12.18 17.41 3.38
N TRP C 272 12.07 18.13 2.26
CA TRP C 272 12.47 17.61 0.97
C TRP C 272 13.99 17.49 1.00
N PHE C 273 14.52 16.47 0.33
CA PHE C 273 15.96 16.25 0.23
C PHE C 273 16.57 17.03 -0.93
N SER C 274 17.76 17.59 -0.69
CA SER C 274 18.57 18.17 -1.74
C SER C 274 20.03 18.09 -1.32
N PRO C 275 20.91 17.63 -2.23
CA PRO C 275 22.35 17.53 -1.95
C PRO C 275 23.08 18.86 -2.03
N THR C 276 22.36 19.95 -2.30
CA THR C 276 22.93 21.30 -2.34
C THR C 276 22.36 22.22 -1.27
N TYR C 277 21.34 21.74 -0.55
CA TYR C 277 20.67 22.58 0.43
C TYR C 277 21.60 23.11 1.51
N TYR C 278 22.56 22.29 1.95
CA TYR C 278 23.50 22.68 3.02
C TYR C 278 24.27 23.96 2.71
N ALA C 279 24.52 24.20 1.42
CA ALA C 279 25.19 25.40 0.96
C ALA C 279 24.21 26.55 0.72
N GLU C 280 22.91 26.24 0.71
CA GLU C 280 21.87 27.22 0.40
C GLU C 280 20.97 27.52 1.61
N SER C 281 21.28 26.88 2.73
CA SER C 281 20.41 26.90 3.90
C SER C 281 20.27 28.27 4.59
N PRO C 282 19.04 28.58 5.04
CA PRO C 282 18.87 29.73 5.91
C PRO C 282 19.57 29.43 7.23
N THR C 283 19.92 30.46 7.99
CA THR C 283 20.58 30.24 9.26
C THR C 283 19.57 29.82 10.35
N VAL C 284 18.42 30.47 10.41
CA VAL C 284 17.42 30.13 11.42
C VAL C 284 16.31 29.21 10.89
N ASP C 285 16.07 28.11 11.61
CA ASP C 285 14.96 27.19 11.36
C ASP C 285 14.79 26.70 9.91
N PRO C 286 15.82 26.03 9.35
CA PRO C 286 15.74 25.60 7.94
C PRO C 286 14.70 24.50 7.77
N HIS C 287 13.87 24.61 6.74
CA HIS C 287 12.81 23.61 6.50
C HIS C 287 13.06 22.72 5.29
N GLY C 288 14.17 22.94 4.61
CA GLY C 288 14.47 22.24 3.37
C GLY C 288 13.93 23.05 2.22
N PRO C 289 14.26 22.66 0.98
CA PRO C 289 13.80 23.37 -0.22
C PRO C 289 12.28 23.32 -0.40
N GLY C 290 11.76 24.21 -1.24
CA GLY C 290 10.33 24.29 -1.52
C GLY C 290 9.75 23.05 -2.18
N THR C 291 10.53 22.45 -3.08
CA THR C 291 10.12 21.26 -3.81
C THR C 291 11.20 20.18 -3.71
N GLY C 292 10.93 19.03 -4.33
CA GLY C 292 11.84 17.89 -4.28
C GLY C 292 11.20 16.61 -4.79
N ALA C 293 12.00 15.56 -4.91
CA ALA C 293 11.49 14.27 -5.38
C ALA C 293 11.36 13.28 -4.22
N ALA C 294 12.19 13.49 -3.20
CA ALA C 294 12.27 12.57 -2.08
C ALA C 294 12.37 13.32 -0.76
N ARG C 295 11.71 12.76 0.26
CA ARG C 295 11.73 13.32 1.61
C ARG C 295 12.90 12.76 2.39
N VAL C 296 13.43 13.56 3.32
CA VAL C 296 14.59 13.15 4.11
C VAL C 296 14.25 12.03 5.11
N LEU C 297 15.16 11.08 5.23
CA LEU C 297 15.19 10.19 6.39
C LEU C 297 16.58 10.13 7.00
N ARG C 298 16.62 9.89 8.32
CA ARG C 298 17.85 9.91 9.10
C ARG C 298 17.98 8.70 10.02
N GLY C 299 19.23 8.36 10.35
CA GLY C 299 19.52 7.45 11.46
C GLY C 299 20.10 6.10 11.11
N GLY C 300 19.69 5.54 9.98
CA GLY C 300 20.04 4.16 9.67
C GLY C 300 19.19 3.19 10.45
N SER C 301 19.53 1.90 10.37
CA SER C 301 18.65 0.83 10.83
C SER C 301 19.41 -0.43 11.22
N TYR C 302 18.65 -1.44 11.68
CA TYR C 302 19.21 -2.73 12.06
C TYR C 302 19.91 -3.45 10.91
N LEU C 303 19.75 -2.91 9.70
CA LEU C 303 20.35 -3.50 8.50
C LEU C 303 21.68 -2.86 8.06
N CYS C 304 22.07 -1.79 8.74
N CYS C 304 22.06 -1.77 8.72
CA CYS C 304 23.25 -1.02 8.34
CA CYS C 304 23.26 -1.03 8.36
C CYS C 304 24.57 -1.70 8.74
C CYS C 304 24.56 -1.73 8.75
N HIS C 305 25.42 -1.93 7.75
CA HIS C 305 26.74 -2.52 7.95
C HIS C 305 27.75 -1.73 7.12
N ASP C 306 28.92 -1.44 7.69
CA ASP C 306 29.89 -0.52 7.07
C ASP C 306 30.31 -0.91 5.64
N SER C 307 30.11 -2.18 5.29
CA SER C 307 30.47 -2.69 3.96
C SER C 307 29.67 -2.08 2.80
N TYR C 308 28.50 -1.53 3.11
CA TYR C 308 27.66 -0.87 2.11
C TYR C 308 26.95 0.35 2.70
N CYS C 309 27.18 0.62 4.00
N CYS C 309 27.18 0.58 3.99
CA CYS C 309 26.29 1.55 4.73
CA CYS C 309 26.45 1.58 4.73
C CYS C 309 26.82 2.12 6.06
C CYS C 309 27.26 2.13 5.87
N ASN C 310 27.08 3.42 6.11
CA ASN C 310 27.59 4.08 7.33
C ASN C 310 26.59 5.14 7.77
N ARG C 311 25.31 4.87 7.47
CA ARG C 311 24.24 5.84 7.63
C ARG C 311 23.80 6.06 9.09
N TYR C 312 24.42 5.33 10.02
CA TYR C 312 24.16 5.51 11.45
C TYR C 312 24.94 6.68 12.05
N ARG C 313 25.90 7.22 11.30
CA ARG C 313 26.59 8.45 11.65
C ARG C 313 25.57 9.58 11.85
N VAL C 314 25.77 10.38 12.89
CA VAL C 314 24.77 11.39 13.26
C VAL C 314 24.53 12.42 12.15
N ALA C 315 25.53 12.62 11.29
CA ALA C 315 25.45 13.59 10.18
C ALA C 315 25.05 12.96 8.85
N ALA C 316 25.00 11.63 8.81
CA ALA C 316 24.59 10.94 7.60
C ALA C 316 23.14 11.26 7.25
N ARG C 317 22.89 11.46 5.97
CA ARG C 317 21.53 11.72 5.52
C ARG C 317 21.15 10.86 4.33
N SER C 318 19.85 10.65 4.17
CA SER C 318 19.32 9.91 3.06
C SER C 318 17.94 10.46 2.75
N SER C 319 17.26 9.78 1.83
CA SER C 319 15.96 10.19 1.33
C SER C 319 15.27 9.01 0.67
N ASN C 320 13.98 9.15 0.40
CA ASN C 320 13.15 8.11 -0.19
C ASN C 320 11.87 8.77 -0.68
N THR C 321 11.23 8.19 -1.70
CA THR C 321 9.99 8.76 -2.22
C THR C 321 8.89 8.64 -1.15
N PRO C 322 8.07 9.70 -0.98
CA PRO C 322 7.19 9.75 0.20
C PRO C 322 6.13 8.64 0.35
N ASP C 323 5.79 7.95 -0.74
CA ASP C 323 4.81 6.86 -0.65
C ASP C 323 5.45 5.48 -0.40
N SER C 324 6.78 5.47 -0.27
CA SER C 324 7.54 4.24 -0.08
C SER C 324 7.51 3.75 1.38
N SER C 325 7.67 2.43 1.55
CA SER C 325 7.68 1.81 2.87
C SER C 325 8.58 0.58 2.91
N SER C 326 9.10 0.26 4.09
CA SER C 326 9.89 -0.95 4.31
C SER C 326 9.94 -1.35 5.78
N GLY C 327 10.39 -2.57 6.05
CA GLY C 327 10.40 -3.09 7.41
C GLY C 327 11.49 -2.53 8.31
N ASN C 328 12.26 -1.56 7.80
CA ASN C 328 13.34 -0.92 8.58
C ASN C 328 13.21 0.59 8.62
N LEU C 329 12.00 1.08 8.31
CA LEU C 329 11.76 2.50 8.21
C LEU C 329 10.52 2.89 9.01
N GLY C 330 10.74 3.77 9.98
CA GLY C 330 9.67 4.32 10.82
C GLY C 330 9.83 5.83 10.97
N PHE C 331 9.59 6.35 12.17
CA PHE C 331 9.67 7.80 12.41
C PHE C 331 9.48 8.15 13.88
N ARG C 332 9.88 9.37 14.23
CA ARG C 332 9.50 9.98 15.50
C ARG C 332 8.89 11.36 15.27
N CYS C 333 8.10 11.83 16.23
CA CYS C 333 7.42 13.12 16.09
C CYS C 333 8.13 14.23 16.84
N ALA C 334 7.66 15.46 16.59
CA ALA C 334 8.17 16.67 17.21
C ALA C 334 7.04 17.68 17.41
N ASN C 335 7.38 18.88 17.87
CA ASN C 335 6.43 19.97 18.08
C ASN C 335 7.18 21.29 18.30
N ASP C 336 6.55 22.40 17.91
CA ASP C 336 7.08 23.71 18.30
C ASP C 336 6.96 23.84 19.83
N ALA C 337 7.78 24.70 20.41
CA ALA C 337 7.61 25.05 21.81
C ALA C 337 6.61 26.19 21.87
N ASP C 338 5.60 26.03 22.72
CA ASP C 338 4.52 27.03 22.85
C ASP C 338 4.38 27.55 24.25
N PRO D 52 -15.75 -23.14 9.84
CA PRO D 52 -16.69 -22.58 10.81
C PRO D 52 -18.03 -22.20 10.16
N ARG D 53 -18.71 -23.18 9.55
CA ARG D 53 -19.97 -22.96 8.82
C ARG D 53 -21.04 -22.24 9.68
N SER D 54 -21.84 -21.40 9.03
CA SER D 54 -22.95 -20.71 9.71
C SER D 54 -24.13 -20.48 8.77
N THR D 55 -25.32 -20.82 9.24
CA THR D 55 -26.55 -20.53 8.49
C THR D 55 -27.42 -19.50 9.24
N ARG D 56 -26.80 -18.76 10.16
CA ARG D 56 -27.48 -17.71 10.89
C ARG D 56 -28.04 -16.69 9.90
N GLY D 57 -29.32 -16.36 10.05
CA GLY D 57 -29.98 -15.39 9.17
C GLY D 57 -30.25 -15.91 7.77
N GLN D 58 -30.13 -17.22 7.58
CA GLN D 58 -30.35 -17.87 6.28
C GLN D 58 -31.62 -18.73 6.29
N VAL D 59 -32.30 -18.76 5.15
CA VAL D 59 -33.47 -19.60 5.01
C VAL D 59 -33.10 -20.81 4.16
N ARG D 60 -33.53 -22.00 4.57
CA ARG D 60 -33.23 -23.21 3.79
C ARG D 60 -34.34 -23.47 2.78
N LEU D 61 -33.94 -23.55 1.51
CA LEU D 61 -34.85 -23.87 0.40
C LEU D 61 -34.44 -25.21 -0.22
N PRO D 62 -35.42 -26.07 -0.52
CA PRO D 62 -35.12 -27.41 -1.02
C PRO D 62 -34.74 -27.44 -2.49
N GLY D 63 -34.96 -26.32 -3.18
CA GLY D 63 -34.63 -26.18 -4.60
C GLY D 63 -35.63 -26.90 -5.48
N GLY D 64 -35.13 -27.75 -6.36
CA GLY D 64 -35.98 -28.38 -7.37
C GLY D 64 -35.98 -27.55 -8.64
N GLU D 65 -36.95 -27.81 -9.51
CA GLU D 65 -36.98 -27.18 -10.83
C GLU D 65 -37.67 -25.81 -10.81
N PHE D 66 -37.17 -24.91 -11.66
CA PHE D 66 -37.85 -23.64 -11.94
C PHE D 66 -37.45 -23.14 -13.32
N ALA D 67 -38.27 -22.24 -13.86
CA ALA D 67 -38.04 -21.63 -15.16
C ALA D 67 -37.26 -20.35 -14.93
N MET D 68 -35.98 -20.39 -15.27
CA MET D 68 -35.08 -19.24 -15.11
C MET D 68 -35.04 -18.39 -16.38
N GLY D 69 -35.23 -17.08 -16.22
CA GLY D 69 -35.11 -16.17 -17.33
C GLY D 69 -36.31 -15.25 -17.49
N ASP D 70 -36.28 -14.42 -18.53
CA ASP D 70 -37.31 -13.40 -18.72
C ASP D 70 -38.48 -13.92 -19.52
N ALA D 71 -39.54 -14.25 -18.79
CA ALA D 71 -40.79 -14.73 -19.33
C ALA D 71 -41.51 -13.73 -20.25
N PHE D 72 -41.05 -12.48 -20.26
CA PHE D 72 -41.77 -11.39 -20.93
C PHE D 72 -41.04 -10.76 -22.13
N GLY D 73 -39.73 -10.93 -22.16
CA GLY D 73 -38.89 -10.42 -23.25
C GLY D 73 -38.79 -8.90 -23.26
N GLU D 74 -38.67 -8.30 -22.08
CA GLU D 74 -38.66 -6.84 -21.98
C GLU D 74 -37.30 -6.27 -21.62
N GLY D 75 -36.28 -7.13 -21.54
CA GLY D 75 -34.91 -6.68 -21.30
C GLY D 75 -34.26 -6.38 -22.64
N TYR D 76 -32.93 -6.26 -22.65
CA TYR D 76 -32.25 -5.97 -23.92
C TYR D 76 -31.19 -7.01 -24.29
N PRO D 77 -31.00 -7.25 -25.60
CA PRO D 77 -30.19 -8.36 -26.08
C PRO D 77 -28.95 -8.63 -25.24
N ALA D 78 -28.11 -7.59 -25.06
CA ALA D 78 -26.82 -7.72 -24.41
C ALA D 78 -26.89 -8.25 -22.99
N ASP D 79 -28.04 -8.08 -22.33
CA ASP D 79 -28.22 -8.64 -20.99
C ASP D 79 -28.40 -10.17 -20.97
N GLY D 80 -28.82 -10.72 -22.10
CA GLY D 80 -28.91 -12.17 -22.27
C GLY D 80 -29.83 -12.82 -21.25
N GLU D 81 -30.99 -12.21 -21.07
CA GLU D 81 -31.99 -12.68 -20.12
C GLU D 81 -32.87 -13.80 -20.71
N THR D 82 -32.69 -14.08 -22.00
CA THR D 82 -33.32 -15.22 -22.65
C THR D 82 -32.24 -16.18 -23.18
N PRO D 83 -32.59 -17.45 -23.45
CA PRO D 83 -33.91 -18.06 -23.28
C PRO D 83 -34.28 -18.42 -21.84
N VAL D 84 -35.57 -18.39 -21.54
CA VAL D 84 -36.11 -19.01 -20.34
C VAL D 84 -35.68 -20.48 -20.41
N HIS D 85 -35.12 -20.97 -19.32
CA HIS D 85 -34.60 -22.33 -19.29
C HIS D 85 -34.84 -22.98 -17.95
N THR D 86 -35.13 -24.27 -17.98
CA THR D 86 -35.35 -25.07 -16.77
C THR D 86 -34.03 -25.34 -16.07
N VAL D 87 -33.97 -24.95 -14.80
CA VAL D 87 -32.80 -25.19 -13.97
C VAL D 87 -33.27 -26.02 -12.80
N ARG D 88 -32.47 -27.02 -12.43
CA ARG D 88 -32.75 -27.76 -11.22
C ARG D 88 -31.69 -27.49 -10.17
N LEU D 89 -32.16 -27.05 -9.01
CA LEU D 89 -31.29 -26.70 -7.89
C LEU D 89 -31.34 -27.76 -6.79
N ARG D 90 -30.18 -28.06 -6.23
CA ARG D 90 -30.09 -28.81 -4.98
C ARG D 90 -30.46 -27.87 -3.84
N PRO D 91 -30.90 -28.43 -2.69
CA PRO D 91 -31.18 -27.60 -1.52
C PRO D 91 -30.01 -26.69 -1.13
N PHE D 92 -30.33 -25.50 -0.66
CA PHE D 92 -29.32 -24.52 -0.27
C PHE D 92 -29.90 -23.55 0.75
N HIS D 93 -29.01 -22.78 1.37
CA HIS D 93 -29.40 -21.73 2.31
C HIS D 93 -29.12 -20.36 1.67
N ILE D 94 -29.95 -19.37 1.99
CA ILE D 94 -29.74 -18.01 1.50
C ILE D 94 -30.15 -16.99 2.56
N ASP D 95 -29.36 -15.92 2.68
CA ASP D 95 -29.62 -14.83 3.61
C ASP D 95 -31.03 -14.26 3.34
N GLU D 96 -31.80 -14.07 4.41
CA GLU D 96 -33.11 -13.42 4.29
C GLU D 96 -32.98 -11.94 3.90
N THR D 97 -31.88 -11.31 4.31
CA THR D 97 -31.60 -9.90 4.01
C THR D 97 -30.23 -9.74 3.34
N ALA D 98 -30.00 -8.58 2.74
CA ALA D 98 -28.65 -8.20 2.31
C ALA D 98 -27.81 -8.02 3.58
N VAL D 99 -26.49 -8.19 3.43
CA VAL D 99 -25.57 -8.03 4.56
C VAL D 99 -25.62 -6.57 5.02
N THR D 100 -25.89 -6.39 6.31
CA THR D 100 -26.07 -5.07 6.88
C THR D 100 -24.74 -4.43 7.25
N ASN D 101 -24.80 -3.12 7.52
CA ASN D 101 -23.66 -2.39 8.06
C ASN D 101 -23.13 -3.02 9.36
N ALA D 102 -24.03 -3.35 10.27
CA ALA D 102 -23.65 -3.90 11.55
C ALA D 102 -22.85 -5.18 11.38
N ARG D 103 -23.34 -6.09 10.53
CA ARG D 103 -22.68 -7.37 10.33
C ARG D 103 -21.33 -7.25 9.63
N PHE D 104 -21.24 -6.39 8.63
CA PHE D 104 -19.98 -6.15 7.93
C PHE D 104 -18.92 -5.53 8.85
N ALA D 105 -19.36 -4.66 9.75
CA ALA D 105 -18.48 -4.03 10.74
C ALA D 105 -17.84 -5.05 11.68
N ALA D 106 -18.57 -6.13 11.99
CA ALA D 106 -18.02 -7.20 12.84
C ALA D 106 -16.91 -7.95 12.07
N PHE D 107 -17.16 -8.19 10.79
CA PHE D 107 -16.18 -8.79 9.87
C PHE D 107 -14.87 -7.99 9.78
N VAL D 108 -14.97 -6.68 9.59
CA VAL D 108 -13.77 -5.82 9.52
C VAL D 108 -13.05 -5.77 10.87
N LYS D 109 -13.82 -5.67 11.95
CA LYS D 109 -13.23 -5.63 13.30
C LYS D 109 -12.41 -6.88 13.58
N ALA D 110 -12.94 -8.03 13.19
CA ALA D 110 -12.30 -9.32 13.45
C ALA D 110 -11.08 -9.58 12.56
N THR D 111 -11.12 -9.08 11.32
CA THR D 111 -10.12 -9.46 10.30
C THR D 111 -9.14 -8.36 9.91
N GLY D 112 -9.51 -7.11 10.19
CA GLY D 112 -8.73 -5.95 9.73
C GLY D 112 -8.82 -5.73 8.23
N HIS D 113 -9.81 -6.37 7.59
CA HIS D 113 -10.04 -6.28 6.14
C HIS D 113 -10.11 -4.84 5.64
N VAL D 114 -9.34 -4.56 4.58
CA VAL D 114 -9.46 -3.27 3.89
C VAL D 114 -10.13 -3.45 2.53
N THR D 115 -11.25 -2.75 2.34
CA THR D 115 -12.04 -2.87 1.13
C THR D 115 -11.29 -2.32 -0.09
N ASP D 116 -11.71 -2.76 -1.27
CA ASP D 116 -11.11 -2.26 -2.51
C ASP D 116 -11.27 -0.74 -2.64
N ALA D 117 -12.40 -0.21 -2.16
CA ALA D 117 -12.63 1.24 -2.10
C ALA D 117 -11.53 1.99 -1.33
N GLU D 118 -11.14 1.48 -0.18
CA GLU D 118 -10.10 2.07 0.65
C GLU D 118 -8.71 1.98 0.03
N ARG D 119 -8.45 0.89 -0.69
CA ARG D 119 -7.19 0.72 -1.40
C ARG D 119 -7.14 1.72 -2.55
N PHE D 120 -8.21 1.76 -3.32
CA PHE D 120 -8.33 2.64 -4.47
C PHE D 120 -8.30 4.11 -4.05
N GLY D 121 -8.85 4.40 -2.87
CA GLY D 121 -8.84 5.74 -2.31
C GLY D 121 -10.10 6.53 -2.56
N SER D 122 -10.98 6.01 -3.41
CA SER D 122 -12.28 6.65 -3.71
C SER D 122 -13.33 5.62 -4.11
N SER D 123 -14.58 6.05 -4.16
CA SER D 123 -15.69 5.21 -4.63
C SER D 123 -16.81 6.08 -5.17
N ALA D 124 -17.73 5.45 -5.91
CA ALA D 124 -18.79 6.15 -6.62
C ALA D 124 -19.99 6.46 -5.72
N VAL D 125 -20.32 7.75 -5.64
CA VAL D 125 -21.46 8.24 -4.87
C VAL D 125 -22.41 8.99 -5.80
N PHE D 126 -23.71 8.69 -5.70
CA PHE D 126 -24.71 9.39 -6.50
C PHE D 126 -24.74 10.89 -6.17
N HIS D 127 -24.74 11.73 -7.21
CA HIS D 127 -24.56 13.18 -7.04
C HIS D 127 -25.42 13.86 -5.95
N LEU D 128 -26.68 13.45 -5.82
CA LEU D 128 -27.61 14.13 -4.91
C LEU D 128 -27.27 13.95 -3.43
N VAL D 129 -26.53 12.89 -3.11
CA VAL D 129 -26.29 12.56 -1.70
C VAL D 129 -24.86 12.81 -1.22
N VAL D 130 -24.01 13.33 -2.10
CA VAL D 130 -22.60 13.58 -1.75
C VAL D 130 -22.48 14.48 -0.52
N ALA D 131 -21.72 14.00 0.47
CA ALA D 131 -21.45 14.72 1.71
C ALA D 131 -19.94 14.79 1.88
N ALA D 132 -19.33 15.71 1.15
CA ALA D 132 -17.87 15.76 1.04
C ALA D 132 -17.39 17.17 0.77
N PRO D 133 -16.16 17.51 1.23
CA PRO D 133 -15.56 18.77 0.81
C PRO D 133 -15.35 18.75 -0.70
N ASP D 134 -15.19 19.93 -1.27
CA ASP D 134 -14.94 20.07 -2.72
C ASP D 134 -13.67 19.35 -3.13
N ALA D 135 -12.65 19.45 -2.28
CA ALA D 135 -11.37 18.79 -2.48
C ALA D 135 -11.49 17.29 -2.78
N ASP D 136 -12.46 16.64 -2.13
CA ASP D 136 -12.63 15.20 -2.24
C ASP D 136 -13.46 14.77 -3.43
N VAL D 137 -14.06 15.74 -4.14
CA VAL D 137 -14.76 15.42 -5.38
C VAL D 137 -13.70 15.34 -6.46
N LEU D 138 -13.52 14.14 -7.02
CA LEU D 138 -12.46 13.92 -8.00
C LEU D 138 -12.95 14.18 -9.42
N GLY D 139 -14.25 14.02 -9.62
CA GLY D 139 -14.86 14.07 -10.93
C GLY D 139 -16.09 13.18 -10.94
N SER D 140 -16.61 12.90 -12.12
CA SER D 140 -17.78 12.02 -12.26
C SER D 140 -17.53 11.00 -13.36
N ALA D 141 -18.26 9.89 -13.31
CA ALA D 141 -18.14 8.85 -14.34
C ALA D 141 -18.48 9.40 -15.72
N ALA D 142 -17.65 9.11 -16.71
CA ALA D 142 -17.74 9.74 -18.03
C ALA D 142 -19.07 9.44 -18.77
N GLY D 143 -19.50 8.19 -18.72
CA GLY D 143 -20.75 7.80 -19.39
C GLY D 143 -21.99 8.05 -18.55
N ALA D 144 -21.80 8.23 -17.25
CA ALA D 144 -22.89 8.41 -16.29
C ALA D 144 -22.54 9.53 -15.30
N PRO D 145 -22.78 10.80 -15.69
CA PRO D 145 -22.30 11.93 -14.88
C PRO D 145 -23.00 12.14 -13.52
N TRP D 146 -24.06 11.41 -13.26
CA TRP D 146 -24.72 11.44 -11.94
C TRP D 146 -23.92 10.66 -10.88
N TRP D 147 -22.95 9.86 -11.32
CA TRP D 147 -22.06 9.15 -10.42
C TRP D 147 -20.80 9.94 -10.19
N ILE D 148 -20.55 10.31 -8.94
CA ILE D 148 -19.41 11.14 -8.58
C ILE D 148 -18.34 10.28 -7.90
N ASN D 149 -17.10 10.43 -8.34
CA ASN D 149 -15.97 9.78 -7.68
C ASN D 149 -15.53 10.59 -6.48
N VAL D 150 -15.74 10.04 -5.29
CA VAL D 150 -15.49 10.76 -4.04
C VAL D 150 -14.35 10.13 -3.22
N ARG D 151 -13.30 10.90 -2.99
CA ARG D 151 -12.18 10.47 -2.15
C ARG D 151 -12.66 10.15 -0.74
N GLY D 152 -12.27 9.00 -0.22
CA GLY D 152 -12.60 8.62 1.15
C GLY D 152 -13.99 8.04 1.34
N ALA D 153 -14.77 7.99 0.25
CA ALA D 153 -16.06 7.31 0.30
C ALA D 153 -15.83 5.80 0.32
N HIS D 154 -16.37 5.15 1.34
CA HIS D 154 -16.26 3.71 1.52
C HIS D 154 -17.39 3.27 2.43
N TRP D 155 -17.42 2.00 2.81
CA TRP D 155 -18.54 1.45 3.58
C TRP D 155 -18.90 2.25 4.85
N ARG D 156 -17.90 2.70 5.62
CA ARG D 156 -18.13 3.47 6.84
C ARG D 156 -18.68 4.87 6.57
N ARG D 157 -18.32 5.42 5.41
CA ARG D 157 -18.67 6.79 5.04
C ARG D 157 -19.18 6.81 3.59
N PRO D 158 -20.42 6.31 3.39
CA PRO D 158 -20.95 5.98 2.06
C PRO D 158 -21.24 7.17 1.13
N GLU D 159 -21.20 8.38 1.68
CA GLU D 159 -21.47 9.58 0.90
C GLU D 159 -20.28 10.52 0.86
N GLY D 160 -19.22 10.17 1.59
CA GLY D 160 -18.02 11.00 1.69
C GLY D 160 -17.63 11.19 3.13
N ALA D 161 -16.53 11.92 3.35
CA ALA D 161 -15.95 12.12 4.69
C ALA D 161 -16.89 12.78 5.72
N ARG D 162 -17.91 13.46 5.23
CA ARG D 162 -18.87 14.15 6.09
C ARG D 162 -20.13 13.32 6.26
N SER D 163 -19.99 12.00 6.21
CA SER D 163 -21.11 11.08 6.46
C SER D 163 -20.64 9.93 7.34
N ASP D 164 -21.61 9.22 7.92
CA ASP D 164 -21.32 8.05 8.72
C ASP D 164 -22.50 7.10 8.75
N ILE D 165 -22.30 5.90 9.29
CA ILE D 165 -23.34 4.87 9.30
C ILE D 165 -23.85 4.58 10.71
N THR D 166 -23.58 5.49 11.64
CA THR D 166 -23.95 5.31 13.03
C THR D 166 -25.46 5.16 13.22
N GLY D 167 -26.24 5.82 12.36
CA GLY D 167 -27.70 5.72 12.40
C GLY D 167 -28.27 4.72 11.40
N ARG D 168 -27.39 3.96 10.76
CA ARG D 168 -27.80 3.00 9.75
C ARG D 168 -27.19 1.59 9.93
N PRO D 169 -27.26 1.03 11.16
CA PRO D 169 -26.66 -0.28 11.38
C PRO D 169 -27.36 -1.38 10.59
N ASN D 170 -28.67 -1.21 10.38
CA ASN D 170 -29.46 -2.20 9.67
C ASN D 170 -29.78 -1.87 8.21
N HIS D 171 -29.06 -0.89 7.66
CA HIS D 171 -29.02 -0.68 6.22
C HIS D 171 -28.02 -1.66 5.58
N PRO D 172 -28.19 -1.97 4.28
CA PRO D 172 -27.21 -2.85 3.63
C PRO D 172 -25.87 -2.13 3.48
N VAL D 173 -24.78 -2.86 3.71
CA VAL D 173 -23.44 -2.33 3.49
C VAL D 173 -23.27 -2.04 1.98
N VAL D 174 -22.67 -0.90 1.66
CA VAL D 174 -22.38 -0.55 0.26
C VAL D 174 -20.90 -0.21 0.11
N HIS D 175 -20.49 0.16 -1.11
CA HIS D 175 -19.07 0.36 -1.44
C HIS D 175 -18.26 -0.90 -1.16
N VAL D 176 -18.85 -2.05 -1.47
CA VAL D 176 -18.22 -3.33 -1.27
C VAL D 176 -18.06 -4.00 -2.63
N SER D 177 -16.84 -4.39 -2.95
CA SER D 177 -16.56 -5.05 -4.21
C SER D 177 -16.95 -6.51 -4.15
N TRP D 178 -16.88 -7.19 -5.29
CA TRP D 178 -17.08 -8.63 -5.35
C TRP D 178 -16.08 -9.32 -4.43
N ASN D 179 -14.87 -8.77 -4.38
CA ASN D 179 -13.79 -9.31 -3.56
C ASN D 179 -14.10 -9.18 -2.06
N ASP D 180 -14.65 -8.02 -1.68
CA ASP D 180 -15.05 -7.75 -0.30
C ASP D 180 -16.20 -8.67 0.13
N ALA D 181 -17.17 -8.83 -0.78
CA ALA D 181 -18.33 -9.70 -0.60
C ALA D 181 -17.89 -11.17 -0.41
N THR D 182 -17.08 -11.67 -1.34
CA THR D 182 -16.48 -13.00 -1.26
C THR D 182 -15.71 -13.19 0.06
N ALA D 183 -14.89 -12.21 0.42
CA ALA D 183 -14.12 -12.26 1.67
C ALA D 183 -14.99 -12.26 2.93
N TYR D 184 -16.08 -11.46 2.91
CA TYR D 184 -17.00 -11.44 4.04
C TYR D 184 -17.63 -12.80 4.27
N ALA D 185 -18.16 -13.37 3.18
CA ALA D 185 -18.86 -14.65 3.19
C ALA D 185 -17.96 -15.75 3.72
N ARG D 186 -16.76 -15.83 3.14
CA ARG D 186 -15.73 -16.75 3.62
C ARG D 186 -15.62 -16.70 5.14
N TRP D 187 -15.36 -15.51 5.67
CA TRP D 187 -15.21 -15.31 7.11
C TRP D 187 -16.48 -15.70 7.89
N ALA D 188 -17.64 -15.39 7.31
CA ALA D 188 -18.93 -15.60 7.98
C ALA D 188 -19.39 -17.06 8.00
N GLY D 189 -18.62 -17.94 7.34
CA GLY D 189 -18.96 -19.35 7.24
C GLY D 189 -19.97 -19.59 6.14
N LYS D 190 -19.95 -18.71 5.13
CA LYS D 190 -20.92 -18.74 4.05
C LYS D 190 -20.24 -18.60 2.68
N ARG D 191 -21.05 -18.35 1.66
CA ARG D 191 -20.56 -18.10 0.32
C ARG D 191 -21.53 -17.14 -0.33
N LEU D 192 -21.22 -16.73 -1.56
CA LEU D 192 -22.17 -15.97 -2.35
C LEU D 192 -23.10 -16.95 -3.07
N PRO D 193 -24.35 -16.53 -3.35
CA PRO D 193 -25.23 -17.36 -4.14
C PRO D 193 -24.80 -17.38 -5.59
N THR D 194 -25.12 -18.45 -6.31
CA THR D 194 -25.02 -18.43 -7.76
C THR D 194 -26.16 -17.56 -8.28
N GLU D 195 -26.06 -17.14 -9.54
CA GLU D 195 -27.15 -16.42 -10.18
C GLU D 195 -28.46 -17.23 -10.19
N ALA D 196 -28.37 -18.53 -10.48
CA ALA D 196 -29.56 -19.39 -10.51
C ALA D 196 -30.27 -19.46 -9.16
N GLU D 197 -29.48 -19.60 -8.09
CA GLU D 197 -29.99 -19.62 -6.72
C GLU D 197 -30.65 -18.30 -6.38
N TRP D 198 -30.02 -17.21 -6.81
CA TRP D 198 -30.54 -15.88 -6.52
C TRP D 198 -31.92 -15.68 -7.12
N GLU D 199 -32.07 -15.94 -8.42
CA GLU D 199 -33.37 -15.79 -9.08
C GLU D 199 -34.45 -16.72 -8.51
N TYR D 200 -34.12 -18.00 -8.31
CA TYR D 200 -35.05 -18.94 -7.69
C TYR D 200 -35.56 -18.41 -6.35
N ALA D 201 -34.63 -17.96 -5.52
CA ALA D 201 -34.96 -17.46 -4.18
C ALA D 201 -35.78 -16.17 -4.25
N ALA D 202 -35.38 -15.27 -5.14
CA ALA D 202 -36.09 -14.00 -5.37
C ALA D 202 -37.51 -14.20 -5.92
N ARG D 203 -37.73 -15.20 -6.75
CA ARG D 203 -39.05 -15.45 -7.34
C ARG D 203 -40.10 -15.84 -6.28
N GLY D 204 -39.61 -16.31 -5.13
CA GLY D 204 -40.46 -16.54 -3.96
C GLY D 204 -41.46 -17.65 -4.15
N GLY D 205 -41.10 -18.64 -4.97
CA GLY D 205 -41.98 -19.79 -5.20
C GLY D 205 -43.06 -19.56 -6.24
N LEU D 206 -43.14 -18.35 -6.77
CA LEU D 206 -44.05 -18.03 -7.86
C LEU D 206 -43.40 -18.33 -9.20
N ALA D 207 -44.21 -18.75 -10.17
CA ALA D 207 -43.71 -19.13 -11.49
C ALA D 207 -43.91 -18.02 -12.52
N GLY D 208 -42.86 -17.74 -13.29
CA GLY D 208 -42.91 -16.79 -14.41
C GLY D 208 -43.53 -15.43 -14.17
N ARG D 209 -43.37 -14.87 -12.97
CA ARG D 209 -43.85 -13.51 -12.70
C ARG D 209 -42.83 -12.46 -13.12
N ARG D 210 -43.30 -11.23 -13.33
CA ARG D 210 -42.40 -10.12 -13.65
C ARG D 210 -41.54 -9.73 -12.46
N TYR D 211 -42.15 -9.72 -11.26
CA TYR D 211 -41.43 -9.33 -10.05
C TYR D 211 -41.51 -10.43 -8.99
N ALA D 212 -40.76 -10.24 -7.92
CA ALA D 212 -40.75 -11.14 -6.75
C ALA D 212 -42.15 -11.48 -6.21
N TRP D 213 -43.06 -10.50 -6.25
CA TRP D 213 -44.43 -10.61 -5.70
C TRP D 213 -45.54 -10.82 -6.74
N GLY D 214 -45.19 -10.83 -8.04
CA GLY D 214 -46.20 -10.93 -9.09
C GLY D 214 -45.93 -9.99 -10.24
N ASP D 215 -46.96 -9.70 -11.04
CA ASP D 215 -46.78 -9.01 -12.31
C ASP D 215 -46.91 -7.49 -12.28
N GLU D 216 -47.62 -6.95 -11.29
CA GLU D 216 -47.77 -5.49 -11.17
C GLU D 216 -46.72 -4.88 -10.26
N LEU D 217 -46.17 -3.74 -10.66
CA LEU D 217 -45.12 -3.09 -9.88
C LEU D 217 -45.62 -2.59 -8.53
N THR D 218 -46.75 -1.90 -8.54
CA THR D 218 -47.36 -1.41 -7.31
C THR D 218 -48.77 -1.97 -7.20
N PRO D 219 -48.89 -3.21 -6.69
CA PRO D 219 -50.21 -3.80 -6.56
C PRO D 219 -51.01 -3.04 -5.50
N GLY D 220 -52.24 -2.66 -5.85
CA GLY D 220 -53.09 -1.85 -4.98
C GLY D 220 -52.56 -0.43 -4.79
N GLY D 221 -51.72 0.04 -5.72
CA GLY D 221 -51.16 1.39 -5.65
C GLY D 221 -50.08 1.57 -4.60
N ARG D 222 -49.68 0.47 -3.97
CA ARG D 222 -48.72 0.46 -2.87
C ARG D 222 -47.32 0.00 -3.32
N TRP D 223 -46.29 0.72 -2.86
CA TRP D 223 -44.89 0.39 -3.19
C TRP D 223 -44.38 -0.85 -2.46
N ARG D 224 -43.68 -1.72 -3.19
CA ARG D 224 -43.20 -3.00 -2.66
C ARG D 224 -41.68 -3.06 -2.58
N CYS D 225 -41.02 -2.02 -3.10
CA CYS D 225 -39.57 -1.99 -3.17
C CYS D 225 -39.04 -0.56 -3.22
N ASN D 226 -37.74 -0.43 -2.95
CA ASN D 226 -37.05 0.85 -2.97
C ASN D 226 -36.34 1.07 -4.32
N ILE D 227 -37.00 1.81 -5.22
CA ILE D 227 -36.42 2.24 -6.50
C ILE D 227 -36.51 3.78 -6.64
N TRP D 228 -36.48 4.31 -7.85
CA TRP D 228 -36.56 5.77 -8.05
C TRP D 228 -37.93 6.19 -8.54
N GLN D 229 -38.49 7.26 -7.99
CA GLN D 229 -39.66 7.93 -8.57
C GLN D 229 -39.32 9.39 -8.87
N GLY D 230 -39.89 9.92 -9.95
CA GLY D 230 -39.61 11.31 -10.36
C GLY D 230 -38.66 11.38 -11.55
N ARG D 231 -38.15 12.58 -11.82
CA ARG D 231 -37.27 12.78 -12.98
C ARG D 231 -35.81 12.47 -12.68
N PHE D 232 -35.40 11.25 -12.99
CA PHE D 232 -34.00 10.82 -12.85
C PHE D 232 -33.13 11.61 -13.84
N PRO D 233 -31.93 12.06 -13.40
CA PRO D 233 -31.28 11.88 -12.09
C PRO D 233 -31.44 13.07 -11.13
N HIS D 234 -32.36 13.99 -11.43
CA HIS D 234 -32.43 15.27 -10.72
C HIS D 234 -33.43 15.35 -9.55
N VAL D 235 -34.58 14.69 -9.69
CA VAL D 235 -35.61 14.73 -8.65
C VAL D 235 -36.07 13.30 -8.33
N ASN D 236 -35.89 12.92 -7.07
CA ASN D 236 -36.38 11.66 -6.56
C ASN D 236 -37.43 11.99 -5.49
N THR D 237 -38.69 11.75 -5.81
CA THR D 237 -39.81 12.17 -4.94
C THR D 237 -39.93 11.35 -3.65
N ALA D 238 -39.16 10.26 -3.56
CA ALA D 238 -39.21 9.32 -2.44
C ALA D 238 -40.63 8.86 -2.09
N GLU D 239 -41.44 8.65 -3.13
CA GLU D 239 -42.81 8.15 -2.98
C GLU D 239 -42.84 6.79 -2.30
N ASP D 240 -41.83 5.97 -2.58
CA ASP D 240 -41.72 4.63 -1.99
C ASP D 240 -41.17 4.66 -0.56
N GLY D 241 -40.82 5.86 -0.09
CA GLY D 241 -40.45 6.08 1.31
C GLY D 241 -38.98 6.34 1.52
N HIS D 242 -38.17 6.16 0.49
CA HIS D 242 -36.73 6.20 0.64
C HIS D 242 -36.09 6.83 -0.59
N LEU D 243 -35.24 7.83 -0.37
CA LEU D 243 -34.44 8.40 -1.43
C LEU D 243 -33.19 7.55 -1.63
N SER D 244 -32.52 7.23 -0.53
CA SER D 244 -31.27 6.47 -0.56
C SER D 244 -31.51 5.00 -0.18
N THR D 245 -30.54 4.36 0.46
CA THR D 245 -30.78 3.00 0.98
C THR D 245 -31.90 2.99 2.05
N ALA D 246 -32.53 1.83 2.18
CA ALA D 246 -33.54 1.57 3.22
C ALA D 246 -33.05 0.45 4.15
N PRO D 247 -33.60 0.38 5.37
CA PRO D 247 -33.31 -0.78 6.23
C PRO D 247 -33.59 -2.08 5.50
N VAL D 248 -32.76 -3.10 5.76
CA VAL D 248 -32.79 -4.36 5.01
C VAL D 248 -34.09 -5.15 5.12
N LYS D 249 -34.89 -4.87 6.14
CA LYS D 249 -36.21 -5.48 6.30
C LYS D 249 -37.38 -4.51 6.01
N SER D 250 -37.17 -3.56 5.10
CA SER D 250 -38.26 -2.69 4.65
C SER D 250 -39.23 -3.46 3.74
N TYR D 251 -40.45 -2.96 3.63
CA TYR D 251 -41.48 -3.56 2.79
C TYR D 251 -41.87 -4.96 3.30
N ARG D 252 -42.34 -5.83 2.42
CA ARG D 252 -42.78 -7.16 2.81
C ARG D 252 -41.79 -8.18 2.26
N PRO D 253 -41.59 -9.30 2.98
CA PRO D 253 -40.75 -10.36 2.42
C PRO D 253 -41.46 -11.05 1.26
N ASN D 254 -40.71 -11.78 0.43
CA ASN D 254 -41.36 -12.57 -0.60
C ASN D 254 -41.80 -13.95 -0.08
N GLY D 255 -42.37 -14.77 -0.96
CA GLY D 255 -42.87 -16.11 -0.57
C GLY D 255 -41.81 -17.07 -0.07
N HIS D 256 -40.56 -16.63 -0.04
CA HIS D 256 -39.47 -17.44 0.49
C HIS D 256 -38.86 -16.84 1.75
N GLY D 257 -39.44 -15.72 2.21
CA GLY D 257 -38.95 -15.01 3.39
C GLY D 257 -37.72 -14.15 3.14
N LEU D 258 -37.50 -13.77 1.88
CA LEU D 258 -36.43 -12.86 1.49
C LEU D 258 -36.95 -11.43 1.41
N TRP D 259 -36.19 -10.51 1.98
CA TRP D 259 -36.49 -9.09 1.94
C TRP D 259 -35.66 -8.33 0.91
N ASN D 260 -36.33 -7.49 0.12
CA ASN D 260 -35.66 -6.53 -0.79
C ASN D 260 -34.72 -7.12 -1.83
N THR D 261 -35.13 -8.24 -2.45
CA THR D 261 -34.42 -8.77 -3.61
C THR D 261 -34.60 -7.82 -4.80
N ALA D 262 -35.77 -7.18 -4.87
CA ALA D 262 -36.02 -6.09 -5.82
C ALA D 262 -35.64 -4.74 -5.20
N GLY D 263 -34.76 -4.02 -5.86
CA GLY D 263 -34.35 -2.68 -5.46
C GLY D 263 -33.52 -2.61 -4.18
N ASN D 264 -33.51 -1.41 -3.58
CA ASN D 264 -32.61 -1.08 -2.48
C ASN D 264 -31.14 -1.04 -2.94
N VAL D 265 -30.46 -2.20 -2.95
CA VAL D 265 -29.10 -2.26 -3.54
C VAL D 265 -28.95 -3.42 -4.53
N TRP D 266 -28.05 -3.26 -5.51
CA TRP D 266 -27.60 -4.38 -6.34
C TRP D 266 -26.93 -5.42 -5.44
N GLU D 267 -26.98 -6.68 -5.87
CA GLU D 267 -26.37 -7.74 -5.09
C GLU D 267 -25.45 -8.62 -5.94
N TRP D 268 -24.20 -8.72 -5.49
CA TRP D 268 -23.19 -9.58 -6.11
C TRP D 268 -23.57 -11.06 -6.05
N CYS D 269 -23.44 -11.76 -7.18
CA CYS D 269 -23.53 -13.23 -7.20
C CYS D 269 -22.16 -13.79 -7.57
N SER D 270 -21.97 -15.09 -7.37
CA SER D 270 -20.65 -15.72 -7.60
C SER D 270 -20.27 -15.86 -9.09
N ASP D 271 -21.27 -16.06 -9.95
CA ASP D 271 -21.07 -16.30 -11.38
C ASP D 271 -20.27 -15.21 -12.10
N TRP D 272 -19.46 -15.61 -13.07
CA TRP D 272 -19.02 -14.71 -14.11
C TRP D 272 -20.25 -14.42 -14.98
N PHE D 273 -20.39 -13.18 -15.46
CA PHE D 273 -21.45 -12.84 -16.39
C PHE D 273 -21.14 -13.23 -17.84
N SER D 274 -22.16 -13.76 -18.51
CA SER D 274 -22.13 -13.94 -19.98
C SER D 274 -23.55 -13.79 -20.52
N PRO D 275 -23.71 -13.06 -21.64
CA PRO D 275 -25.02 -12.91 -22.27
C PRO D 275 -25.46 -14.09 -23.14
N THR D 276 -24.60 -15.10 -23.28
CA THR D 276 -24.95 -16.31 -24.03
C THR D 276 -25.02 -17.55 -23.13
N TYR D 277 -24.99 -17.34 -21.81
CA TYR D 277 -24.93 -18.46 -20.87
C TYR D 277 -26.24 -19.22 -20.70
N TYR D 278 -27.35 -18.48 -20.64
CA TYR D 278 -28.68 -19.10 -20.55
C TYR D 278 -28.88 -20.17 -21.61
N ALA D 279 -28.48 -19.85 -22.85
CA ALA D 279 -28.61 -20.76 -23.99
C ALA D 279 -27.71 -22.00 -23.89
N GLU D 280 -26.68 -21.94 -23.04
CA GLU D 280 -25.74 -23.06 -22.93
C GLU D 280 -25.62 -23.61 -21.49
N SER D 281 -26.51 -23.16 -20.62
CA SER D 281 -26.49 -23.56 -19.22
C SER D 281 -26.77 -25.04 -19.03
N PRO D 282 -26.00 -25.71 -18.14
CA PRO D 282 -26.37 -27.05 -17.69
C PRO D 282 -27.68 -27.01 -16.91
N THR D 283 -28.34 -28.15 -16.80
CA THR D 283 -29.61 -28.23 -16.09
C THR D 283 -29.40 -28.16 -14.59
N VAL D 284 -28.41 -28.87 -14.08
CA VAL D 284 -28.21 -28.97 -12.64
C VAL D 284 -27.16 -27.98 -12.11
N ASP D 285 -27.54 -27.29 -11.02
CA ASP D 285 -26.68 -26.36 -10.28
C ASP D 285 -25.69 -25.56 -11.15
N PRO D 286 -26.20 -24.70 -12.05
CA PRO D 286 -25.32 -23.91 -12.92
C PRO D 286 -24.51 -22.89 -12.13
N HIS D 287 -23.25 -22.72 -12.50
CA HIS D 287 -22.36 -21.82 -11.78
C HIS D 287 -21.87 -20.65 -12.64
N GLY D 288 -22.35 -20.59 -13.87
CA GLY D 288 -21.91 -19.58 -14.82
C GLY D 288 -20.71 -20.06 -15.59
N PRO D 289 -20.26 -19.28 -16.59
CA PRO D 289 -19.10 -19.68 -17.39
C PRO D 289 -17.82 -19.75 -16.55
N GLY D 290 -16.82 -20.50 -17.03
CA GLY D 290 -15.56 -20.69 -16.31
C GLY D 290 -14.68 -19.46 -16.20
N THR D 291 -14.76 -18.59 -17.21
CA THR D 291 -13.97 -17.36 -17.23
C THR D 291 -14.85 -16.18 -17.59
N GLY D 292 -14.34 -14.97 -17.36
CA GLY D 292 -15.08 -13.76 -17.69
C GLY D 292 -14.30 -12.53 -17.30
N ALA D 293 -14.94 -11.37 -17.42
CA ALA D 293 -14.34 -10.11 -17.01
C ALA D 293 -15.18 -9.42 -15.95
N ALA D 294 -16.47 -9.74 -15.91
CA ALA D 294 -17.39 -9.10 -14.99
C ALA D 294 -18.23 -10.14 -14.29
N ARG D 295 -18.41 -9.97 -12.97
CA ARG D 295 -19.23 -10.85 -12.17
C ARG D 295 -20.68 -10.36 -12.16
N VAL D 296 -21.60 -11.31 -12.05
CA VAL D 296 -23.05 -11.07 -12.09
C VAL D 296 -23.54 -10.17 -10.94
N LEU D 297 -24.41 -9.22 -11.28
CA LEU D 297 -25.17 -8.40 -10.33
C LEU D 297 -26.66 -8.62 -10.53
N ARG D 298 -27.44 -8.62 -9.45
CA ARG D 298 -28.89 -8.83 -9.52
C ARG D 298 -29.65 -7.87 -8.61
N GLY D 299 -30.90 -7.54 -9.00
CA GLY D 299 -31.88 -6.92 -8.12
C GLY D 299 -32.29 -5.49 -8.38
N GLY D 300 -31.42 -4.70 -9.01
CA GLY D 300 -31.67 -3.26 -9.13
C GLY D 300 -31.46 -2.53 -7.81
N SER D 301 -31.63 -1.21 -7.82
CA SER D 301 -31.31 -0.40 -6.63
C SER D 301 -32.25 0.78 -6.45
N TYR D 302 -32.02 1.56 -5.39
CA TYR D 302 -32.83 2.74 -5.11
C TYR D 302 -32.72 3.80 -6.22
N LEU D 303 -31.84 3.56 -7.20
CA LEU D 303 -31.65 4.47 -8.32
C LEU D 303 -32.35 4.08 -9.62
N CYS D 304 -33.03 2.94 -9.64
N CYS D 304 -33.01 2.93 -9.63
CA CYS D 304 -33.62 2.42 -10.88
CA CYS D 304 -33.66 2.42 -10.86
C CYS D 304 -34.94 3.11 -11.22
C CYS D 304 -34.94 3.17 -11.21
N HIS D 305 -35.02 3.63 -12.45
CA HIS D 305 -36.22 4.29 -12.97
C HIS D 305 -36.48 3.89 -14.43
N ASP D 306 -37.76 3.67 -14.79
CA ASP D 306 -38.17 3.23 -16.14
C ASP D 306 -37.33 3.89 -17.22
N SER D 307 -37.27 5.21 -17.17
CA SER D 307 -36.65 6.04 -18.22
C SER D 307 -35.29 5.54 -18.69
N TYR D 308 -34.57 4.86 -17.81
CA TYR D 308 -33.23 4.39 -18.15
C TYR D 308 -32.92 2.96 -17.69
N CYS D 309 -33.72 2.43 -16.75
N CYS D 309 -33.67 2.48 -16.71
CA CYS D 309 -33.39 1.16 -16.06
CA CYS D 309 -33.51 1.11 -16.25
C CYS D 309 -34.60 0.41 -15.46
C CYS D 309 -34.85 0.49 -15.90
N ASN D 310 -34.84 -0.83 -15.91
CA ASN D 310 -35.98 -1.64 -15.46
C ASN D 310 -35.43 -2.85 -14.74
N ARG D 311 -34.28 -2.67 -14.08
CA ARG D 311 -33.51 -3.80 -13.57
C ARG D 311 -34.00 -4.38 -12.23
N TYR D 312 -35.16 -3.92 -11.75
CA TYR D 312 -35.77 -4.44 -10.52
C TYR D 312 -36.68 -5.64 -10.81
N ARG D 313 -36.98 -5.86 -12.10
CA ARG D 313 -37.64 -7.07 -12.57
C ARG D 313 -36.84 -8.28 -12.11
N VAL D 314 -37.53 -9.35 -11.68
CA VAL D 314 -36.88 -10.51 -11.08
C VAL D 314 -35.91 -11.23 -12.02
N ALA D 315 -36.16 -11.14 -13.31
CA ALA D 315 -35.30 -11.79 -14.30
C ALA D 315 -34.20 -10.88 -14.83
N ALA D 316 -34.18 -9.62 -14.39
CA ALA D 316 -33.16 -8.66 -14.83
C ALA D 316 -31.76 -9.04 -14.36
N ARG D 317 -30.78 -8.96 -15.25
CA ARG D 317 -29.39 -9.15 -14.82
C ARG D 317 -28.42 -8.10 -15.33
N SER D 318 -27.31 -7.99 -14.62
CA SER D 318 -26.28 -7.05 -14.92
C SER D 318 -24.97 -7.67 -14.44
N SER D 319 -23.91 -6.87 -14.49
CA SER D 319 -22.59 -7.31 -14.10
C SER D 319 -21.70 -6.10 -13.84
N ASN D 320 -20.46 -6.37 -13.42
CA ASN D 320 -19.52 -5.33 -13.01
C ASN D 320 -18.19 -6.00 -12.71
N THR D 321 -17.11 -5.28 -12.99
CA THR D 321 -15.75 -5.76 -12.70
C THR D 321 -15.60 -5.98 -11.19
N PRO D 322 -14.97 -7.12 -10.80
CA PRO D 322 -14.99 -7.56 -9.41
C PRO D 322 -14.35 -6.61 -8.38
N ASP D 323 -13.50 -5.68 -8.80
CA ASP D 323 -12.92 -4.72 -7.84
C ASP D 323 -13.72 -3.40 -7.69
N SER D 324 -14.86 -3.33 -8.39
CA SER D 324 -15.69 -2.12 -8.40
C SER D 324 -16.59 -1.99 -7.17
N SER D 325 -16.92 -0.75 -6.83
CA SER D 325 -17.78 -0.44 -5.70
C SER D 325 -18.56 0.85 -5.99
N SER D 326 -19.70 1.01 -5.31
CA SER D 326 -20.55 2.20 -5.43
C SER D 326 -21.55 2.22 -4.29
N GLY D 327 -22.26 3.33 -4.12
CA GLY D 327 -23.17 3.51 -2.99
C GLY D 327 -24.49 2.76 -3.09
N ASN D 328 -24.69 2.05 -4.20
CA ASN D 328 -25.94 1.30 -4.42
C ASN D 328 -25.72 -0.19 -4.69
N LEU D 329 -24.59 -0.70 -4.20
CA LEU D 329 -24.17 -2.05 -4.49
C LEU D 329 -23.68 -2.73 -3.21
N GLY D 330 -24.36 -3.82 -2.86
CA GLY D 330 -23.99 -4.65 -1.71
C GLY D 330 -24.07 -6.10 -2.12
N PHE D 331 -24.50 -6.96 -1.18
CA PHE D 331 -24.59 -8.39 -1.41
C PHE D 331 -25.43 -9.07 -0.31
N ARG D 332 -25.95 -10.27 -0.62
CA ARG D 332 -26.43 -11.21 0.40
C ARG D 332 -25.71 -12.56 0.24
N CYS D 333 -25.60 -13.30 1.34
CA CYS D 333 -24.85 -14.56 1.35
C CYS D 333 -25.73 -15.80 1.22
N ALA D 334 -25.07 -16.94 0.98
CA ALA D 334 -25.72 -18.21 0.77
C ALA D 334 -24.87 -19.34 1.38
N ASN D 335 -25.35 -20.58 1.23
CA ASN D 335 -24.63 -21.76 1.72
C ASN D 335 -25.15 -23.05 1.07
N ASP D 336 -24.25 -24.02 0.89
CA ASP D 336 -24.67 -25.37 0.55
C ASP D 336 -25.51 -25.92 1.70
N ALA D 337 -26.54 -26.70 1.35
CA ALA D 337 -27.26 -27.48 2.34
C ALA D 337 -26.66 -28.86 2.30
N ARG E 51 9.67 15.31 -33.21
CA ARG E 51 9.72 15.38 -34.70
C ARG E 51 9.66 16.85 -35.12
N PRO E 52 9.98 17.17 -36.40
CA PRO E 52 9.86 18.59 -36.76
C PRO E 52 8.40 19.00 -36.70
N ARG E 53 8.15 20.24 -36.26
CA ARG E 53 6.79 20.78 -36.11
C ARG E 53 6.03 20.71 -37.42
N SER E 54 4.76 20.32 -37.35
CA SER E 54 3.89 20.35 -38.52
C SER E 54 2.62 21.12 -38.18
N THR E 55 2.30 22.14 -38.97
CA THR E 55 1.05 22.86 -38.78
C THR E 55 0.04 22.52 -39.88
N ARG E 56 0.21 21.36 -40.50
CA ARG E 56 -0.68 20.85 -41.55
C ARG E 56 -2.12 20.77 -41.02
N GLY E 57 -3.06 21.39 -41.74
CA GLY E 57 -4.48 21.39 -41.36
C GLY E 57 -4.77 22.14 -40.05
N GLN E 58 -3.88 23.06 -39.70
CA GLN E 58 -3.99 23.78 -38.44
C GLN E 58 -4.17 25.26 -38.74
N VAL E 59 -4.92 25.94 -37.87
CA VAL E 59 -5.09 27.38 -37.95
C VAL E 59 -4.32 28.05 -36.81
N ARG E 60 -3.65 29.16 -37.13
CA ARG E 60 -2.91 29.91 -36.12
C ARG E 60 -3.82 30.94 -35.47
N LEU E 61 -3.98 30.81 -34.15
CA LEU E 61 -4.77 31.74 -33.35
C LEU E 61 -3.83 32.60 -32.48
N PRO E 62 -4.12 33.91 -32.38
CA PRO E 62 -3.26 34.83 -31.62
C PRO E 62 -3.37 34.71 -30.09
N GLY E 63 -4.42 34.08 -29.58
CA GLY E 63 -4.64 34.00 -28.13
C GLY E 63 -5.12 35.32 -27.54
N GLY E 64 -4.49 35.75 -26.45
CA GLY E 64 -4.95 36.91 -25.71
C GLY E 64 -5.84 36.51 -24.54
N GLU E 65 -6.60 37.46 -24.02
CA GLU E 65 -7.50 37.22 -22.90
C GLU E 65 -8.87 36.77 -23.38
N PHE E 66 -9.49 35.92 -22.57
CA PHE E 66 -10.88 35.53 -22.78
C PHE E 66 -11.48 35.06 -21.45
N ALA E 67 -12.81 35.14 -21.34
CA ALA E 67 -13.49 34.66 -20.16
C ALA E 67 -13.76 33.18 -20.30
N MET E 68 -13.11 32.38 -19.46
CA MET E 68 -13.27 30.94 -19.49
C MET E 68 -14.17 30.45 -18.36
N GLY E 69 -15.14 29.62 -18.72
CA GLY E 69 -16.11 29.12 -17.75
C GLY E 69 -17.54 29.32 -18.20
N ASP E 70 -18.46 28.74 -17.45
CA ASP E 70 -19.87 28.74 -17.80
C ASP E 70 -20.57 30.00 -17.28
N ALA E 71 -20.78 30.96 -18.18
CA ALA E 71 -21.46 32.21 -17.86
C ALA E 71 -22.93 32.06 -17.44
N PHE E 72 -23.45 30.83 -17.48
CA PHE E 72 -24.88 30.59 -17.25
C PHE E 72 -25.20 29.66 -16.06
N GLY E 73 -24.17 29.01 -15.52
CA GLY E 73 -24.36 28.04 -14.43
C GLY E 73 -25.28 26.88 -14.75
N GLU E 74 -25.03 26.22 -15.88
CA GLU E 74 -25.92 25.17 -16.39
C GLU E 74 -25.37 23.75 -16.26
N GLY E 75 -24.20 23.61 -15.64
CA GLY E 75 -23.60 22.29 -15.41
C GLY E 75 -23.82 21.74 -14.02
N TYR E 76 -23.39 20.49 -13.81
CA TYR E 76 -23.31 19.90 -12.48
C TYR E 76 -22.25 20.68 -11.67
N PRO E 77 -22.51 20.97 -10.39
CA PRO E 77 -21.46 21.44 -9.51
C PRO E 77 -20.15 20.63 -9.63
N ALA E 78 -20.26 19.31 -9.77
CA ALA E 78 -19.09 18.44 -9.79
C ALA E 78 -18.23 18.58 -11.07
N ASP E 79 -18.81 19.20 -12.10
CA ASP E 79 -18.10 19.52 -13.33
C ASP E 79 -17.02 20.59 -13.14
N GLY E 80 -17.24 21.54 -12.22
CA GLY E 80 -16.30 22.63 -11.99
C GLY E 80 -16.17 23.60 -13.16
N GLU E 81 -17.32 23.98 -13.74
CA GLU E 81 -17.37 24.90 -14.86
C GLU E 81 -17.35 26.37 -14.43
N THR E 82 -17.31 26.59 -13.12
CA THR E 82 -17.19 27.92 -12.52
C THR E 82 -16.06 27.95 -11.49
N PRO E 83 -15.52 29.15 -11.18
CA PRO E 83 -15.96 30.44 -11.71
C PRO E 83 -15.50 30.73 -13.15
N VAL E 84 -16.28 31.57 -13.82
CA VAL E 84 -15.79 32.24 -15.02
C VAL E 84 -14.54 32.98 -14.58
N HIS E 85 -13.44 32.75 -15.29
CA HIS E 85 -12.17 33.37 -14.95
C HIS E 85 -11.44 33.82 -16.21
N THR E 86 -10.68 34.90 -16.07
CA THR E 86 -9.92 35.46 -17.17
C THR E 86 -8.63 34.67 -17.37
N VAL E 87 -8.45 34.20 -18.59
CA VAL E 87 -7.27 33.44 -18.97
C VAL E 87 -6.58 34.17 -20.11
N ARG E 88 -5.26 34.30 -20.02
CA ARG E 88 -4.47 34.79 -21.14
C ARG E 88 -3.63 33.68 -21.78
N LEU E 89 -3.78 33.55 -23.09
CA LEU E 89 -3.07 32.56 -23.87
C LEU E 89 -2.10 33.19 -24.86
N ARG E 90 -0.97 32.52 -25.03
CA ARG E 90 -0.01 32.86 -26.06
C ARG E 90 -0.51 32.31 -27.41
N PRO E 91 0.03 32.85 -28.53
CA PRO E 91 -0.36 32.34 -29.85
C PRO E 91 -0.15 30.83 -29.96
N PHE E 92 -1.06 30.15 -30.65
CA PHE E 92 -0.95 28.70 -30.83
C PHE E 92 -1.64 28.27 -32.12
N HIS E 93 -1.34 27.06 -32.57
CA HIS E 93 -2.06 26.43 -33.67
C HIS E 93 -3.03 25.39 -33.14
N ILE E 94 -4.14 25.18 -33.85
CA ILE E 94 -5.06 24.11 -33.51
C ILE E 94 -5.67 23.53 -34.79
N ASP E 95 -5.78 22.20 -34.85
CA ASP E 95 -6.43 21.49 -35.95
C ASP E 95 -7.82 22.07 -36.25
N GLU E 96 -8.10 22.31 -37.53
CA GLU E 96 -9.43 22.80 -37.95
C GLU E 96 -10.53 21.72 -37.80
N THR E 97 -10.10 20.45 -37.77
CA THR E 97 -11.02 19.33 -37.60
C THR E 97 -10.46 18.31 -36.60
N ALA E 98 -11.33 17.45 -36.08
CA ALA E 98 -10.90 16.24 -35.40
C ALA E 98 -9.98 15.41 -36.31
N VAL E 99 -9.13 14.58 -35.72
CA VAL E 99 -8.24 13.71 -36.48
C VAL E 99 -9.06 12.60 -37.15
N THR E 100 -8.83 12.41 -38.46
CA THR E 100 -9.58 11.45 -39.26
C THR E 100 -9.00 10.03 -39.21
N ASN E 101 -9.85 9.07 -39.56
CA ASN E 101 -9.44 7.69 -39.83
C ASN E 101 -8.29 7.58 -40.81
N ALA E 102 -8.38 8.34 -41.90
CA ALA E 102 -7.32 8.35 -42.92
C ALA E 102 -5.98 8.74 -42.29
N ARG E 103 -5.99 9.81 -41.50
CA ARG E 103 -4.78 10.33 -40.89
C ARG E 103 -4.25 9.38 -39.82
N PHE E 104 -5.15 8.86 -38.99
CA PHE E 104 -4.77 7.91 -37.96
C PHE E 104 -4.23 6.61 -38.54
N ALA E 105 -4.74 6.20 -39.70
CA ALA E 105 -4.28 4.98 -40.38
C ALA E 105 -2.84 5.15 -40.87
N ALA E 106 -2.51 6.35 -41.34
CA ALA E 106 -1.14 6.67 -41.75
C ALA E 106 -0.20 6.62 -40.54
N PHE E 107 -0.66 7.13 -39.39
CA PHE E 107 0.09 7.03 -38.14
C PHE E 107 0.43 5.57 -37.76
N VAL E 108 -0.56 4.68 -37.84
CA VAL E 108 -0.37 3.28 -37.45
C VAL E 108 0.58 2.56 -38.44
N LYS E 109 0.38 2.80 -39.73
CA LYS E 109 1.23 2.21 -40.79
C LYS E 109 2.71 2.55 -40.56
N ALA E 110 2.98 3.78 -40.14
CA ALA E 110 4.33 4.27 -39.96
C ALA E 110 4.99 3.77 -38.67
N THR E 111 4.19 3.54 -37.64
CA THR E 111 4.71 3.32 -36.28
C THR E 111 4.49 1.90 -35.74
N GLY E 112 3.47 1.22 -36.24
CA GLY E 112 3.05 -0.07 -35.68
C GLY E 112 2.30 0.07 -34.35
N HIS E 113 1.81 1.27 -34.07
CA HIS E 113 1.11 1.59 -32.82
C HIS E 113 -0.10 0.69 -32.56
N VAL E 114 -0.14 0.13 -31.36
CA VAL E 114 -1.26 -0.69 -30.91
C VAL E 114 -2.06 0.15 -29.90
N THR E 115 -3.33 0.37 -30.21
CA THR E 115 -4.19 1.19 -29.35
C THR E 115 -4.53 0.48 -28.03
N ASP E 116 -4.97 1.26 -27.05
CA ASP E 116 -5.38 0.71 -25.76
C ASP E 116 -6.58 -0.24 -25.87
N ALA E 117 -7.48 0.02 -26.81
CA ALA E 117 -8.62 -0.86 -27.06
C ALA E 117 -8.19 -2.24 -27.55
N GLU E 118 -7.19 -2.27 -28.41
CA GLU E 118 -6.64 -3.53 -28.91
C GLU E 118 -5.87 -4.26 -27.81
N ARG E 119 -5.12 -3.51 -27.00
CA ARG E 119 -4.38 -4.08 -25.86
C ARG E 119 -5.33 -4.69 -24.83
N PHE E 120 -6.39 -3.96 -24.48
CA PHE E 120 -7.41 -4.42 -23.54
C PHE E 120 -8.31 -5.50 -24.14
N GLY E 121 -8.44 -5.50 -25.47
CA GLY E 121 -9.18 -6.54 -26.18
C GLY E 121 -10.64 -6.21 -26.50
N SER E 122 -11.13 -5.09 -25.98
CA SER E 122 -12.49 -4.64 -26.22
C SER E 122 -12.60 -3.13 -26.04
N SER E 123 -13.69 -2.55 -26.55
CA SER E 123 -13.97 -1.14 -26.32
C SER E 123 -15.49 -0.93 -26.20
N ALA E 124 -15.90 0.27 -25.80
CA ALA E 124 -17.31 0.60 -25.62
C ALA E 124 -18.00 1.02 -26.92
N VAL E 125 -19.08 0.29 -27.28
CA VAL E 125 -19.88 0.57 -28.49
C VAL E 125 -21.33 0.82 -28.09
N PHE E 126 -21.95 1.86 -28.65
CA PHE E 126 -23.34 2.17 -28.38
C PHE E 126 -24.23 1.02 -28.85
N HIS E 127 -25.16 0.61 -27.99
CA HIS E 127 -25.93 -0.64 -28.19
C HIS E 127 -26.63 -0.75 -29.54
N LEU E 128 -27.17 0.37 -30.03
CA LEU E 128 -27.97 0.36 -31.26
C LEU E 128 -27.15 0.07 -32.52
N VAL E 129 -25.85 0.33 -32.47
CA VAL E 129 -25.00 0.20 -33.65
C VAL E 129 -24.06 -1.01 -33.60
N VAL E 130 -24.19 -1.82 -32.55
CA VAL E 130 -23.33 -3.01 -32.42
C VAL E 130 -23.40 -3.91 -33.66
N ALA E 131 -22.24 -4.21 -34.23
CA ALA E 131 -22.09 -5.11 -35.37
C ALA E 131 -21.06 -6.20 -35.06
N ALA E 132 -21.48 -7.21 -34.31
CA ALA E 132 -20.56 -8.22 -33.79
C ALA E 132 -21.24 -9.58 -33.57
N PRO E 133 -20.47 -10.68 -33.68
CA PRO E 133 -21.01 -11.99 -33.29
C PRO E 133 -21.41 -12.02 -31.81
N ASP E 134 -22.46 -12.78 -31.51
CA ASP E 134 -23.00 -12.89 -30.16
C ASP E 134 -21.91 -13.08 -29.10
N ALA E 135 -20.92 -13.92 -29.41
CA ALA E 135 -19.85 -14.28 -28.47
C ALA E 135 -18.96 -13.11 -28.02
N ASP E 136 -18.88 -12.08 -28.86
CA ASP E 136 -18.01 -10.92 -28.59
C ASP E 136 -18.63 -9.91 -27.64
N VAL E 137 -19.94 -9.99 -27.42
CA VAL E 137 -20.61 -9.06 -26.52
C VAL E 137 -20.24 -9.45 -25.08
N LEU E 138 -19.30 -8.72 -24.49
CA LEU E 138 -18.82 -9.03 -23.14
C LEU E 138 -19.82 -8.69 -22.06
N GLY E 139 -20.73 -7.77 -22.38
CA GLY E 139 -21.71 -7.28 -21.44
C GLY E 139 -21.83 -5.79 -21.59
N SER E 140 -22.45 -5.17 -20.61
CA SER E 140 -22.84 -3.76 -20.67
C SER E 140 -22.16 -3.00 -19.55
N ALA E 141 -21.93 -1.71 -19.75
CA ALA E 141 -21.39 -0.85 -18.69
C ALA E 141 -22.44 -0.68 -17.61
N ALA E 142 -22.05 -0.95 -16.35
CA ALA E 142 -23.00 -1.04 -15.24
C ALA E 142 -23.71 0.27 -14.88
N GLY E 143 -23.08 1.40 -15.15
CA GLY E 143 -23.69 2.71 -14.89
C GLY E 143 -24.48 3.21 -16.08
N ALA E 144 -24.01 2.87 -17.28
CA ALA E 144 -24.63 3.34 -18.51
C ALA E 144 -24.91 2.15 -19.43
N PRO E 145 -26.05 1.47 -19.20
CA PRO E 145 -26.37 0.20 -19.88
C PRO E 145 -26.49 0.27 -21.41
N TRP E 146 -26.53 1.47 -21.98
CA TRP E 146 -26.55 1.65 -23.43
C TRP E 146 -25.15 1.50 -24.03
N TRP E 147 -24.14 1.51 -23.17
CA TRP E 147 -22.77 1.26 -23.55
C TRP E 147 -22.41 -0.21 -23.37
N ILE E 148 -22.10 -0.89 -24.46
CA ILE E 148 -21.77 -2.30 -24.36
C ILE E 148 -20.32 -2.62 -24.78
N ASN E 149 -19.71 -3.52 -24.00
CA ASN E 149 -18.30 -3.87 -24.17
C ASN E 149 -18.15 -4.92 -25.25
N VAL E 150 -17.66 -4.51 -26.41
CA VAL E 150 -17.56 -5.42 -27.56
C VAL E 150 -16.12 -5.81 -27.78
N ARG E 151 -15.84 -7.10 -27.64
CA ARG E 151 -14.50 -7.63 -27.94
C ARG E 151 -14.17 -7.38 -29.40
N GLY E 152 -12.98 -6.83 -29.64
CA GLY E 152 -12.50 -6.60 -31.02
C GLY E 152 -12.92 -5.25 -31.61
N ALA E 153 -13.74 -4.50 -30.87
CA ALA E 153 -14.12 -3.16 -31.30
C ALA E 153 -12.95 -2.23 -31.04
N HIS E 154 -12.56 -1.51 -32.09
CA HIS E 154 -11.42 -0.59 -32.03
C HIS E 154 -11.50 0.33 -33.25
N TRP E 155 -10.49 1.18 -33.43
CA TRP E 155 -10.53 2.22 -34.46
C TRP E 155 -10.88 1.71 -35.87
N ARG E 156 -10.30 0.57 -36.27
CA ARG E 156 -10.56 -0.03 -37.59
C ARG E 156 -11.97 -0.61 -37.75
N ARG E 157 -12.53 -1.07 -36.64
CA ARG E 157 -13.82 -1.76 -36.62
C ARG E 157 -14.66 -1.20 -35.47
N PRO E 158 -15.19 0.03 -35.65
CA PRO E 158 -15.75 0.80 -34.54
C PRO E 158 -17.06 0.27 -33.95
N GLU E 159 -17.66 -0.72 -34.60
CA GLU E 159 -18.92 -1.27 -34.12
C GLU E 159 -18.78 -2.75 -33.72
N GLY E 160 -17.58 -3.29 -33.89
CA GLY E 160 -17.30 -4.71 -33.68
C GLY E 160 -16.73 -5.35 -34.94
N ALA E 161 -16.49 -6.66 -34.87
CA ALA E 161 -15.82 -7.39 -35.95
C ALA E 161 -16.53 -7.33 -37.31
N ARG E 162 -17.85 -7.14 -37.31
CA ARG E 162 -18.61 -7.11 -38.56
C ARG E 162 -18.61 -5.74 -39.25
N SER E 163 -17.92 -4.77 -38.65
CA SER E 163 -17.85 -3.40 -39.21
C SER E 163 -16.48 -3.06 -39.79
N ASP E 164 -16.45 -2.04 -40.64
CA ASP E 164 -15.19 -1.47 -41.13
C ASP E 164 -15.33 0.03 -41.38
N ILE E 165 -14.24 0.66 -41.81
CA ILE E 165 -14.22 2.11 -42.03
C ILE E 165 -13.88 2.47 -43.48
N THR E 166 -14.15 1.54 -44.40
CA THR E 166 -13.78 1.76 -45.81
C THR E 166 -14.46 2.97 -46.43
N GLY E 167 -15.69 3.26 -45.98
CA GLY E 167 -16.43 4.42 -46.45
C GLY E 167 -16.49 5.57 -45.44
N ARG E 168 -15.58 5.55 -44.47
CA ARG E 168 -15.50 6.62 -43.46
C ARG E 168 -14.07 7.17 -43.31
N PRO E 169 -13.36 7.42 -44.43
CA PRO E 169 -12.01 7.97 -44.27
C PRO E 169 -11.98 9.37 -43.66
N ASN E 170 -13.05 10.14 -43.90
CA ASN E 170 -13.11 11.52 -43.44
C ASN E 170 -13.90 11.71 -42.15
N HIS E 171 -14.28 10.59 -41.53
CA HIS E 171 -14.91 10.58 -40.21
C HIS E 171 -13.85 10.68 -39.11
N PRO E 172 -14.22 11.21 -37.93
CA PRO E 172 -13.21 11.26 -36.89
C PRO E 172 -12.87 9.85 -36.43
N VAL E 173 -11.58 9.57 -36.26
CA VAL E 173 -11.17 8.32 -35.66
C VAL E 173 -11.75 8.26 -34.24
N VAL E 174 -12.25 7.07 -33.87
CA VAL E 174 -12.76 6.82 -32.51
C VAL E 174 -12.10 5.60 -31.89
N HIS E 175 -12.53 5.23 -30.68
CA HIS E 175 -11.89 4.17 -29.89
C HIS E 175 -10.40 4.41 -29.67
N VAL E 176 -10.04 5.69 -29.58
CA VAL E 176 -8.67 6.11 -29.26
C VAL E 176 -8.60 6.70 -27.85
N SER E 177 -7.65 6.21 -27.07
CA SER E 177 -7.44 6.70 -25.70
C SER E 177 -6.64 8.00 -25.71
N TRP E 178 -6.47 8.60 -24.52
CA TRP E 178 -5.57 9.73 -24.35
C TRP E 178 -4.13 9.37 -24.72
N ASN E 179 -3.72 8.15 -24.37
CA ASN E 179 -2.40 7.63 -24.73
C ASN E 179 -2.26 7.55 -26.23
N ASP E 180 -3.32 7.09 -26.89
CA ASP E 180 -3.36 6.97 -28.34
C ASP E 180 -3.34 8.36 -28.99
N ALA E 181 -4.13 9.28 -28.46
CA ALA E 181 -4.19 10.66 -28.95
C ALA E 181 -2.85 11.40 -28.84
N THR E 182 -2.15 11.20 -27.72
CA THR E 182 -0.86 11.87 -27.50
C THR E 182 0.25 11.25 -28.35
N ALA E 183 0.21 9.93 -28.52
CA ALA E 183 1.18 9.25 -29.38
C ALA E 183 1.00 9.67 -30.84
N TYR E 184 -0.25 9.79 -31.30
CA TYR E 184 -0.52 10.28 -32.66
C TYR E 184 0.11 11.66 -32.85
N ALA E 185 -0.17 12.56 -31.91
CA ALA E 185 0.29 13.93 -31.99
C ALA E 185 1.82 14.01 -32.11
N ARG E 186 2.53 13.29 -31.24
CA ARG E 186 3.99 13.21 -31.32
C ARG E 186 4.52 12.81 -32.71
N TRP E 187 3.96 11.76 -33.28
CA TRP E 187 4.32 11.33 -34.62
C TRP E 187 4.03 12.43 -35.65
N ALA E 188 2.90 13.10 -35.49
CA ALA E 188 2.45 14.12 -36.45
C ALA E 188 3.21 15.43 -36.34
N GLY E 189 4.12 15.55 -35.37
CA GLY E 189 4.83 16.80 -35.09
C GLY E 189 3.92 17.84 -34.46
N LYS E 190 3.06 17.37 -33.57
CA LYS E 190 2.02 18.17 -32.95
C LYS E 190 1.93 17.86 -31.45
N ARG E 191 0.87 18.35 -30.81
CA ARG E 191 0.54 18.04 -29.41
C ARG E 191 -0.99 18.16 -29.28
N LEU E 192 -1.53 17.80 -28.13
CA LEU E 192 -2.94 18.09 -27.84
C LEU E 192 -3.10 19.50 -27.30
N PRO E 193 -4.29 20.11 -27.51
CA PRO E 193 -4.56 21.42 -26.93
C PRO E 193 -4.76 21.28 -25.43
N THR E 194 -4.41 22.32 -24.69
CA THR E 194 -4.84 22.41 -23.30
C THR E 194 -6.34 22.68 -23.31
N GLU E 195 -6.98 22.50 -22.15
CA GLU E 195 -8.39 22.76 -22.04
C GLU E 195 -8.72 24.24 -22.36
N ALA E 196 -7.92 25.16 -21.81
CA ALA E 196 -8.09 26.59 -22.09
C ALA E 196 -7.95 26.91 -23.58
N GLU E 197 -6.95 26.33 -24.25
CA GLU E 197 -6.81 26.50 -25.70
C GLU E 197 -8.05 25.99 -26.43
N TRP E 198 -8.55 24.84 -25.98
CA TRP E 198 -9.71 24.22 -26.60
C TRP E 198 -10.94 25.14 -26.55
N GLU E 199 -11.26 25.66 -25.35
CA GLU E 199 -12.45 26.52 -25.17
C GLU E 199 -12.34 27.84 -25.91
N TYR E 200 -11.18 28.51 -25.79
CA TYR E 200 -10.90 29.71 -26.56
C TYR E 200 -11.11 29.49 -28.06
N ALA E 201 -10.50 28.42 -28.59
CA ALA E 201 -10.63 28.05 -29.99
C ALA E 201 -12.09 27.81 -30.38
N ALA E 202 -12.80 27.04 -29.54
CA ALA E 202 -14.21 26.71 -29.78
C ALA E 202 -15.15 27.91 -29.71
N ARG E 203 -14.87 28.86 -28.82
CA ARG E 203 -15.69 30.07 -28.71
C ARG E 203 -15.67 30.96 -29.97
N GLY E 204 -14.66 30.75 -30.83
CA GLY E 204 -14.64 31.34 -32.16
C GLY E 204 -14.56 32.85 -32.22
N GLY E 205 -14.03 33.46 -31.15
CA GLY E 205 -13.86 34.92 -31.12
C GLY E 205 -15.02 35.69 -30.52
N LEU E 206 -16.08 34.97 -30.13
CA LEU E 206 -17.23 35.57 -29.46
C LEU E 206 -17.08 35.42 -27.96
N ALA E 207 -17.59 36.39 -27.21
CA ALA E 207 -17.46 36.39 -25.74
C ALA E 207 -18.72 35.89 -25.04
N GLY E 208 -18.53 34.98 -24.08
CA GLY E 208 -19.58 34.53 -23.16
C GLY E 208 -20.83 33.93 -23.76
N ARG E 209 -20.71 33.29 -24.91
CA ARG E 209 -21.85 32.59 -25.52
C ARG E 209 -22.04 31.19 -24.92
N ARG E 210 -23.23 30.65 -25.11
CA ARG E 210 -23.57 29.29 -24.67
C ARG E 210 -22.92 28.25 -25.57
N TYR E 211 -22.92 28.50 -26.88
CA TYR E 211 -22.34 27.58 -27.87
C TYR E 211 -21.29 28.28 -28.72
N ALA E 212 -20.62 27.49 -29.56
CA ALA E 212 -19.58 27.99 -30.47
C ALA E 212 -20.04 29.15 -31.36
N TRP E 213 -21.31 29.11 -31.75
CA TRP E 213 -21.88 30.02 -32.75
C TRP E 213 -22.78 31.10 -32.15
N GLY E 214 -23.05 31.01 -30.85
CA GLY E 214 -23.98 31.92 -30.19
C GLY E 214 -24.77 31.24 -29.10
N ASP E 215 -25.93 31.80 -28.77
CA ASP E 215 -26.70 31.35 -27.61
C ASP E 215 -27.87 30.40 -27.92
N GLU E 216 -28.33 30.38 -29.17
CA GLU E 216 -29.41 29.47 -29.58
C GLU E 216 -28.85 28.18 -30.17
N LEU E 217 -29.42 27.05 -29.74
CA LEU E 217 -28.96 25.74 -30.18
C LEU E 217 -29.14 25.54 -31.69
N THR E 218 -30.35 25.85 -32.15
CA THR E 218 -30.69 25.77 -33.57
C THR E 218 -31.21 27.13 -34.05
N PRO E 219 -30.28 28.04 -34.41
CA PRO E 219 -30.70 29.37 -34.86
C PRO E 219 -31.37 29.26 -36.22
N GLY E 220 -32.51 29.93 -36.38
CA GLY E 220 -33.29 29.85 -37.61
C GLY E 220 -33.80 28.46 -37.94
N GLY E 221 -33.79 27.57 -36.94
CA GLY E 221 -34.33 26.21 -37.08
C GLY E 221 -33.34 25.19 -37.62
N ARG E 222 -32.13 25.64 -37.95
CA ARG E 222 -31.11 24.79 -38.58
C ARG E 222 -30.17 24.18 -37.57
N TRP E 223 -29.91 22.88 -37.70
CA TRP E 223 -28.93 22.21 -36.84
C TRP E 223 -27.51 22.60 -37.22
N ARG E 224 -26.69 22.88 -36.21
CA ARG E 224 -25.33 23.35 -36.44
C ARG E 224 -24.26 22.40 -35.89
N CYS E 225 -24.72 21.28 -35.32
CA CYS E 225 -23.84 20.26 -34.77
C CYS E 225 -24.51 18.86 -34.71
N ASN E 226 -23.69 17.83 -34.63
CA ASN E 226 -24.16 16.45 -34.56
C ASN E 226 -24.31 15.97 -33.12
N ILE E 227 -25.53 16.01 -32.61
CA ILE E 227 -25.84 15.44 -31.29
C ILE E 227 -27.01 14.42 -31.42
N TRP E 228 -27.81 14.26 -30.36
CA TRP E 228 -28.91 13.30 -30.37
C TRP E 228 -30.28 14.00 -30.29
N GLN E 229 -31.19 13.59 -31.16
CA GLN E 229 -32.60 14.01 -31.06
C GLN E 229 -33.49 12.79 -30.94
N GLY E 230 -34.62 12.94 -30.23
CA GLY E 230 -35.52 11.82 -29.95
C GLY E 230 -35.31 11.31 -28.54
N ARG E 231 -35.94 10.18 -28.23
CA ARG E 231 -35.91 9.60 -26.89
C ARG E 231 -34.70 8.68 -26.68
N PHE E 232 -33.64 9.24 -26.08
CA PHE E 232 -32.43 8.51 -25.70
C PHE E 232 -32.76 7.48 -24.62
N PRO E 233 -32.17 6.27 -24.70
CA PRO E 233 -31.21 5.77 -25.67
C PRO E 233 -31.80 4.88 -26.75
N HIS E 234 -33.09 5.05 -27.05
CA HIS E 234 -33.79 4.10 -27.91
C HIS E 234 -34.11 4.60 -29.31
N VAL E 235 -34.51 5.86 -29.43
CA VAL E 235 -34.87 6.40 -30.75
C VAL E 235 -34.10 7.67 -31.09
N ASN E 236 -33.35 7.61 -32.18
CA ASN E 236 -32.65 8.76 -32.76
C ASN E 236 -33.32 9.19 -34.08
N THR E 237 -33.86 10.40 -34.08
CA THR E 237 -34.63 10.89 -35.24
C THR E 237 -33.72 11.41 -36.36
N ALA E 238 -32.45 11.67 -36.01
CA ALA E 238 -31.44 12.20 -36.94
C ALA E 238 -31.91 13.49 -37.62
N GLU E 239 -32.48 14.39 -36.83
CA GLU E 239 -32.92 15.72 -37.31
C GLU E 239 -31.74 16.51 -37.83
N ASP E 240 -30.58 16.32 -37.20
CA ASP E 240 -29.37 17.03 -37.60
C ASP E 240 -28.65 16.37 -38.79
N GLY E 241 -29.22 15.28 -39.29
CA GLY E 241 -28.71 14.63 -40.50
C GLY E 241 -27.81 13.43 -40.29
N HIS E 242 -27.46 13.14 -39.03
CA HIS E 242 -26.54 12.04 -38.73
C HIS E 242 -26.93 11.26 -37.49
N LEU E 243 -27.03 9.94 -37.63
CA LEU E 243 -27.29 9.04 -36.50
C LEU E 243 -26.00 8.80 -35.73
N SER E 244 -24.97 8.36 -36.44
CA SER E 244 -23.66 8.09 -35.86
C SER E 244 -22.71 9.28 -36.09
N THR E 245 -21.41 9.02 -36.27
CA THR E 245 -20.44 10.09 -36.58
C THR E 245 -20.68 10.68 -37.97
N ALA E 246 -20.26 11.93 -38.14
CA ALA E 246 -20.39 12.63 -39.41
C ALA E 246 -18.99 12.93 -39.93
N PRO E 247 -18.84 13.17 -41.24
CA PRO E 247 -17.56 13.65 -41.76
C PRO E 247 -17.08 14.86 -40.95
N VAL E 248 -15.77 15.00 -40.80
CA VAL E 248 -15.20 16.02 -39.91
C VAL E 248 -15.47 17.47 -40.34
N LYS E 249 -15.78 17.68 -41.61
CA LYS E 249 -16.11 19.01 -42.11
C LYS E 249 -17.61 19.19 -42.34
N SER E 250 -18.41 18.48 -41.57
CA SER E 250 -19.87 18.66 -41.61
C SER E 250 -20.25 19.98 -40.95
N TYR E 251 -21.42 20.49 -41.33
CA TYR E 251 -21.94 21.77 -40.86
C TYR E 251 -21.00 22.95 -41.21
N ARG E 252 -20.97 23.97 -40.36
CA ARG E 252 -20.23 25.21 -40.62
C ARG E 252 -19.11 25.38 -39.59
N PRO E 253 -17.98 25.97 -40.00
CA PRO E 253 -16.93 26.22 -39.01
C PRO E 253 -17.29 27.41 -38.12
N ASN E 254 -16.72 27.47 -36.91
CA ASN E 254 -16.90 28.63 -36.04
C ASN E 254 -16.07 29.82 -36.54
N GLY E 255 -16.12 30.94 -35.82
CA GLY E 255 -15.38 32.15 -36.17
C GLY E 255 -13.86 31.98 -36.23
N HIS E 256 -13.34 30.90 -35.64
CA HIS E 256 -11.92 30.59 -35.74
C HIS E 256 -11.58 29.59 -36.84
N GLY E 257 -12.60 29.17 -37.59
CA GLY E 257 -12.42 28.22 -38.68
C GLY E 257 -12.30 26.78 -38.20
N LEU E 258 -12.82 26.48 -37.02
CA LEU E 258 -12.82 25.12 -36.47
C LEU E 258 -14.15 24.43 -36.70
N TRP E 259 -14.10 23.18 -37.15
CA TRP E 259 -15.30 22.39 -37.45
C TRP E 259 -15.62 21.42 -36.33
N ASN E 260 -16.90 21.36 -35.96
CA ASN E 260 -17.44 20.35 -35.05
C ASN E 260 -16.74 20.25 -33.70
N THR E 261 -16.51 21.40 -33.09
CA THR E 261 -16.06 21.46 -31.71
C THR E 261 -17.19 21.06 -30.75
N ALA E 262 -18.43 21.39 -31.15
CA ALA E 262 -19.64 20.94 -30.47
C ALA E 262 -20.11 19.65 -31.14
N GLY E 263 -20.31 18.62 -30.33
CA GLY E 263 -20.85 17.37 -30.82
C GLY E 263 -19.92 16.57 -31.72
N ASN E 264 -20.53 15.64 -32.47
CA ASN E 264 -19.84 14.64 -33.27
C ASN E 264 -19.11 13.63 -32.39
N VAL E 265 -17.91 13.97 -31.92
CA VAL E 265 -17.16 13.15 -30.96
C VAL E 265 -16.56 14.00 -29.84
N TRP E 266 -16.46 13.41 -28.64
CA TRP E 266 -15.67 13.99 -27.54
C TRP E 266 -14.23 14.17 -28.00
N GLU E 267 -13.51 15.10 -27.39
CA GLU E 267 -12.15 15.41 -27.82
C GLU E 267 -11.22 15.51 -26.63
N TRP E 268 -10.21 14.65 -26.61
CA TRP E 268 -9.20 14.63 -25.56
C TRP E 268 -8.41 15.94 -25.50
N CYS E 269 -8.22 16.47 -24.30
CA CYS E 269 -7.26 17.56 -24.05
C CYS E 269 -6.09 17.06 -23.18
N SER E 270 -5.03 17.87 -23.10
CA SER E 270 -3.83 17.50 -22.33
C SER E 270 -4.03 17.56 -20.81
N ASP E 271 -4.91 18.44 -20.33
CA ASP E 271 -5.07 18.69 -18.88
C ASP E 271 -5.56 17.48 -18.08
N TRP E 272 -5.00 17.31 -16.89
CA TRP E 272 -5.66 16.56 -15.83
C TRP E 272 -6.92 17.33 -15.45
N PHE E 273 -8.02 16.59 -15.22
CA PHE E 273 -9.25 17.21 -14.75
C PHE E 273 -9.21 17.46 -13.24
N SER E 274 -9.77 18.61 -12.86
CA SER E 274 -10.08 18.92 -11.48
C SER E 274 -11.30 19.85 -11.45
N PRO E 275 -12.27 19.58 -10.57
CA PRO E 275 -13.46 20.45 -10.41
C PRO E 275 -13.20 21.74 -9.63
N THR E 276 -12.01 21.88 -9.04
CA THR E 276 -11.67 23.13 -8.35
C THR E 276 -10.58 23.91 -9.06
N TYR E 277 -10.17 23.47 -10.25
CA TYR E 277 -9.04 24.10 -10.92
C TYR E 277 -9.31 25.55 -11.38
N TYR E 278 -10.53 25.82 -11.85
CA TYR E 278 -10.90 27.16 -12.30
C TYR E 278 -10.68 28.20 -11.20
N ALA E 279 -11.01 27.84 -9.96
CA ALA E 279 -10.81 28.73 -8.81
C ALA E 279 -9.34 28.95 -8.48
N GLU E 280 -8.48 28.04 -8.92
CA GLU E 280 -7.06 28.11 -8.60
C GLU E 280 -6.13 28.27 -9.82
N SER E 281 -6.72 28.54 -10.98
CA SER E 281 -5.96 28.61 -12.23
C SER E 281 -5.00 29.80 -12.25
N PRO E 282 -3.78 29.59 -12.77
CA PRO E 282 -2.97 30.76 -13.09
C PRO E 282 -3.59 31.53 -14.27
N THR E 283 -3.21 32.79 -14.42
CA THR E 283 -3.75 33.63 -15.48
C THR E 283 -3.24 33.21 -16.86
N VAL E 284 -1.94 32.94 -16.97
CA VAL E 284 -1.29 32.73 -18.28
C VAL E 284 -1.07 31.26 -18.61
N ASP E 285 -1.48 30.86 -19.82
CA ASP E 285 -1.39 29.49 -20.32
C ASP E 285 -1.60 28.40 -19.23
N PRO E 286 -2.81 28.32 -18.63
CA PRO E 286 -3.05 27.25 -17.66
C PRO E 286 -2.98 25.88 -18.33
N HIS E 287 -2.40 24.91 -17.64
CA HIS E 287 -2.20 23.54 -18.16
C HIS E 287 -2.96 22.49 -17.36
N GLY E 288 -3.65 22.90 -16.31
CA GLY E 288 -4.28 21.97 -15.40
C GLY E 288 -3.41 21.68 -14.19
N PRO E 289 -3.96 20.99 -13.18
CA PRO E 289 -3.17 20.61 -12.01
C PRO E 289 -2.09 19.60 -12.39
N GLY E 290 -1.08 19.46 -11.54
CA GLY E 290 0.09 18.63 -11.86
C GLY E 290 -0.23 17.15 -11.94
N THR E 291 -1.10 16.69 -11.04
CA THR E 291 -1.54 15.30 -10.99
C THR E 291 -3.06 15.20 -11.09
N GLY E 292 -3.53 13.95 -11.23
CA GLY E 292 -4.95 13.67 -11.41
C GLY E 292 -5.20 12.21 -11.74
N ALA E 293 -6.47 11.85 -11.86
CA ALA E 293 -6.86 10.48 -12.18
C ALA E 293 -7.47 10.38 -13.57
N ALA E 294 -8.13 11.46 -14.00
CA ALA E 294 -8.76 11.52 -15.32
C ALA E 294 -8.28 12.72 -16.12
N ARG E 295 -8.12 12.54 -17.44
CA ARG E 295 -7.77 13.63 -18.35
C ARG E 295 -9.03 14.28 -18.91
N VAL E 296 -8.92 15.56 -19.26
CA VAL E 296 -10.06 16.37 -19.71
C VAL E 296 -10.57 15.96 -21.10
N LEU E 297 -11.91 15.97 -21.23
CA LEU E 297 -12.60 15.77 -22.50
C LEU E 297 -13.45 16.99 -22.76
N ARG E 298 -13.59 17.39 -24.02
CA ARG E 298 -14.49 18.50 -24.32
C ARG E 298 -15.34 18.24 -25.55
N GLY E 299 -16.53 18.82 -25.57
CA GLY E 299 -17.27 18.96 -26.81
C GLY E 299 -18.63 18.31 -26.95
N GLY E 300 -18.83 17.19 -26.26
CA GLY E 300 -20.01 16.36 -26.50
C GLY E 300 -19.88 15.58 -27.80
N SER E 301 -20.87 14.74 -28.09
CA SER E 301 -20.78 13.82 -29.23
C SER E 301 -22.16 13.57 -29.83
N TYR E 302 -22.21 12.66 -30.80
CA TYR E 302 -23.45 12.32 -31.51
C TYR E 302 -24.51 11.69 -30.61
N LEU E 303 -24.12 11.39 -29.37
CA LEU E 303 -25.02 10.77 -28.38
C LEU E 303 -25.62 11.69 -27.31
N CYS E 304 -25.21 12.96 -27.29
N CYS E 304 -25.20 12.96 -27.30
CA CYS E 304 -25.67 13.90 -26.27
CA CYS E 304 -25.70 13.94 -26.32
C CYS E 304 -27.11 14.36 -26.50
C CYS E 304 -27.15 14.32 -26.54
N HIS E 305 -27.95 14.15 -25.50
CA HIS E 305 -29.36 14.57 -25.50
C HIS E 305 -29.72 15.24 -24.17
N ASP E 306 -30.40 16.39 -24.24
CA ASP E 306 -30.66 17.24 -23.05
C ASP E 306 -31.41 16.55 -21.90
N SER E 307 -31.96 15.37 -22.16
CA SER E 307 -32.56 14.57 -21.11
C SER E 307 -31.51 14.07 -20.11
N TYR E 308 -30.27 13.91 -20.58
CA TYR E 308 -29.22 13.31 -19.75
C TYR E 308 -27.87 13.99 -19.91
N CYS E 309 -27.73 14.85 -20.93
N CYS E 309 -27.77 14.84 -20.93
CA CYS E 309 -26.43 15.41 -21.30
CA CYS E 309 -26.53 15.48 -21.29
C CYS E 309 -26.52 16.73 -22.08
C CYS E 309 -26.81 16.86 -21.87
N ASN E 310 -25.91 17.78 -21.56
CA ASN E 310 -25.88 19.08 -22.24
C ASN E 310 -24.42 19.50 -22.48
N ARG E 311 -23.57 18.53 -22.78
CA ARG E 311 -22.13 18.75 -22.87
C ARG E 311 -21.67 19.29 -24.24
N TYR E 312 -22.63 19.67 -25.09
CA TYR E 312 -22.31 20.33 -26.36
C TYR E 312 -22.17 21.85 -26.17
N ARG E 313 -22.58 22.35 -25.01
CA ARG E 313 -22.27 23.73 -24.58
C ARG E 313 -20.75 23.98 -24.64
N VAL E 314 -20.34 25.18 -25.03
CA VAL E 314 -18.89 25.47 -25.15
C VAL E 314 -18.16 25.38 -23.82
N ALA E 315 -18.86 25.70 -22.72
CA ALA E 315 -18.24 25.72 -21.41
C ALA E 315 -18.28 24.36 -20.73
N ALA E 316 -19.02 23.41 -21.31
CA ALA E 316 -19.19 22.10 -20.72
C ALA E 316 -17.88 21.33 -20.65
N ARG E 317 -17.60 20.77 -19.48
CA ARG E 317 -16.41 19.96 -19.32
C ARG E 317 -16.69 18.58 -18.72
N SER E 318 -15.81 17.65 -19.06
CA SER E 318 -15.89 16.28 -18.59
C SER E 318 -14.49 15.68 -18.62
N SER E 319 -14.36 14.42 -18.21
CA SER E 319 -13.06 13.75 -18.09
C SER E 319 -13.18 12.24 -18.17
N ASN E 320 -12.05 11.56 -18.39
CA ASN E 320 -12.02 10.13 -18.47
C ASN E 320 -10.62 9.64 -18.13
N THR E 321 -10.51 8.43 -17.60
CA THR E 321 -9.21 7.85 -17.31
C THR E 321 -8.47 7.68 -18.64
N PRO E 322 -7.16 7.97 -18.65
CA PRO E 322 -6.43 8.11 -19.93
C PRO E 322 -6.34 6.88 -20.82
N ASP E 323 -6.54 5.68 -20.27
CA ASP E 323 -6.49 4.48 -21.12
C ASP E 323 -7.87 4.02 -21.62
N SER E 324 -8.86 4.88 -21.43
CA SER E 324 -10.25 4.58 -21.79
C SER E 324 -10.55 4.91 -23.24
N SER E 325 -11.50 4.19 -23.83
CA SER E 325 -11.85 4.36 -25.24
C SER E 325 -13.32 4.03 -25.47
N SER E 326 -13.91 4.68 -26.47
CA SER E 326 -15.32 4.50 -26.79
C SER E 326 -15.59 4.96 -28.21
N GLY E 327 -16.75 4.54 -28.73
CA GLY E 327 -17.16 4.85 -30.09
C GLY E 327 -17.52 6.31 -30.40
N ASN E 328 -17.62 7.14 -29.37
CA ASN E 328 -18.00 8.55 -29.51
C ASN E 328 -16.89 9.50 -29.07
N LEU E 329 -15.68 8.99 -28.96
CA LEU E 329 -14.56 9.75 -28.42
C LEU E 329 -13.34 9.74 -29.35
N GLY E 330 -12.91 10.94 -29.74
CA GLY E 330 -11.69 11.14 -30.53
C GLY E 330 -10.86 12.31 -30.02
N PHE E 331 -10.28 13.08 -30.94
CA PHE E 331 -9.40 14.22 -30.60
C PHE E 331 -9.02 15.09 -31.79
N ARG E 332 -8.59 16.31 -31.48
CA ARG E 332 -7.89 17.15 -32.46
C ARG E 332 -6.56 17.60 -31.86
N CYS E 333 -5.59 17.86 -32.71
CA CYS E 333 -4.25 18.25 -32.26
C CYS E 333 -4.07 19.76 -32.24
N ALA E 334 -2.96 20.21 -31.66
CA ALA E 334 -2.59 21.62 -31.56
C ALA E 334 -1.06 21.75 -31.62
N ASN E 335 -0.54 22.98 -31.46
CA ASN E 335 0.90 23.27 -31.51
C ASN E 335 1.16 24.66 -30.95
N ASP E 336 2.36 24.86 -30.38
CA ASP E 336 2.83 26.20 -30.02
C ASP E 336 3.02 27.01 -31.29
N ALA E 337 2.85 28.32 -31.18
CA ALA E 337 3.10 29.25 -32.28
C ALA E 337 4.06 30.31 -31.84
N ASP E 338 4.75 30.93 -32.80
CA ASP E 338 5.68 32.00 -32.52
C ASP E 338 5.03 33.39 -32.39
N LEU E 339 5.60 34.19 -31.49
CA LEU E 339 5.33 35.64 -31.32
C LEU E 339 4.20 36.26 -32.15
CA CA F . 33.80 -4.19 -17.17
CA CA G . 14.50 -6.58 30.58
CA CA H . 21.48 -5.65 15.37
CA CA I . -36.80 5.06 -3.42
CA CA J . -27.10 13.27 -34.68
#